data_6HQU
#
_entry.id   6HQU
#
_cell.length_a   114.403
_cell.length_b   75.473
_cell.length_c   114.792
_cell.angle_alpha   90.000
_cell.angle_beta   97.060
_cell.angle_gamma   90.000
#
_symmetry.space_group_name_H-M   'P 1 21 1'
#
loop_
_entity.id
_entity.type
_entity.pdbx_description
1 polymer 'DNA repair and recombination protein RadA'
2 polymer 'Breast cancer type 2 susceptibility'
3 non-polymer "ADENOSINE-5'-DIPHOSPHATE"
4 non-polymer 'MAGNESIUM ION'
5 water water
#
loop_
_entity_poly.entity_id
_entity_poly.type
_entity_poly.pdbx_seq_one_letter_code
_entity_poly.pdbx_strand_id
1 'polypeptide(L)'
;MATIGRISTGSKSLDKLLGGGIETQAITEVFGEFGSGKTQLAHTLAVMVQLPPEEGGLNGSAMYIDTENTFRPERLREIA
QNRGLDPDEVLDNVAYARAFNSNHQMQLLYQASAMMVESLNTDRPYKLLIVDSLTSHFRSEYIGRGALAERQQKLARFLR
MLHRLANEFDIAVFVTNQVQANGGHILAHSATLRVYLRKGKGGKRIARLIDAPHLPEGEAVFSITEKGIED
;
A,B,C,D,E,F,G,H
2 'polypeptide(L)' KLNVSTEALQKAVKLFSDIENISVNSSAFSGFSTASGK I,J,K,L,M,N,O
#
loop_
_chem_comp.id
_chem_comp.type
_chem_comp.name
_chem_comp.formula
ADP non-polymer ADENOSINE-5'-DIPHOSPHATE 'C10 H15 N5 O10 P2'
MG non-polymer 'MAGNESIUM ION' 'Mg 2'
#
# COMPACT_ATOMS: atom_id res chain seq x y z
N THR A 3 53.58 -14.17 -33.45
CA THR A 3 52.86 -15.39 -33.08
C THR A 3 51.49 -15.03 -32.56
N ILE A 4 50.63 -16.03 -32.37
CA ILE A 4 49.29 -15.78 -31.88
C ILE A 4 49.19 -16.12 -30.39
N GLY A 5 48.86 -15.11 -29.60
CA GLY A 5 48.73 -15.31 -28.17
C GLY A 5 47.33 -15.72 -27.82
N ARG A 6 47.15 -16.27 -26.63
CA ARG A 6 45.84 -16.71 -26.20
C ARG A 6 45.53 -16.31 -24.77
N ILE A 7 44.30 -15.86 -24.55
CA ILE A 7 43.87 -15.45 -23.24
C ILE A 7 42.81 -16.39 -22.69
N SER A 8 43.12 -17.00 -21.56
CA SER A 8 42.19 -17.90 -20.88
C SER A 8 40.89 -17.12 -20.48
N THR A 9 39.77 -17.83 -20.51
CA THR A 9 38.48 -17.28 -20.13
C THR A 9 38.21 -17.62 -18.66
N GLY A 10 39.09 -18.43 -18.09
CA GLY A 10 38.96 -18.87 -16.72
C GLY A 10 38.24 -20.21 -16.62
N SER A 11 37.71 -20.67 -17.75
CA SER A 11 36.99 -21.94 -17.81
C SER A 11 37.72 -22.93 -18.68
N LYS A 12 37.99 -24.11 -18.13
CA LYS A 12 38.68 -25.16 -18.86
C LYS A 12 37.86 -25.60 -20.07
N SER A 13 36.57 -25.75 -19.84
CA SER A 13 35.64 -26.17 -20.89
C SER A 13 35.55 -25.13 -22.00
N LEU A 14 35.45 -23.86 -21.64
CA LEU A 14 35.39 -22.77 -22.61
C LEU A 14 36.69 -22.63 -23.39
N ASP A 15 37.81 -22.76 -22.69
CA ASP A 15 39.12 -22.63 -23.32
C ASP A 15 39.32 -23.69 -24.38
N LYS A 16 38.83 -24.90 -24.11
CA LYS A 16 38.95 -26.02 -25.08
C LYS A 16 38.12 -25.79 -26.35
N LEU A 17 36.90 -25.26 -26.21
CA LEU A 17 36.03 -24.97 -27.34
C LEU A 17 36.74 -23.94 -28.27
N LEU A 18 37.46 -23.00 -27.65
CA LEU A 18 38.16 -21.93 -28.38
C LEU A 18 39.58 -22.25 -28.86
N GLY A 19 40.10 -23.42 -28.50
CA GLY A 19 41.43 -23.84 -28.89
C GLY A 19 42.53 -23.38 -27.94
N GLY A 20 42.17 -22.98 -26.73
CA GLY A 20 43.14 -22.51 -25.73
C GLY A 20 42.83 -21.17 -25.10
N GLY A 21 41.82 -20.48 -25.62
CA GLY A 21 41.44 -19.17 -25.10
C GLY A 21 41.22 -18.21 -26.25
N ILE A 22 40.80 -16.98 -25.96
CA ILE A 22 40.59 -16.03 -27.03
C ILE A 22 41.92 -15.65 -27.64
N GLU A 23 41.98 -15.63 -28.97
CA GLU A 23 43.17 -15.31 -29.71
C GLU A 23 43.43 -13.83 -29.94
N THR A 24 44.70 -13.51 -30.15
CA THR A 24 45.12 -12.16 -30.51
C THR A 24 45.03 -12.05 -32.04
N GLN A 25 45.20 -10.84 -32.56
CA GLN A 25 45.11 -10.58 -34.01
C GLN A 25 43.81 -11.16 -34.60
N ALA A 26 42.73 -11.07 -33.84
CA ALA A 26 41.44 -11.58 -34.25
C ALA A 26 40.38 -10.95 -33.39
N ILE A 27 39.17 -10.91 -33.92
CA ILE A 27 38.03 -10.38 -33.22
C ILE A 27 37.13 -11.52 -32.82
N THR A 28 36.86 -11.64 -31.53
CA THR A 28 35.98 -12.69 -31.06
C THR A 28 34.66 -12.03 -30.70
N GLU A 29 33.60 -12.55 -31.30
CA GLU A 29 32.26 -12.04 -31.11
C GLU A 29 31.45 -12.99 -30.26
N VAL A 30 30.75 -12.44 -29.28
CA VAL A 30 29.88 -13.25 -28.46
C VAL A 30 28.44 -12.79 -28.67
N PHE A 31 27.57 -13.76 -28.91
CA PHE A 31 26.16 -13.51 -29.13
C PHE A 31 25.35 -14.20 -28.06
N GLY A 32 24.34 -13.53 -27.55
CA GLY A 32 23.49 -14.13 -26.55
C GLY A 32 22.38 -13.22 -26.11
N GLU A 33 21.37 -13.78 -25.47
CA GLU A 33 20.27 -12.99 -24.95
C GLU A 33 20.67 -12.32 -23.63
N PHE A 34 19.81 -11.47 -23.11
CA PHE A 34 20.10 -10.78 -21.86
C PHE A 34 20.30 -11.80 -20.75
N GLY A 35 21.33 -11.58 -19.95
CA GLY A 35 21.67 -12.47 -18.86
C GLY A 35 22.48 -13.70 -19.23
N SER A 36 22.90 -13.80 -20.49
CA SER A 36 23.69 -14.96 -20.95
C SER A 36 25.14 -15.01 -20.47
N GLY A 37 25.64 -13.91 -19.92
CA GLY A 37 27.01 -13.89 -19.45
C GLY A 37 28.07 -13.20 -20.30
N LYS A 38 27.63 -12.43 -21.30
CA LYS A 38 28.57 -11.72 -22.15
C LYS A 38 29.41 -10.70 -21.38
N THR A 39 28.76 -9.92 -20.53
CA THR A 39 29.42 -8.93 -19.69
C THR A 39 30.34 -9.53 -18.64
N GLN A 40 29.91 -10.64 -18.04
CA GLN A 40 30.68 -11.32 -17.02
C GLN A 40 31.95 -11.90 -17.64
N LEU A 41 31.83 -12.43 -18.86
CA LEU A 41 32.98 -12.95 -19.58
C LEU A 41 33.93 -11.82 -19.95
N ALA A 42 33.41 -10.63 -20.28
CA ALA A 42 34.26 -9.46 -20.61
C ALA A 42 35.05 -9.01 -19.38
N HIS A 43 34.44 -9.07 -18.20
CA HIS A 43 35.11 -8.71 -16.96
C HIS A 43 36.20 -9.72 -16.61
N THR A 44 35.89 -11.00 -16.79
CA THR A 44 36.83 -12.08 -16.48
C THR A 44 38.09 -11.95 -17.33
N LEU A 45 37.90 -11.73 -18.63
CA LEU A 45 39.00 -11.56 -19.56
C LEU A 45 39.86 -10.34 -19.20
N ALA A 46 39.22 -9.25 -18.79
CA ALA A 46 39.97 -8.02 -18.42
C ALA A 46 40.93 -8.30 -17.27
N VAL A 47 40.67 -9.35 -16.51
CA VAL A 47 41.54 -9.76 -15.42
C VAL A 47 42.52 -10.81 -15.93
N MET A 48 41.99 -11.85 -16.59
CA MET A 48 42.85 -12.95 -17.11
C MET A 48 44.02 -12.47 -17.94
N VAL A 49 43.84 -11.47 -18.80
CA VAL A 49 44.91 -10.97 -19.67
C VAL A 49 46.16 -10.45 -18.96
N GLN A 50 45.97 -9.97 -17.74
CA GLN A 50 47.02 -9.41 -16.89
C GLN A 50 48.01 -10.43 -16.33
N LEU A 51 47.59 -11.70 -16.25
CA LEU A 51 48.38 -12.80 -15.74
C LEU A 51 49.55 -13.15 -16.63
N PRO A 52 50.66 -13.77 -16.08
CA PRO A 52 51.75 -14.25 -16.95
C PRO A 52 51.21 -15.32 -17.91
N PRO A 53 51.88 -15.63 -19.04
CA PRO A 53 51.34 -16.67 -19.95
C PRO A 53 51.20 -18.09 -19.36
N GLU A 54 51.91 -18.38 -18.26
CA GLU A 54 51.86 -19.66 -17.56
C GLU A 54 50.55 -19.81 -16.83
N GLU A 55 49.91 -18.69 -16.49
CA GLU A 55 48.63 -18.65 -15.79
C GLU A 55 47.46 -18.43 -16.76
N GLY A 56 47.78 -18.29 -18.05
CA GLY A 56 46.78 -18.08 -19.10
C GLY A 56 46.52 -16.63 -19.51
N GLY A 57 47.44 -15.74 -19.21
CA GLY A 57 47.36 -14.35 -19.61
C GLY A 57 48.43 -14.02 -20.62
N LEU A 58 48.66 -12.73 -20.81
CA LEU A 58 49.65 -12.23 -21.76
C LEU A 58 50.47 -11.10 -21.14
N ASN A 59 50.52 -11.01 -19.77
CA ASN A 59 51.25 -9.97 -19.02
C ASN A 59 50.87 -8.62 -19.58
N GLY A 60 49.60 -8.47 -19.91
CA GLY A 60 49.12 -7.24 -20.48
C GLY A 60 48.10 -6.48 -19.69
N SER A 61 47.55 -5.48 -20.36
CA SER A 61 46.53 -4.59 -19.81
C SER A 61 45.33 -4.66 -20.72
N ALA A 62 44.19 -4.23 -20.20
CA ALA A 62 42.97 -4.27 -20.98
C ALA A 62 42.32 -2.91 -21.14
N MET A 63 41.66 -2.73 -22.28
CA MET A 63 40.92 -1.54 -22.58
C MET A 63 39.47 -1.99 -22.62
N TYR A 64 38.58 -1.21 -22.04
CA TYR A 64 37.17 -1.57 -21.97
C TYR A 64 36.27 -0.43 -22.39
N ILE A 65 35.63 -0.57 -23.55
CA ILE A 65 34.70 0.44 -24.04
C ILE A 65 33.30 -0.08 -23.71
N ASP A 66 32.59 0.65 -22.86
CA ASP A 66 31.29 0.23 -22.39
C ASP A 66 30.18 1.14 -22.89
N THR A 67 29.20 0.53 -23.55
CA THR A 67 28.07 1.26 -24.09
C THR A 67 26.77 0.96 -23.34
N GLU A 68 26.79 -0.05 -22.50
CA GLU A 68 25.61 -0.47 -21.75
C GLU A 68 25.61 0.01 -20.31
N ASN A 69 26.63 0.76 -19.93
CA ASN A 69 26.80 1.24 -18.55
C ASN A 69 26.76 0.07 -17.55
N THR A 70 27.35 -1.05 -17.92
CA THR A 70 27.37 -2.25 -17.10
C THR A 70 28.77 -2.63 -16.58
N PHE A 71 29.74 -1.76 -16.77
CA PHE A 71 31.09 -2.03 -16.29
C PHE A 71 31.15 -1.79 -14.79
N ARG A 72 31.64 -2.77 -14.04
CA ARG A 72 31.70 -2.65 -12.60
C ARG A 72 33.11 -2.92 -12.03
N PRO A 73 33.83 -1.86 -11.60
CA PRO A 73 35.17 -2.04 -11.00
C PRO A 73 35.18 -2.99 -9.78
N GLU A 74 34.10 -3.01 -8.98
CA GLU A 74 34.00 -3.85 -7.80
C GLU A 74 33.82 -5.33 -8.16
N ARG A 75 33.30 -5.60 -9.35
CA ARG A 75 33.17 -6.97 -9.82
C ARG A 75 34.57 -7.44 -10.20
N LEU A 76 35.38 -6.52 -10.72
CA LEU A 76 36.76 -6.81 -11.08
C LEU A 76 37.56 -7.16 -9.81
N ARG A 77 37.28 -6.45 -8.73
CA ARG A 77 37.93 -6.67 -7.45
C ARG A 77 37.65 -8.06 -6.93
N GLU A 78 36.39 -8.46 -7.00
CA GLU A 78 35.98 -9.76 -6.55
C GLU A 78 36.67 -10.85 -7.34
N ILE A 79 36.73 -10.66 -8.66
CA ILE A 79 37.36 -11.66 -9.51
C ILE A 79 38.85 -11.78 -9.19
N ALA A 80 39.51 -10.64 -9.02
CA ALA A 80 40.93 -10.62 -8.70
C ALA A 80 41.25 -11.18 -7.33
N GLN A 81 40.47 -10.77 -6.33
CA GLN A 81 40.70 -11.21 -4.96
C GLN A 81 40.50 -12.70 -4.82
N ASN A 82 39.45 -13.19 -5.45
CA ASN A 82 39.11 -14.61 -5.44
C ASN A 82 40.11 -15.49 -6.18
N ARG A 83 40.79 -14.93 -7.17
CA ARG A 83 41.80 -15.66 -7.93
C ARG A 83 43.20 -15.51 -7.31
N GLY A 84 43.26 -14.81 -6.19
CA GLY A 84 44.47 -14.58 -5.41
C GLY A 84 45.36 -13.41 -5.85
N LEU A 85 44.79 -12.44 -6.58
CA LEU A 85 45.56 -11.33 -7.10
C LEU A 85 45.30 -10.05 -6.34
N ASP A 86 46.29 -9.12 -6.36
CA ASP A 86 46.16 -7.80 -5.75
C ASP A 86 45.08 -7.01 -6.54
N PRO A 87 43.88 -6.76 -5.97
CA PRO A 87 42.84 -6.07 -6.75
C PRO A 87 43.13 -4.62 -7.10
N ASP A 88 43.94 -3.89 -6.31
CA ASP A 88 44.26 -2.51 -6.65
C ASP A 88 45.05 -2.47 -7.94
N GLU A 89 45.96 -3.45 -8.11
CA GLU A 89 46.81 -3.57 -9.30
C GLU A 89 46.01 -3.99 -10.51
N VAL A 90 45.06 -4.92 -10.35
CA VAL A 90 44.18 -5.38 -11.43
C VAL A 90 43.38 -4.20 -11.99
N LEU A 91 42.88 -3.32 -11.08
CA LEU A 91 42.10 -2.14 -11.47
C LEU A 91 42.93 -1.14 -12.23
N ASP A 92 44.19 -0.97 -11.83
CA ASP A 92 45.16 -0.06 -12.47
C ASP A 92 45.44 -0.47 -13.89
N ASN A 93 45.32 -1.76 -14.17
CA ASN A 93 45.62 -2.27 -15.50
C ASN A 93 44.42 -2.38 -16.45
N VAL A 94 43.28 -1.90 -16.01
CA VAL A 94 42.09 -1.85 -16.89
C VAL A 94 41.79 -0.37 -17.20
N ALA A 95 41.92 0.03 -18.50
CA ALA A 95 41.61 1.35 -19.03
C ALA A 95 40.12 1.29 -19.48
N TYR A 96 39.31 2.15 -18.86
CA TYR A 96 37.87 2.16 -19.08
C TYR A 96 37.30 3.47 -19.59
N ALA A 97 36.44 3.37 -20.60
CA ALA A 97 35.75 4.52 -21.14
C ALA A 97 34.31 4.16 -21.41
N ARG A 98 33.40 5.05 -21.03
CA ARG A 98 31.98 4.83 -21.27
C ARG A 98 31.65 5.51 -22.58
N ALA A 99 30.99 4.79 -23.47
CA ALA A 99 30.62 5.33 -24.76
C ALA A 99 29.15 5.70 -24.84
N PHE A 100 28.87 6.98 -25.03
CA PHE A 100 27.50 7.50 -25.07
C PHE A 100 26.75 7.38 -26.40
N ASN A 101 27.47 7.42 -27.51
CA ASN A 101 26.87 7.25 -28.83
C ASN A 101 27.87 6.65 -29.80
N SER A 102 27.40 6.31 -31.00
CA SER A 102 28.27 5.70 -32.00
C SER A 102 29.46 6.56 -32.40
N ASN A 103 29.26 7.86 -32.54
CA ASN A 103 30.36 8.77 -32.88
C ASN A 103 31.42 8.76 -31.76
N HIS A 104 30.96 8.74 -30.52
CA HIS A 104 31.86 8.72 -29.37
C HIS A 104 32.71 7.45 -29.32
N GLN A 105 32.08 6.33 -29.60
CA GLN A 105 32.73 5.03 -29.63
C GLN A 105 33.92 5.06 -30.57
N MET A 106 33.65 5.56 -31.78
CA MET A 106 34.64 5.72 -32.86
C MET A 106 35.82 6.63 -32.43
N GLN A 107 35.52 7.64 -31.64
CA GLN A 107 36.48 8.59 -31.15
C GLN A 107 37.41 7.91 -30.18
N LEU A 108 36.85 7.17 -29.25
CA LEU A 108 37.50 6.37 -28.23
C LEU A 108 38.38 5.29 -28.86
N LEU A 109 38.03 4.83 -30.05
CA LEU A 109 38.83 3.84 -30.75
C LEU A 109 40.14 4.45 -31.21
N TYR A 110 40.11 5.69 -31.69
CA TYR A 110 41.30 6.39 -32.13
C TYR A 110 42.22 6.60 -30.94
N GLN A 111 41.65 7.04 -29.83
CA GLN A 111 42.41 7.26 -28.61
C GLN A 111 42.96 5.96 -28.03
N ALA A 112 42.18 4.85 -28.08
CA ALA A 112 42.59 3.54 -27.59
C ALA A 112 43.80 3.07 -28.42
N SER A 113 43.77 3.36 -29.71
CA SER A 113 44.84 3.01 -30.64
C SER A 113 46.11 3.78 -30.27
N ALA A 114 45.95 5.07 -29.98
CA ALA A 114 47.07 5.92 -29.60
C ALA A 114 47.76 5.38 -28.34
N MET A 115 46.96 4.91 -27.38
CA MET A 115 47.40 4.31 -26.12
C MET A 115 48.10 2.96 -26.35
N MET A 116 47.69 2.23 -27.39
CA MET A 116 48.31 0.96 -27.72
C MET A 116 49.70 1.21 -28.30
N VAL A 117 49.78 2.20 -29.18
CA VAL A 117 51.07 2.60 -29.78
C VAL A 117 52.04 2.90 -28.66
N GLU A 118 51.63 3.75 -27.70
CA GLU A 118 52.50 4.16 -26.60
C GLU A 118 52.89 3.01 -25.69
N SER A 119 51.98 2.09 -25.44
CA SER A 119 52.24 0.97 -24.54
C SER A 119 53.04 -0.14 -25.19
N LEU A 120 53.30 -0.01 -26.48
CA LEU A 120 54.07 -1.01 -27.20
C LEU A 120 55.48 -1.07 -26.64
N ASN A 121 55.99 -2.28 -26.51
CA ASN A 121 57.33 -2.59 -26.02
C ASN A 121 57.61 -2.19 -24.57
N THR A 122 56.56 -2.11 -23.76
CA THR A 122 56.73 -1.81 -22.34
C THR A 122 56.55 -3.12 -21.55
N ASP A 123 56.67 -3.07 -20.24
CA ASP A 123 56.52 -4.31 -19.45
C ASP A 123 55.09 -4.84 -19.44
N ARG A 124 54.12 -3.96 -19.65
CA ARG A 124 52.71 -4.33 -19.68
C ARG A 124 51.93 -3.57 -20.76
N PRO A 125 52.02 -4.02 -22.02
CA PRO A 125 51.30 -3.38 -23.12
C PRO A 125 49.83 -3.77 -23.12
N TYR A 126 49.00 -3.03 -23.84
CA TYR A 126 47.59 -3.35 -23.91
C TYR A 126 47.40 -4.53 -24.85
N LYS A 127 47.05 -5.69 -24.31
CA LYS A 127 46.84 -6.89 -25.12
C LYS A 127 45.38 -7.23 -25.40
N LEU A 128 44.44 -6.48 -24.81
CA LEU A 128 43.03 -6.77 -25.01
C LEU A 128 42.16 -5.52 -25.14
N LEU A 129 41.18 -5.60 -26.04
CA LEU A 129 40.23 -4.50 -26.25
C LEU A 129 38.83 -5.08 -26.20
N ILE A 130 38.02 -4.57 -25.28
CA ILE A 130 36.67 -5.04 -25.10
C ILE A 130 35.66 -4.00 -25.53
N VAL A 131 34.71 -4.41 -26.35
CA VAL A 131 33.65 -3.51 -26.76
C VAL A 131 32.32 -4.14 -26.34
N ASP A 132 31.81 -3.68 -25.21
CA ASP A 132 30.55 -4.15 -24.67
C ASP A 132 29.59 -2.98 -24.55
N SER A 133 28.72 -2.80 -25.52
CA SER A 133 28.38 -3.83 -26.49
C SER A 133 28.45 -3.30 -27.91
N LEU A 134 28.64 -4.17 -28.88
CA LEU A 134 28.70 -3.74 -30.25
C LEU A 134 27.33 -3.25 -30.66
N THR A 135 26.30 -4.00 -30.25
CA THR A 135 24.93 -3.66 -30.57
C THR A 135 24.41 -2.50 -29.74
N LEU A 148 18.77 3.63 -40.82
CA LEU A 148 19.51 4.70 -41.48
C LEU A 148 20.68 4.14 -42.27
N ALA A 149 20.91 4.68 -43.45
CA ALA A 149 22.00 4.24 -44.31
C ALA A 149 23.36 4.47 -43.67
N GLU A 150 23.51 5.63 -43.02
CA GLU A 150 24.75 5.97 -42.34
C GLU A 150 25.12 5.07 -41.16
N ARG A 151 24.13 4.67 -40.38
CA ARG A 151 24.40 3.86 -39.20
C ARG A 151 25.04 2.52 -39.56
N GLN A 152 24.57 1.89 -40.63
CA GLN A 152 25.15 0.63 -41.07
C GLN A 152 26.60 0.84 -41.51
N GLN A 153 26.82 1.95 -42.20
CA GLN A 153 28.13 2.33 -42.70
C GLN A 153 29.12 2.59 -41.57
N LYS A 154 28.67 3.25 -40.52
CA LYS A 154 29.52 3.57 -39.38
C LYS A 154 30.00 2.32 -38.68
N LEU A 155 29.09 1.36 -38.51
CA LEU A 155 29.42 0.11 -37.87
C LEU A 155 30.47 -0.64 -38.66
N ALA A 156 30.34 -0.62 -39.98
CA ALA A 156 31.29 -1.31 -40.85
C ALA A 156 32.67 -0.69 -40.69
N ARG A 157 32.70 0.63 -40.63
CA ARG A 157 33.94 1.37 -40.48
C ARG A 157 34.60 1.03 -39.14
N PHE A 158 33.76 0.93 -38.10
CA PHE A 158 34.21 0.61 -36.76
C PHE A 158 34.81 -0.79 -36.74
N LEU A 159 34.17 -1.73 -37.43
CA LEU A 159 34.66 -3.09 -37.51
C LEU A 159 36.01 -3.17 -38.22
N ARG A 160 36.16 -2.41 -39.30
CA ARG A 160 37.40 -2.40 -40.05
C ARG A 160 38.55 -1.89 -39.19
N MET A 161 38.28 -0.86 -38.39
CA MET A 161 39.29 -0.30 -37.50
C MET A 161 39.72 -1.34 -36.48
N LEU A 162 38.75 -2.08 -35.96
CA LEU A 162 39.02 -3.10 -34.97
C LEU A 162 39.90 -4.18 -35.57
N HIS A 163 39.62 -4.57 -36.79
CA HIS A 163 40.41 -5.60 -37.47
C HIS A 163 41.84 -5.13 -37.63
N ARG A 164 42.01 -3.86 -37.99
CA ARG A 164 43.35 -3.31 -38.16
C ARG A 164 44.08 -3.23 -36.83
N LEU A 165 43.36 -3.01 -35.74
CA LEU A 165 43.98 -2.93 -34.42
C LEU A 165 44.48 -4.29 -33.96
N ALA A 166 43.63 -5.30 -34.13
CA ALA A 166 43.99 -6.64 -33.72
C ALA A 166 45.28 -7.08 -34.40
N ASN A 167 45.35 -6.82 -35.70
CA ASN A 167 46.50 -7.17 -36.54
C ASN A 167 47.78 -6.37 -36.31
N GLU A 168 47.71 -5.03 -36.27
CA GLU A 168 48.88 -4.18 -36.10
C GLU A 168 49.45 -4.17 -34.69
N PHE A 169 48.63 -4.38 -33.67
CA PHE A 169 49.15 -4.34 -32.33
C PHE A 169 49.17 -5.66 -31.59
N ASP A 170 48.91 -6.75 -32.32
CA ASP A 170 48.89 -8.09 -31.74
C ASP A 170 48.02 -8.15 -30.48
N ILE A 171 46.80 -7.64 -30.58
CA ILE A 171 45.87 -7.65 -29.47
C ILE A 171 44.64 -8.48 -29.78
N ALA A 172 43.97 -8.90 -28.73
CA ALA A 172 42.75 -9.68 -28.84
C ALA A 172 41.57 -8.72 -28.72
N VAL A 173 40.63 -8.80 -29.65
CA VAL A 173 39.47 -7.93 -29.59
C VAL A 173 38.23 -8.75 -29.24
N PHE A 174 37.58 -8.34 -28.16
CA PHE A 174 36.38 -9.02 -27.69
C PHE A 174 35.18 -8.10 -27.77
N VAL A 175 34.17 -8.52 -28.52
CA VAL A 175 32.96 -7.73 -28.68
C VAL A 175 31.69 -8.53 -28.39
N THR A 176 30.69 -7.85 -27.86
CA THR A 176 29.45 -8.51 -27.50
C THR A 176 28.25 -8.05 -28.31
N ASN A 177 27.38 -9.00 -28.63
CA ASN A 177 26.17 -8.74 -29.39
C ASN A 177 24.98 -9.29 -28.66
N GLN A 178 23.95 -8.47 -28.50
CA GLN A 178 22.74 -8.93 -27.84
C GLN A 178 21.75 -9.46 -28.86
N VAL A 179 21.23 -10.65 -28.59
CA VAL A 179 20.30 -11.31 -29.49
C VAL A 179 18.91 -11.21 -28.86
N GLN A 180 17.91 -10.89 -29.66
CA GLN A 180 16.53 -10.73 -29.19
C GLN A 180 15.78 -12.06 -29.21
N GLY A 184 19.35 -18.18 -32.49
CA GLY A 184 19.17 -19.12 -33.59
C GLY A 184 19.85 -18.66 -34.86
N HIS A 185 19.11 -17.94 -35.71
CA HIS A 185 19.66 -17.46 -36.96
C HIS A 185 20.29 -16.12 -36.66
N ILE A 186 21.60 -16.16 -36.47
CA ILE A 186 22.39 -15.01 -36.12
C ILE A 186 23.15 -14.40 -37.29
N LEU A 187 23.11 -13.08 -37.42
CA LEU A 187 23.87 -12.39 -38.44
C LEU A 187 25.14 -11.82 -37.82
N ALA A 188 26.22 -12.58 -37.98
CA ALA A 188 27.52 -12.21 -37.46
C ALA A 188 28.23 -11.29 -38.42
N HIS A 189 29.26 -10.65 -37.92
CA HIS A 189 30.08 -9.77 -38.74
C HIS A 189 31.14 -10.57 -39.48
N SER A 190 31.68 -10.02 -40.54
CA SER A 190 32.67 -10.70 -41.34
C SER A 190 34.01 -10.91 -40.64
N ALA A 191 34.64 -12.05 -40.92
CA ALA A 191 35.96 -12.37 -40.40
C ALA A 191 36.12 -12.30 -38.89
N THR A 192 35.21 -12.92 -38.16
CA THR A 192 35.26 -12.95 -36.71
C THR A 192 35.07 -14.37 -36.21
N LEU A 193 35.45 -14.61 -34.96
CA LEU A 193 35.23 -15.93 -34.38
C LEU A 193 33.94 -15.76 -33.61
N ARG A 194 32.96 -16.59 -33.90
CA ARG A 194 31.65 -16.44 -33.27
C ARG A 194 31.31 -17.47 -32.22
N VAL A 195 30.90 -16.99 -31.06
CA VAL A 195 30.51 -17.84 -29.96
C VAL A 195 29.09 -17.48 -29.54
N TYR A 196 28.25 -18.50 -29.37
CA TYR A 196 26.88 -18.28 -28.93
C TYR A 196 26.64 -18.77 -27.51
N LEU A 197 26.29 -17.84 -26.62
CA LEU A 197 26.03 -18.13 -25.21
C LEU A 197 24.55 -18.24 -24.94
N ARG A 198 24.16 -19.22 -24.09
CA ARG A 198 22.77 -19.43 -23.66
C ARG A 198 22.74 -19.99 -22.25
N LYS A 199 21.64 -19.77 -21.56
CA LYS A 199 21.40 -20.31 -20.24
C LYS A 199 21.05 -21.82 -20.32
N GLY A 200 21.70 -22.60 -19.47
CA GLY A 200 21.51 -24.03 -19.34
C GLY A 200 20.78 -24.34 -18.04
N LYS A 201 21.02 -25.54 -17.48
CA LYS A 201 20.40 -25.97 -16.24
C LYS A 201 21.19 -25.54 -15.00
N GLY A 202 20.46 -25.14 -13.96
CA GLY A 202 20.97 -24.76 -12.64
C GLY A 202 22.08 -23.73 -12.61
N GLY A 203 21.86 -22.61 -13.30
CA GLY A 203 22.83 -21.53 -13.40
C GLY A 203 23.91 -21.76 -14.43
N LYS A 204 24.05 -23.01 -14.93
CA LYS A 204 25.06 -23.32 -15.95
C LYS A 204 24.76 -22.58 -17.25
N ARG A 205 25.82 -22.27 -17.98
CA ARG A 205 25.74 -21.59 -19.25
C ARG A 205 26.34 -22.50 -20.27
N ILE A 206 25.83 -22.41 -21.48
CA ILE A 206 26.29 -23.23 -22.58
C ILE A 206 26.88 -22.32 -23.64
N ALA A 207 28.04 -22.70 -24.18
CA ALA A 207 28.73 -22.04 -25.30
C ALA A 207 28.85 -22.99 -26.52
N ARG A 208 28.65 -22.45 -27.71
CA ARG A 208 28.83 -23.22 -28.94
C ARG A 208 29.29 -22.29 -30.06
N LEU A 209 30.17 -22.79 -30.91
CA LEU A 209 30.67 -22.00 -32.02
C LEU A 209 29.63 -21.89 -33.12
N ILE A 210 29.45 -20.69 -33.62
CA ILE A 210 28.48 -20.44 -34.69
C ILE A 210 28.82 -21.15 -36.00
N ASP A 211 30.10 -21.18 -36.35
CA ASP A 211 30.53 -21.86 -37.56
C ASP A 211 30.87 -23.32 -37.29
N GLY A 218 32.16 -29.88 -29.24
CA GLY A 218 31.10 -29.09 -29.87
C GLY A 218 30.52 -28.04 -28.94
N GLU A 219 30.27 -28.41 -27.68
CA GLU A 219 29.71 -27.48 -26.71
C GLU A 219 30.52 -27.33 -25.41
N ALA A 220 30.51 -26.13 -24.86
CA ALA A 220 31.18 -25.86 -23.60
C ALA A 220 30.12 -25.50 -22.57
N VAL A 221 30.34 -25.95 -21.34
CA VAL A 221 29.44 -25.68 -20.23
C VAL A 221 30.28 -24.96 -19.18
N PHE A 222 29.75 -23.89 -18.61
CA PHE A 222 30.50 -23.16 -17.62
C PHE A 222 29.60 -22.42 -16.64
N SER A 223 30.22 -21.89 -15.59
CA SER A 223 29.53 -21.15 -14.53
C SER A 223 30.03 -19.73 -14.40
N ILE A 224 29.24 -18.91 -13.75
CA ILE A 224 29.59 -17.54 -13.45
C ILE A 224 29.66 -17.57 -11.93
N THR A 225 30.86 -17.35 -11.39
CA THR A 225 31.13 -17.42 -9.96
C THR A 225 31.87 -16.20 -9.46
N GLU A 226 32.08 -16.15 -8.15
CA GLU A 226 32.82 -15.05 -7.55
C GLU A 226 34.19 -14.89 -8.22
N LYS A 227 34.65 -15.92 -8.93
CA LYS A 227 35.93 -15.85 -9.64
C LYS A 227 35.71 -15.42 -11.08
N GLY A 228 34.45 -15.14 -11.44
CA GLY A 228 34.11 -14.75 -12.78
C GLY A 228 33.64 -15.97 -13.52
N ILE A 229 34.27 -16.27 -14.65
CA ILE A 229 33.92 -17.45 -15.42
C ILE A 229 34.80 -18.63 -15.06
N GLU A 230 34.19 -19.78 -14.81
CA GLU A 230 34.91 -21.01 -14.51
C GLU A 230 34.01 -22.23 -14.76
N ASP A 231 34.62 -23.41 -14.82
CA ASP A 231 33.85 -24.63 -15.05
C ASP A 231 32.75 -24.87 -14.02
N ALA B 2 5.33 31.41 -28.20
CA ALA B 2 4.86 31.70 -26.85
C ALA B 2 5.46 33.01 -26.34
N THR B 3 4.84 33.58 -25.31
CA THR B 3 5.30 34.82 -24.73
C THR B 3 6.61 34.63 -23.96
N ILE B 4 7.39 35.70 -23.83
CA ILE B 4 8.68 35.63 -23.17
C ILE B 4 8.68 35.84 -21.66
N GLY B 5 8.74 34.74 -20.91
CA GLY B 5 8.79 34.78 -19.46
C GLY B 5 10.17 35.16 -18.95
N ARG B 6 10.23 35.72 -17.75
CA ARG B 6 11.51 36.11 -17.16
C ARG B 6 11.71 35.55 -15.75
N ILE B 7 12.93 35.14 -15.42
CA ILE B 7 13.21 34.59 -14.09
C ILE B 7 14.06 35.60 -13.33
N SER B 8 13.56 36.03 -12.16
CA SER B 8 14.27 36.93 -11.26
C SER B 8 15.54 36.25 -10.76
N THR B 9 16.56 37.05 -10.49
CA THR B 9 17.86 36.59 -10.03
C THR B 9 17.93 36.66 -8.52
N GLY B 10 16.98 37.36 -7.90
CA GLY B 10 16.96 37.64 -6.48
C GLY B 10 17.45 39.05 -6.20
N SER B 11 18.23 39.60 -7.12
CA SER B 11 18.78 40.95 -6.97
C SER B 11 18.01 42.00 -7.74
N LYS B 12 17.61 43.06 -7.05
CA LYS B 12 16.85 44.14 -7.64
C LYS B 12 17.63 44.85 -8.74
N SER B 13 18.90 45.14 -8.48
CA SER B 13 19.73 45.82 -9.46
C SER B 13 20.06 44.94 -10.65
N LEU B 14 20.30 43.65 -10.39
CA LEU B 14 20.63 42.72 -11.46
C LEU B 14 19.41 42.46 -12.38
N ASP B 15 18.20 42.41 -11.80
CA ASP B 15 16.95 42.27 -12.54
C ASP B 15 16.71 43.49 -13.44
N LYS B 16 17.07 44.71 -12.96
CA LYS B 16 16.95 45.95 -13.71
C LYS B 16 17.81 45.85 -14.99
N LEU B 17 19.12 45.60 -14.81
CA LEU B 17 20.08 45.42 -15.90
C LEU B 17 19.56 44.47 -17.01
N LEU B 18 18.92 43.38 -16.60
CA LEU B 18 18.39 42.37 -17.53
C LEU B 18 16.92 42.57 -17.96
N GLY B 19 16.32 43.69 -17.56
CA GLY B 19 14.93 43.99 -17.90
C GLY B 19 13.88 43.10 -17.24
N GLY B 20 14.13 42.69 -16.00
CA GLY B 20 13.20 41.86 -15.22
C GLY B 20 13.77 40.54 -14.72
N GLY B 21 14.76 40.04 -15.46
CA GLY B 21 15.46 38.80 -15.17
C GLY B 21 15.81 38.10 -16.47
N ILE B 22 16.43 36.93 -16.39
CA ILE B 22 16.79 36.20 -17.61
C ILE B 22 15.51 35.71 -18.30
N GLU B 23 15.50 35.77 -19.62
CA GLU B 23 14.31 35.40 -20.40
C GLU B 23 14.25 33.99 -20.97
N THR B 24 13.02 33.53 -21.21
CA THR B 24 12.76 32.24 -21.84
C THR B 24 13.00 32.37 -23.34
N GLN B 25 13.25 31.23 -24.00
CA GLN B 25 13.57 31.15 -25.44
C GLN B 25 14.85 31.92 -25.80
N ALA B 26 15.80 31.91 -24.87
CA ALA B 26 17.05 32.63 -25.01
C ALA B 26 18.08 31.97 -24.13
N ILE B 27 19.33 32.19 -24.49
CA ILE B 27 20.47 31.65 -23.78
C ILE B 27 21.11 32.87 -23.17
N THR B 28 21.34 32.82 -21.84
CA THR B 28 22.02 33.85 -21.07
C THR B 28 23.31 33.22 -20.60
N GLU B 29 24.42 33.84 -20.97
CA GLU B 29 25.74 33.34 -20.65
C GLU B 29 26.49 34.32 -19.78
N VAL B 30 26.92 33.85 -18.61
CA VAL B 30 27.69 34.69 -17.71
C VAL B 30 29.13 34.27 -17.80
N PHE B 31 30.02 35.25 -17.73
CA PHE B 31 31.45 35.01 -17.71
C PHE B 31 32.07 35.88 -16.65
N GLY B 32 33.30 35.57 -16.31
CA GLY B 32 34.06 36.24 -15.32
C GLY B 32 35.05 35.33 -14.64
N GLU B 33 35.94 35.94 -13.86
CA GLU B 33 36.96 35.22 -13.13
C GLU B 33 36.46 34.26 -12.05
N PHE B 34 37.35 33.39 -11.61
CA PHE B 34 37.03 32.42 -10.59
C PHE B 34 36.56 33.13 -9.33
N GLY B 35 35.46 32.65 -8.76
CA GLY B 35 34.89 33.22 -7.56
C GLY B 35 34.00 34.42 -7.81
N SER B 36 33.71 34.77 -9.09
CA SER B 36 32.88 35.95 -9.41
C SER B 36 31.38 35.77 -9.16
N GLY B 37 30.92 34.53 -8.97
CA GLY B 37 29.52 34.24 -8.67
C GLY B 37 28.66 33.60 -9.74
N LYS B 38 29.28 32.89 -10.67
CA LYS B 38 28.58 32.20 -11.76
C LYS B 38 27.75 31.00 -11.26
N THR B 39 28.36 30.16 -10.44
CA THR B 39 27.69 29.01 -9.88
C THR B 39 26.63 29.41 -8.87
N GLN B 40 26.97 30.36 -8.02
CA GLN B 40 26.04 30.90 -7.04
C GLN B 40 24.77 31.48 -7.70
N LEU B 41 24.93 32.19 -8.81
CA LEU B 41 23.81 32.75 -9.57
C LEU B 41 22.99 31.61 -10.18
N ALA B 42 23.66 30.58 -10.67
CA ALA B 42 22.96 29.42 -11.23
C ALA B 42 22.12 28.73 -10.16
N HIS B 43 22.66 28.60 -8.96
CA HIS B 43 21.95 27.98 -7.86
C HIS B 43 20.70 28.77 -7.49
N THR B 44 20.86 30.08 -7.35
CA THR B 44 19.75 30.98 -7.02
C THR B 44 18.65 30.88 -8.06
N LEU B 45 19.05 30.91 -9.35
CA LEU B 45 18.10 30.81 -10.46
C LEU B 45 17.34 29.48 -10.42
N ALA B 46 18.00 28.37 -9.99
CA ALA B 46 17.32 27.06 -9.91
C ALA B 46 16.17 27.05 -8.88
N VAL B 47 16.27 27.87 -7.84
CA VAL B 47 15.24 28.07 -6.80
C VAL B 47 14.23 29.09 -7.36
N MET B 48 14.70 30.28 -7.83
CA MET B 48 13.83 31.37 -8.32
C MET B 48 12.82 30.97 -9.38
N VAL B 49 13.21 30.12 -10.34
CA VAL B 49 12.29 29.63 -11.41
C VAL B 49 10.97 29.00 -10.85
N GLN B 50 11.06 28.33 -9.69
CA GLN B 50 9.99 27.58 -9.04
C GLN B 50 8.86 28.43 -8.47
N LEU B 51 9.19 29.69 -8.15
CA LEU B 51 8.25 30.68 -7.62
C LEU B 51 7.13 31.02 -8.62
N PRO B 52 5.93 31.44 -8.12
CA PRO B 52 4.88 31.88 -9.06
C PRO B 52 5.31 33.19 -9.74
N PRO B 53 4.75 33.50 -10.94
CA PRO B 53 5.10 34.77 -11.64
C PRO B 53 5.10 36.04 -10.80
N GLU B 54 4.28 36.08 -9.78
CA GLU B 54 4.17 37.23 -8.90
C GLU B 54 5.37 37.49 -7.99
N GLU B 55 6.14 36.46 -7.71
CA GLU B 55 7.37 36.53 -6.90
C GLU B 55 8.62 36.46 -7.78
N GLY B 56 8.46 36.44 -9.10
CA GLY B 56 9.62 36.45 -9.99
C GLY B 56 10.05 35.15 -10.63
N GLY B 57 9.23 34.11 -10.52
CA GLY B 57 9.50 32.82 -11.14
C GLY B 57 8.53 32.50 -12.25
N LEU B 58 8.55 31.23 -12.69
CA LEU B 58 7.64 30.78 -13.75
C LEU B 58 6.91 29.49 -13.38
N ASN B 59 6.73 29.25 -12.08
CA ASN B 59 6.07 28.05 -11.55
C ASN B 59 6.66 26.79 -12.20
N GLY B 60 7.97 26.79 -12.36
CA GLY B 60 8.63 25.73 -13.09
C GLY B 60 9.65 24.92 -12.33
N SER B 61 10.21 23.94 -13.02
CA SER B 61 11.25 23.08 -12.48
C SER B 61 12.53 23.46 -13.21
N ALA B 62 13.68 23.11 -12.67
CA ALA B 62 14.94 23.42 -13.30
C ALA B 62 15.80 22.18 -13.54
N MET B 63 16.58 22.21 -14.61
CA MET B 63 17.50 21.12 -14.93
C MET B 63 18.88 21.73 -14.85
N TYR B 64 19.76 21.09 -14.10
CA TYR B 64 21.10 21.58 -13.87
C TYR B 64 22.13 20.59 -14.34
N ILE B 65 22.93 20.97 -15.32
CA ILE B 65 23.97 20.09 -15.82
C ILE B 65 25.26 20.66 -15.26
N ASP B 66 25.91 19.87 -14.44
CA ASP B 66 27.13 20.28 -13.78
C ASP B 66 28.35 19.60 -14.38
N THR B 67 29.34 20.39 -14.77
CA THR B 67 30.56 19.84 -15.35
C THR B 67 31.79 20.06 -14.50
N GLU B 68 31.66 20.75 -13.38
CA GLU B 68 32.81 21.02 -12.54
C GLU B 68 32.65 20.57 -11.10
N ASN B 69 31.70 19.67 -10.88
CA ASN B 69 31.43 19.14 -9.53
C ASN B 69 31.21 20.24 -8.48
N THR B 70 30.54 21.30 -8.88
CA THR B 70 30.26 22.42 -8.00
C THR B 70 28.79 22.54 -7.65
N PHE B 71 27.99 21.54 -8.00
CA PHE B 71 26.57 21.56 -7.69
C PHE B 71 26.36 21.09 -6.26
N ARG B 72 25.60 21.85 -5.48
CA ARG B 72 25.41 21.51 -4.07
C ARG B 72 23.96 21.52 -3.63
N PRO B 73 23.36 20.34 -3.43
CA PRO B 73 21.96 20.28 -2.99
C PRO B 73 21.74 21.01 -1.67
N GLU B 74 22.73 21.00 -0.78
CA GLU B 74 22.70 21.66 0.52
C GLU B 74 22.56 23.18 0.35
N ARG B 75 23.21 23.75 -0.68
CA ARG B 75 23.15 25.17 -1.01
C ARG B 75 21.72 25.55 -1.44
N LEU B 76 21.08 24.67 -2.20
CA LEU B 76 19.71 24.90 -2.65
C LEU B 76 18.77 24.95 -1.44
N ARG B 77 18.92 23.97 -0.54
CA ARG B 77 18.11 23.91 0.66
C ARG B 77 18.26 25.17 1.49
N GLU B 78 19.50 25.59 1.67
CA GLU B 78 19.85 26.82 2.42
C GLU B 78 19.14 28.04 1.81
N ILE B 79 19.23 28.20 0.47
CA ILE B 79 18.60 29.30 -0.24
C ILE B 79 17.11 29.25 0.02
N ALA B 80 16.47 28.06 -0.23
CA ALA B 80 15.05 27.81 -0.02
C ALA B 80 14.60 28.11 1.41
N GLN B 81 15.35 27.63 2.43
CA GLN B 81 14.97 27.81 3.83
C GLN B 81 14.98 29.27 4.22
N ASN B 82 16.06 30.00 3.85
CA ASN B 82 16.24 31.43 4.12
C ASN B 82 15.30 32.32 3.34
N ARG B 83 14.66 31.76 2.28
CA ARG B 83 13.66 32.49 1.52
C ARG B 83 12.22 32.06 1.99
N GLY B 84 12.18 31.29 3.09
CA GLY B 84 10.93 30.79 3.67
C GLY B 84 10.14 29.84 2.80
N LEU B 85 10.84 29.08 1.95
CA LEU B 85 10.23 28.08 1.05
C LEU B 85 10.53 26.70 1.64
N ASP B 86 9.63 25.70 1.39
CA ASP B 86 9.85 24.33 1.88
C ASP B 86 11.08 23.78 1.10
N PRO B 87 12.18 23.48 1.79
CA PRO B 87 13.41 23.00 1.15
C PRO B 87 13.28 21.67 0.42
N ASP B 88 12.51 20.74 0.96
CA ASP B 88 12.34 19.44 0.34
C ASP B 88 11.67 19.56 -1.03
N GLU B 89 10.68 20.42 -1.13
CA GLU B 89 9.96 20.61 -2.37
C GLU B 89 10.87 21.22 -3.44
N VAL B 90 11.72 22.15 -3.02
CA VAL B 90 12.65 22.82 -3.93
C VAL B 90 13.64 21.82 -4.54
N LEU B 91 14.17 20.93 -3.72
CA LEU B 91 15.09 19.91 -4.20
C LEU B 91 14.41 18.98 -5.21
N ASP B 92 13.16 18.64 -4.93
CA ASP B 92 12.37 17.77 -5.79
C ASP B 92 12.20 18.35 -7.19
N ASN B 93 12.05 19.66 -7.27
CA ASN B 93 11.85 20.38 -8.52
C ASN B 93 13.13 20.64 -9.32
N VAL B 94 14.28 20.30 -8.75
CA VAL B 94 15.54 20.50 -9.47
C VAL B 94 16.16 19.16 -9.87
N ALA B 95 16.25 18.93 -11.18
CA ALA B 95 16.85 17.71 -11.71
C ALA B 95 18.29 18.02 -12.08
N TYR B 96 19.21 17.19 -11.63
CA TYR B 96 20.62 17.43 -11.90
C TYR B 96 21.39 16.22 -12.41
N ALA B 97 22.47 16.50 -13.13
CA ALA B 97 23.34 15.48 -13.67
C ALA B 97 24.76 16.02 -13.79
N ARG B 98 25.71 15.26 -13.28
CA ARG B 98 27.10 15.66 -13.36
C ARG B 98 27.65 15.11 -14.65
N ALA B 99 28.13 15.98 -15.51
CA ALA B 99 28.68 15.53 -16.78
C ALA B 99 30.18 15.31 -16.63
N PHE B 100 30.56 14.05 -16.76
CA PHE B 100 31.95 13.62 -16.67
C PHE B 100 32.86 14.11 -17.79
N ASN B 101 32.30 14.17 -19.00
CA ASN B 101 33.04 14.61 -20.17
C ASN B 101 32.11 15.33 -21.16
N SER B 102 32.70 15.94 -22.19
CA SER B 102 31.93 16.69 -23.18
C SER B 102 30.91 15.83 -23.92
N ASN B 103 31.27 14.60 -24.26
CA ASN B 103 30.34 13.70 -24.94
C ASN B 103 29.13 13.40 -24.06
N HIS B 104 29.38 13.20 -22.76
CA HIS B 104 28.33 12.95 -21.79
C HIS B 104 27.42 14.17 -21.70
N GLN B 105 28.05 15.34 -21.70
CA GLN B 105 27.39 16.62 -21.64
C GLN B 105 26.42 16.78 -22.80
N MET B 106 26.88 16.43 -23.99
CA MET B 106 26.07 16.51 -25.20
C MET B 106 24.89 15.55 -25.15
N GLN B 107 25.15 14.33 -24.67
CA GLN B 107 24.12 13.30 -24.56
C GLN B 107 23.02 13.72 -23.59
N LEU B 108 23.41 14.35 -22.50
CA LEU B 108 22.45 14.79 -21.50
C LEU B 108 21.43 15.77 -22.07
N LEU B 109 21.76 16.41 -23.19
CA LEU B 109 20.82 17.34 -23.82
C LEU B 109 19.67 16.57 -24.42
N TYR B 110 19.97 15.38 -24.91
CA TYR B 110 18.96 14.52 -25.50
C TYR B 110 18.05 14.03 -24.39
N GLN B 111 18.67 13.63 -23.29
CA GLN B 111 17.94 13.17 -22.10
C GLN B 111 17.08 14.26 -21.46
N ALA B 112 17.59 15.51 -21.36
CA ALA B 112 16.86 16.67 -20.80
C ALA B 112 15.66 17.03 -21.70
N SER B 113 15.85 16.90 -23.01
CA SER B 113 14.81 17.17 -23.98
C SER B 113 13.71 16.12 -23.89
N ALA B 114 14.10 14.87 -23.73
CA ALA B 114 13.12 13.79 -23.60
C ALA B 114 12.27 13.99 -22.35
N MET B 115 12.89 14.41 -21.26
CA MET B 115 12.19 14.68 -20.02
C MET B 115 11.22 15.84 -20.21
N MET B 116 11.64 16.82 -20.99
CA MET B 116 10.80 17.97 -21.25
C MET B 116 9.59 17.58 -22.04
N VAL B 117 9.75 16.67 -22.98
CA VAL B 117 8.61 16.23 -23.77
C VAL B 117 7.51 15.66 -22.85
N GLU B 118 7.90 14.89 -21.85
CA GLU B 118 6.98 14.34 -20.86
C GLU B 118 6.30 15.41 -19.96
N SER B 119 7.06 16.44 -19.56
CA SER B 119 6.55 17.50 -18.68
C SER B 119 5.89 18.71 -19.36
N LEU B 120 6.07 18.82 -20.67
CA LEU B 120 5.50 19.91 -21.47
C LEU B 120 3.97 19.78 -21.53
N ASP B 123 1.54 18.37 -13.99
CA ASP B 123 2.99 18.40 -14.18
C ASP B 123 3.57 19.81 -14.18
N ARG B 124 4.50 20.06 -13.27
CA ARG B 124 5.19 21.33 -13.17
C ARG B 124 6.22 21.23 -14.29
N PRO B 125 6.18 22.16 -15.24
CA PRO B 125 7.11 21.95 -16.37
C PRO B 125 8.51 22.43 -16.10
N TYR B 126 9.49 21.88 -16.83
CA TYR B 126 10.85 22.37 -16.75
C TYR B 126 10.83 23.71 -17.44
N LYS B 127 11.36 24.72 -16.80
CA LYS B 127 11.34 26.06 -17.36
C LYS B 127 12.72 26.66 -17.45
N LEU B 128 13.72 26.01 -16.84
CA LEU B 128 15.09 26.48 -16.78
C LEU B 128 16.07 25.32 -17.01
N LEU B 129 17.10 25.60 -17.79
CA LEU B 129 18.17 24.64 -18.09
C LEU B 129 19.52 25.32 -17.85
N ILE B 130 20.25 24.80 -16.89
CA ILE B 130 21.55 25.34 -16.53
C ILE B 130 22.71 24.45 -16.95
N VAL B 131 23.69 25.03 -17.63
CA VAL B 131 24.87 24.29 -17.98
C VAL B 131 26.05 25.04 -17.38
N ASP B 132 26.60 24.49 -16.31
CA ASP B 132 27.72 25.11 -15.60
C ASP B 132 28.83 24.10 -15.44
N SER B 133 30.03 24.40 -15.92
CA SER B 133 30.29 25.34 -17.01
C SER B 133 30.03 24.81 -18.42
N LEU B 134 29.66 25.70 -19.32
CA LEU B 134 29.43 25.36 -20.71
C LEU B 134 30.68 24.91 -21.46
N THR B 135 31.78 25.63 -21.23
CA THR B 135 33.04 25.40 -21.90
C THR B 135 34.09 24.51 -21.24
N SER B 136 33.93 24.24 -19.96
CA SER B 136 34.89 23.46 -19.19
C SER B 136 35.44 22.18 -19.82
N HIS B 137 34.55 21.29 -20.24
CA HIS B 137 34.96 20.03 -20.83
C HIS B 137 35.64 20.19 -22.18
N PHE B 138 35.10 21.10 -22.99
CA PHE B 138 35.65 21.36 -24.31
C PHE B 138 37.08 21.88 -24.24
N ARG B 139 37.35 22.73 -23.25
CA ARG B 139 38.69 23.27 -23.06
C ARG B 139 39.72 22.22 -22.67
N SER B 140 39.34 21.30 -21.78
CA SER B 140 40.27 20.28 -21.31
C SER B 140 40.46 19.17 -22.35
N GLU B 141 39.38 18.82 -23.01
CA GLU B 141 39.38 17.80 -24.07
C GLU B 141 40.09 18.16 -25.38
N TYR B 142 40.02 19.43 -25.77
CA TYR B 142 40.65 19.88 -27.00
C TYR B 142 41.55 21.05 -26.69
N ILE B 143 42.64 20.75 -26.00
CA ILE B 143 43.64 21.74 -25.56
C ILE B 143 44.47 22.46 -26.63
N GLY B 144 44.90 21.72 -27.64
CA GLY B 144 45.78 22.24 -28.67
C GLY B 144 45.30 23.31 -29.62
N ARG B 145 46.24 24.17 -30.03
CA ARG B 145 45.95 25.23 -30.99
C ARG B 145 45.54 24.53 -32.27
N GLY B 146 45.95 23.27 -32.38
CA GLY B 146 45.64 22.36 -33.47
C GLY B 146 44.24 21.79 -33.32
N ALA B 147 43.62 21.95 -32.15
CA ALA B 147 42.26 21.48 -31.89
C ALA B 147 41.20 22.60 -31.82
N LEU B 148 41.61 23.84 -32.05
CA LEU B 148 40.71 25.01 -32.03
C LEU B 148 39.47 24.83 -32.91
N ALA B 149 39.67 24.40 -34.17
CA ALA B 149 38.61 24.18 -35.15
C ALA B 149 37.56 23.20 -34.63
N GLU B 150 38.02 22.05 -34.18
CA GLU B 150 37.17 21.02 -33.68
C GLU B 150 36.44 21.44 -32.41
N ARG B 151 37.12 22.19 -31.56
CA ARG B 151 36.53 22.67 -30.32
C ARG B 151 35.35 23.59 -30.59
N GLN B 152 35.56 24.57 -31.47
CA GLN B 152 34.53 25.53 -31.87
C GLN B 152 33.38 24.84 -32.56
N GLN B 153 33.67 23.80 -33.37
CA GLN B 153 32.65 23.06 -34.11
C GLN B 153 31.69 22.35 -33.13
N LYS B 154 32.23 21.64 -32.16
CA LYS B 154 31.47 20.94 -31.14
C LYS B 154 30.68 21.88 -30.24
N LEU B 155 31.33 22.95 -29.83
CA LEU B 155 30.71 23.95 -28.97
C LEU B 155 29.57 24.61 -29.72
N ALA B 156 29.79 24.91 -30.98
CA ALA B 156 28.76 25.56 -31.82
C ALA B 156 27.56 24.66 -31.99
N ARG B 157 27.77 23.33 -32.18
CA ARG B 157 26.69 22.34 -32.28
C ARG B 157 25.87 22.31 -30.94
N PHE B 158 26.58 22.31 -29.82
CA PHE B 158 25.96 22.33 -28.50
C PHE B 158 25.08 23.54 -28.32
N LEU B 159 25.52 24.67 -28.86
CA LEU B 159 24.77 25.92 -28.76
C LEU B 159 23.49 25.86 -29.58
N ARG B 160 23.57 25.28 -30.77
CA ARG B 160 22.39 25.13 -31.64
C ARG B 160 21.35 24.24 -30.95
N MET B 161 21.84 23.25 -30.23
CA MET B 161 20.99 22.34 -29.50
C MET B 161 20.30 23.08 -28.37
N LEU B 162 21.04 23.92 -27.67
CA LEU B 162 20.48 24.70 -26.58
C LEU B 162 19.40 25.63 -27.09
N HIS B 163 19.66 26.25 -28.23
CA HIS B 163 18.70 27.16 -28.84
C HIS B 163 17.43 26.42 -29.23
N ARG B 164 17.59 25.21 -29.75
CA ARG B 164 16.43 24.45 -30.13
C ARG B 164 15.58 24.14 -28.91
N LEU B 165 16.21 23.75 -27.81
CA LEU B 165 15.47 23.42 -26.60
C LEU B 165 14.75 24.62 -26.04
N ALA B 166 15.42 25.76 -26.04
CA ALA B 166 14.81 26.96 -25.49
C ALA B 166 13.55 27.37 -26.25
N ASN B 167 13.63 27.37 -27.58
CA ASN B 167 12.48 27.72 -28.40
C ASN B 167 11.36 26.69 -28.39
N GLU B 168 11.71 25.42 -28.49
CA GLU B 168 10.74 24.34 -28.52
C GLU B 168 9.93 24.21 -27.25
N PHE B 169 10.60 24.34 -26.11
CA PHE B 169 9.95 24.19 -24.83
C PHE B 169 9.73 25.47 -24.03
N ASP B 170 9.99 26.62 -24.63
CA ASP B 170 9.81 27.91 -23.97
C ASP B 170 10.52 27.96 -22.62
N ILE B 171 11.78 27.56 -22.60
CA ILE B 171 12.55 27.57 -21.36
C ILE B 171 13.71 28.54 -21.42
N ALA B 172 14.16 29.00 -20.26
CA ALA B 172 15.32 29.88 -20.22
C ALA B 172 16.58 29.02 -20.10
N VAL B 173 17.59 29.34 -20.89
CA VAL B 173 18.86 28.60 -20.86
C VAL B 173 19.89 29.50 -20.20
N PHE B 174 20.53 29.04 -19.12
CA PHE B 174 21.55 29.79 -18.39
C PHE B 174 22.85 29.01 -18.42
N VAL B 175 23.89 29.59 -18.99
CA VAL B 175 25.19 28.93 -19.09
C VAL B 175 26.31 29.82 -18.56
N THR B 176 27.40 29.19 -18.16
CA THR B 176 28.54 29.92 -17.65
C THR B 176 29.78 29.63 -18.47
N ASN B 177 30.61 30.65 -18.62
CA ASN B 177 31.84 30.54 -19.39
C ASN B 177 33.02 31.02 -18.56
N GLN B 178 34.06 30.23 -18.47
CA GLN B 178 35.17 30.70 -17.67
C GLN B 178 36.21 31.41 -18.52
N VAL B 179 35.89 31.75 -19.81
CA VAL B 179 36.78 32.41 -20.74
C VAL B 179 37.40 33.59 -20.02
N GLN B 180 38.71 33.75 -20.18
CA GLN B 180 39.44 34.82 -19.56
C GLN B 180 38.88 36.18 -19.98
N GLY B 183 39.57 42.36 -19.06
CA GLY B 183 38.81 43.01 -18.02
C GLY B 183 37.35 43.13 -18.41
N GLY B 184 36.80 42.03 -18.91
CA GLY B 184 35.43 41.97 -19.36
C GLY B 184 35.23 42.42 -20.79
N HIS B 185 36.34 42.73 -21.46
CA HIS B 185 36.28 43.17 -22.85
C HIS B 185 36.38 42.00 -23.81
N ILE B 186 35.23 41.36 -24.04
CA ILE B 186 35.11 40.21 -24.90
C ILE B 186 34.00 40.51 -25.90
N LEU B 187 34.18 40.08 -27.15
CA LEU B 187 33.18 40.35 -28.17
C LEU B 187 31.84 39.74 -27.85
N ALA B 188 30.77 40.48 -28.17
CA ALA B 188 29.41 40.01 -27.96
C ALA B 188 29.04 39.03 -29.07
N HIS B 189 28.30 37.98 -28.70
CA HIS B 189 27.77 36.99 -29.63
C HIS B 189 26.28 37.24 -29.84
N SER B 190 25.84 37.05 -31.09
CA SER B 190 24.46 37.24 -31.53
C SER B 190 23.54 36.15 -30.97
N ALA B 191 24.13 34.98 -30.64
CA ALA B 191 23.44 33.81 -30.14
C ALA B 191 22.96 34.02 -28.70
N THR B 192 23.91 34.20 -27.75
CA THR B 192 23.63 34.38 -26.33
C THR B 192 23.58 35.86 -25.91
N LEU B 193 23.12 36.09 -24.67
CA LEU B 193 23.14 37.37 -23.98
C LEU B 193 24.26 37.22 -22.97
N ARG B 194 25.35 37.95 -23.19
CA ARG B 194 26.52 37.88 -22.33
C ARG B 194 26.49 38.89 -21.19
N VAL B 195 26.83 38.41 -19.99
CA VAL B 195 26.89 39.22 -18.79
C VAL B 195 28.24 38.97 -18.18
N TYR B 196 28.97 40.04 -17.87
CA TYR B 196 30.28 39.94 -17.27
C TYR B 196 30.19 40.19 -15.77
N LEU B 197 30.72 39.25 -14.98
CA LEU B 197 30.69 39.35 -13.52
C LEU B 197 32.08 39.51 -12.95
N ARG B 198 32.23 40.46 -12.03
CA ARG B 198 33.52 40.70 -11.39
C ARG B 198 33.37 41.07 -9.91
N LYS B 199 34.43 40.84 -9.16
CA LYS B 199 34.48 41.16 -7.73
C LYS B 199 34.56 42.67 -7.50
N GLY B 200 34.00 43.14 -6.40
CA GLY B 200 34.01 44.56 -6.07
C GLY B 200 34.46 44.84 -4.65
N LYS B 201 34.13 46.04 -4.16
CA LYS B 201 34.49 46.44 -2.78
C LYS B 201 33.88 45.49 -1.75
N GLY B 202 34.73 44.74 -1.07
CA GLY B 202 34.31 43.73 -0.11
C GLY B 202 33.66 42.56 -0.81
N GLY B 203 32.54 42.10 -0.27
CA GLY B 203 31.81 40.96 -0.81
C GLY B 203 30.88 41.29 -1.97
N LYS B 204 30.95 42.53 -2.46
CA LYS B 204 30.11 42.98 -3.55
C LYS B 204 30.56 42.44 -4.90
N ARG B 205 29.59 42.23 -5.78
CA ARG B 205 29.84 41.72 -7.12
C ARG B 205 29.24 42.69 -8.11
N ILE B 206 29.88 42.88 -9.25
CA ILE B 206 29.40 43.79 -10.26
C ILE B 206 29.11 43.09 -11.59
N ALA B 207 27.95 43.39 -12.16
CA ALA B 207 27.54 42.80 -13.42
C ALA B 207 27.36 43.84 -14.52
N ARG B 208 27.83 43.52 -15.72
CA ARG B 208 27.74 44.43 -16.85
C ARG B 208 27.34 43.70 -18.14
N LEU B 209 26.43 44.28 -18.90
CA LEU B 209 25.97 43.70 -20.17
C LEU B 209 27.01 43.94 -21.25
N ILE B 210 27.16 42.99 -22.20
CA ILE B 210 28.14 43.08 -23.28
C ILE B 210 27.43 43.18 -24.64
N GLY B 218 23.60 49.98 -17.35
CA GLY B 218 25.03 50.13 -17.08
C GLY B 218 25.63 48.99 -16.28
N GLU B 219 25.72 49.18 -14.96
CA GLU B 219 26.28 48.18 -14.06
C GLU B 219 25.37 47.94 -12.88
N ALA B 220 25.31 46.68 -12.45
CA ALA B 220 24.49 46.29 -11.32
C ALA B 220 25.34 45.71 -10.20
N VAL B 221 25.11 46.17 -8.98
CA VAL B 221 25.86 45.69 -7.83
C VAL B 221 24.97 44.75 -7.02
N PHE B 222 25.51 43.58 -6.69
CA PHE B 222 24.76 42.62 -5.91
C PHE B 222 25.68 41.86 -4.97
N SER B 223 25.08 40.98 -4.17
CA SER B 223 25.82 40.18 -3.21
C SER B 223 25.38 38.73 -3.14
N ILE B 224 26.27 37.88 -2.68
CA ILE B 224 26.00 36.46 -2.46
C ILE B 224 25.84 36.30 -0.95
N THR B 225 24.67 35.85 -0.50
CA THR B 225 24.39 35.68 0.92
C THR B 225 23.78 34.29 1.14
N GLU B 226 23.24 34.05 2.35
CA GLU B 226 22.55 32.79 2.70
C GLU B 226 21.23 32.65 1.91
N LYS B 227 20.73 33.75 1.31
CA LYS B 227 19.52 33.72 0.46
C LYS B 227 19.87 33.56 -1.04
N GLY B 228 21.14 33.34 -1.35
CA GLY B 228 21.61 33.21 -2.71
C GLY B 228 22.05 34.57 -3.19
N ILE B 229 21.54 35.02 -4.33
CA ILE B 229 21.85 36.35 -4.87
C ILE B 229 20.87 37.37 -4.29
N GLU B 230 21.37 38.54 -3.91
CA GLU B 230 20.54 39.66 -3.44
C GLU B 230 21.32 40.96 -3.49
N ASP B 231 20.63 42.09 -3.42
CA ASP B 231 21.29 43.40 -3.48
C ASP B 231 22.31 43.65 -2.38
N ALA C 2 1.12 -10.03 18.67
CA ALA C 2 0.15 -10.54 17.70
C ALA C 2 0.58 -11.91 17.13
N THR C 3 -0.05 -12.37 16.04
CA THR C 3 0.27 -13.64 15.38
C THR C 3 1.62 -13.53 14.61
N ILE C 4 2.42 -14.62 14.61
CA ILE C 4 3.74 -14.66 13.98
C ILE C 4 3.62 -14.69 12.45
N GLY C 5 4.27 -13.72 11.81
CA GLY C 5 4.35 -13.60 10.35
C GLY C 5 5.65 -14.19 9.86
N ARG C 6 5.66 -14.77 8.64
CA ARG C 6 6.82 -15.41 8.05
C ARG C 6 7.19 -14.87 6.66
N ILE C 7 8.47 -14.53 6.44
CA ILE C 7 8.98 -14.08 5.14
C ILE C 7 9.76 -15.22 4.50
N SER C 8 9.37 -15.61 3.30
CA SER C 8 10.07 -16.67 2.58
C SER C 8 11.43 -16.19 2.10
N THR C 9 12.40 -17.10 2.09
CA THR C 9 13.75 -16.79 1.63
C THR C 9 13.88 -16.93 0.11
N GLY C 10 12.86 -17.51 -0.51
CA GLY C 10 12.86 -17.74 -1.94
C GLY C 10 13.41 -19.12 -2.30
N SER C 11 13.89 -19.85 -1.29
CA SER C 11 14.41 -21.18 -1.50
C SER C 11 13.52 -22.15 -0.76
N LYS C 12 13.06 -23.18 -1.45
CA LYS C 12 12.18 -24.15 -0.82
C LYS C 12 12.85 -24.92 0.31
N SER C 13 14.09 -25.36 0.10
CA SER C 13 14.81 -26.09 1.13
C SER C 13 15.10 -25.24 2.35
N LEU C 14 15.51 -24.00 2.12
CA LEU C 14 15.82 -23.08 3.21
C LEU C 14 14.56 -22.78 4.01
N ASP C 15 13.44 -22.61 3.30
CA ASP C 15 12.18 -22.32 3.93
C ASP C 15 11.72 -23.49 4.81
N LYS C 16 11.93 -24.71 4.33
CA LYS C 16 11.55 -25.90 5.09
C LYS C 16 12.33 -25.98 6.39
N LEU C 17 13.61 -25.66 6.33
CA LEU C 17 14.48 -25.67 7.50
C LEU C 17 14.03 -24.66 8.55
N LEU C 18 13.56 -23.50 8.08
CA LEU C 18 13.10 -22.42 8.95
C LEU C 18 11.61 -22.49 9.22
N GLY C 19 10.96 -23.58 8.83
CA GLY C 19 9.52 -23.70 9.02
C GLY C 19 8.70 -22.63 8.32
N GLY C 20 9.03 -22.40 7.05
CA GLY C 20 8.34 -21.44 6.22
C GLY C 20 8.97 -20.07 6.02
N GLY C 21 10.11 -19.83 6.64
CA GLY C 21 10.79 -18.54 6.48
C GLY C 21 11.14 -17.85 7.77
N ILE C 22 11.78 -16.70 7.67
CA ILE C 22 12.16 -15.98 8.89
C ILE C 22 10.90 -15.43 9.57
N GLU C 23 10.89 -15.43 10.90
CA GLU C 23 9.71 -15.03 11.69
C GLU C 23 9.71 -13.59 12.15
N THR C 24 8.52 -13.00 12.32
CA THR C 24 8.40 -11.66 12.91
C THR C 24 8.43 -11.89 14.44
N GLN C 25 8.67 -10.80 15.21
CA GLN C 25 8.82 -10.75 16.68
C GLN C 25 10.02 -11.59 17.10
N ALA C 26 10.96 -11.84 16.15
CA ALA C 26 12.15 -12.68 16.36
C ALA C 26 13.38 -12.09 15.71
N ILE C 27 14.54 -12.55 16.15
CA ILE C 27 15.80 -12.13 15.59
C ILE C 27 16.42 -13.36 14.96
N THR C 28 16.73 -13.29 13.67
CA THR C 28 17.33 -14.41 12.95
C THR C 28 18.72 -13.98 12.66
N GLU C 29 19.68 -14.80 13.08
CA GLU C 29 21.10 -14.55 12.90
C GLU C 29 21.70 -15.56 11.95
N VAL C 30 22.40 -15.07 10.93
CA VAL C 30 23.04 -15.98 10.00
C VAL C 30 24.55 -15.85 10.18
N PHE C 31 25.20 -17.00 10.32
CA PHE C 31 26.64 -17.06 10.52
C PHE C 31 27.30 -17.71 9.32
N GLY C 32 28.43 -17.18 8.89
CA GLY C 32 29.15 -17.74 7.78
C GLY C 32 30.41 -16.99 7.44
N GLU C 33 31.27 -17.61 6.63
CA GLU C 33 32.52 -17.00 6.17
C GLU C 33 32.27 -15.99 5.05
N PHE C 34 33.32 -15.27 4.65
CA PHE C 34 33.21 -14.33 3.57
C PHE C 34 32.85 -15.13 2.32
N GLY C 35 31.88 -14.64 1.57
CA GLY C 35 31.43 -15.33 0.37
C GLY C 35 30.34 -16.38 0.53
N SER C 36 29.94 -16.69 1.76
CA SER C 36 28.89 -17.70 2.00
C SER C 36 27.45 -17.29 1.55
N GLY C 37 27.19 -16.00 1.33
CA GLY C 37 25.86 -15.57 0.86
C GLY C 37 24.94 -14.87 1.86
N LYS C 38 25.53 -14.25 2.88
CA LYS C 38 24.77 -13.54 3.89
C LYS C 38 24.05 -12.31 3.34
N THR C 39 24.80 -11.50 2.62
CA THR C 39 24.30 -10.30 2.00
C THR C 39 23.27 -10.60 0.91
N GLN C 40 23.49 -11.67 0.16
CA GLN C 40 22.55 -12.08 -0.91
C GLN C 40 21.22 -12.56 -0.37
N LEU C 41 21.26 -13.23 0.77
CA LEU C 41 20.03 -13.64 1.42
C LEU C 41 19.37 -12.35 1.97
N ALA C 42 20.17 -11.43 2.48
CA ALA C 42 19.65 -10.18 3.00
C ALA C 42 18.92 -9.38 1.92
N HIS C 43 19.50 -9.33 0.73
CA HIS C 43 18.89 -8.61 -0.39
C HIS C 43 17.58 -9.23 -0.82
N THR C 44 17.59 -10.54 -0.93
CA THR C 44 16.40 -11.32 -1.32
C THR C 44 15.24 -11.10 -0.35
N LEU C 45 15.54 -11.11 0.96
CA LEU C 45 14.58 -10.90 2.03
C LEU C 45 13.96 -9.51 1.97
N ALA C 46 14.74 -8.49 1.60
CA ALA C 46 14.28 -7.12 1.42
C ALA C 46 13.19 -7.04 0.30
N VAL C 47 13.24 -7.96 -0.69
CA VAL C 47 12.24 -8.07 -1.79
C VAL C 47 11.08 -8.96 -1.33
N MET C 48 11.37 -10.20 -0.84
CA MET C 48 10.35 -11.17 -0.43
C MET C 48 9.36 -10.65 0.57
N VAL C 49 9.78 -9.81 1.55
CA VAL C 49 8.86 -9.21 2.55
C VAL C 49 7.71 -8.39 1.88
N GLN C 50 7.99 -7.87 0.68
CA GLN C 50 7.05 -7.00 -0.02
C GLN C 50 5.91 -7.74 -0.70
N LEU C 51 6.08 -9.06 -0.90
CA LEU C 51 5.08 -9.91 -1.53
C LEU C 51 3.85 -10.08 -0.65
N PRO C 52 2.69 -10.49 -1.23
CA PRO C 52 1.52 -10.83 -0.41
C PRO C 52 1.81 -12.16 0.31
N PRO C 53 1.08 -12.50 1.43
CA PRO C 53 1.35 -13.78 2.13
C PRO C 53 1.13 -15.05 1.30
N GLU C 54 0.36 -14.96 0.21
CA GLU C 54 0.11 -16.11 -0.67
C GLU C 54 1.37 -16.52 -1.44
N GLU C 55 2.31 -15.58 -1.56
CA GLU C 55 3.55 -15.84 -2.27
C GLU C 55 4.75 -15.94 -1.34
N GLY C 56 4.52 -15.66 -0.07
CA GLY C 56 5.54 -15.78 0.98
C GLY C 56 6.02 -14.49 1.63
N GLY C 57 5.32 -13.39 1.40
CA GLY C 57 5.71 -12.11 1.99
C GLY C 57 4.70 -11.63 3.01
N LEU C 58 4.79 -10.36 3.44
CA LEU C 58 3.86 -9.84 4.43
C LEU C 58 3.31 -8.47 4.03
N ASN C 59 3.29 -8.14 2.71
CA ASN C 59 2.82 -6.84 2.20
C ASN C 59 3.54 -5.68 2.91
N GLY C 60 4.81 -5.88 3.21
CA GLY C 60 5.60 -4.92 3.95
C GLY C 60 6.73 -4.26 3.22
N SER C 61 7.38 -3.37 3.92
CA SER C 61 8.54 -2.67 3.45
C SER C 61 9.77 -3.21 4.25
N ALA C 62 10.97 -2.84 3.84
CA ALA C 62 12.16 -3.31 4.52
C ALA C 62 13.12 -2.19 4.88
N MET C 63 13.83 -2.36 5.99
CA MET C 63 14.83 -1.42 6.45
C MET C 63 16.16 -2.17 6.44
N TYR C 64 17.18 -1.56 5.87
CA TYR C 64 18.47 -2.19 5.72
C TYR C 64 19.60 -1.33 6.24
N ILE C 65 20.30 -1.79 7.28
CA ILE C 65 21.43 -1.04 7.77
C ILE C 65 22.66 -1.79 7.27
N ASP C 66 23.46 -1.09 6.48
CA ASP C 66 24.65 -1.63 5.85
C ASP C 66 25.94 -1.15 6.50
N THR C 67 26.61 -2.03 7.23
CA THR C 67 27.86 -1.68 7.88
C THR C 67 29.08 -2.01 7.04
N GLU C 68 28.88 -2.76 5.97
CA GLU C 68 30.00 -3.17 5.13
C GLU C 68 30.06 -2.58 3.74
N ASN C 69 29.24 -1.57 3.48
CA ASN C 69 29.16 -0.93 2.17
C ASN C 69 28.94 -1.95 1.04
N THR C 70 28.07 -2.93 1.28
CA THR C 70 27.78 -3.95 0.28
C THR C 70 26.33 -3.94 -0.18
N PHE C 71 25.58 -2.93 0.23
CA PHE C 71 24.20 -2.82 -0.23
C PHE C 71 24.16 -2.31 -1.66
N ARG C 72 23.46 -3.03 -2.53
CA ARG C 72 23.35 -2.67 -3.93
C ARG C 72 21.92 -2.49 -4.40
N PRO C 73 21.48 -1.23 -4.65
CA PRO C 73 20.13 -1.01 -5.23
C PRO C 73 19.92 -1.74 -6.57
N GLU C 74 20.94 -1.80 -7.44
CA GLU C 74 20.81 -2.49 -8.71
C GLU C 74 20.66 -4.05 -8.55
N ARG C 75 21.04 -4.58 -7.40
CA ARG C 75 20.85 -6.01 -7.15
C ARG C 75 19.37 -6.26 -6.80
N LEU C 76 18.78 -5.37 -6.02
CA LEU C 76 17.35 -5.45 -5.68
C LEU C 76 16.47 -5.38 -6.95
N ARG C 77 16.84 -4.46 -7.88
CA ARG C 77 16.19 -4.22 -9.17
C ARG C 77 16.30 -5.53 -9.99
N GLU C 78 17.47 -6.14 -10.00
CA GLU C 78 17.68 -7.39 -10.71
C GLU C 78 16.78 -8.50 -10.18
N ILE C 79 16.72 -8.64 -8.86
CA ILE C 79 15.90 -9.66 -8.21
C ILE C 79 14.40 -9.44 -8.49
N ALA C 80 13.93 -8.21 -8.29
CA ALA C 80 12.57 -7.79 -8.57
C ALA C 80 12.22 -8.09 -10.07
N GLN C 81 12.98 -7.54 -11.03
CA GLN C 81 12.81 -7.76 -12.49
C GLN C 81 12.76 -9.26 -12.83
N ASN C 82 13.69 -10.03 -12.30
CA ASN C 82 13.74 -11.46 -12.57
C ASN C 82 12.59 -12.26 -11.96
N ARG C 83 11.97 -11.71 -10.94
CA ARG C 83 10.83 -12.33 -10.28
C ARG C 83 9.48 -11.80 -10.82
N GLY C 84 9.53 -10.93 -11.83
CA GLY C 84 8.34 -10.35 -12.44
C GLY C 84 7.68 -9.27 -11.61
N LEU C 85 8.45 -8.61 -10.74
CA LEU C 85 7.94 -7.58 -9.87
C LEU C 85 8.39 -6.24 -10.41
N ASP C 86 7.61 -5.17 -10.22
CA ASP C 86 7.96 -3.82 -10.67
C ASP C 86 9.21 -3.36 -9.90
N PRO C 87 10.34 -3.11 -10.59
CA PRO C 87 11.57 -2.77 -9.84
C PRO C 87 11.57 -1.42 -9.12
N ASP C 88 10.90 -0.40 -9.68
CA ASP C 88 10.83 0.92 -9.06
C ASP C 88 10.00 0.91 -7.77
N GLU C 89 8.97 0.06 -7.71
CA GLU C 89 8.18 -0.08 -6.50
C GLU C 89 9.02 -0.81 -5.44
N VAL C 90 9.68 -1.90 -5.83
CA VAL C 90 10.57 -2.66 -4.93
C VAL C 90 11.65 -1.74 -4.34
N LEU C 91 12.29 -0.90 -5.15
CA LEU C 91 13.29 0.03 -4.63
C LEU C 91 12.64 1.07 -3.71
N ASP C 92 11.41 1.48 -4.02
CA ASP C 92 10.72 2.46 -3.18
C ASP C 92 10.42 1.87 -1.81
N ASN C 93 10.19 0.57 -1.77
CA ASN C 93 9.82 -0.14 -0.54
C ASN C 93 11.01 -0.63 0.30
N VAL C 94 12.23 -0.22 -0.03
CA VAL C 94 13.42 -0.58 0.75
C VAL C 94 14.09 0.71 1.23
N ALA C 95 14.15 0.88 2.55
CA ALA C 95 14.83 2.01 3.16
C ALA C 95 16.22 1.51 3.57
N TYR C 96 17.28 2.26 3.24
CA TYR C 96 18.62 1.83 3.58
C TYR C 96 19.55 2.93 4.06
N ALA C 97 20.61 2.55 4.77
CA ALA C 97 21.58 3.48 5.29
C ALA C 97 22.92 2.80 5.60
N ARG C 98 24.00 3.44 5.18
CA ARG C 98 25.32 2.91 5.42
C ARG C 98 25.82 3.38 6.77
N ALA C 99 26.18 2.45 7.63
CA ALA C 99 26.68 2.76 8.96
C ALA C 99 28.20 2.79 8.95
N PHE C 100 28.76 3.97 9.13
CA PHE C 100 30.21 4.17 9.14
C PHE C 100 30.93 3.48 10.29
N ASN C 101 30.32 3.49 11.48
CA ASN C 101 30.92 2.88 12.66
C ASN C 101 29.88 2.49 13.71
N SER C 102 30.30 1.71 14.70
CA SER C 102 29.43 1.25 15.78
C SER C 102 28.51 2.31 16.38
N ASN C 103 29.03 3.50 16.61
CA ASN C 103 28.23 4.58 17.17
C ASN C 103 27.17 5.04 16.18
N HIS C 104 27.57 5.18 14.92
CA HIS C 104 26.66 5.59 13.86
C HIS C 104 25.58 4.55 13.68
N GLN C 105 26.00 3.28 13.73
CA GLN C 105 25.11 2.16 13.58
C GLN C 105 24.06 2.13 14.69
N MET C 106 24.49 2.44 15.90
CA MET C 106 23.60 2.48 17.04
C MET C 106 22.59 3.61 16.88
N GLN C 107 23.05 4.74 16.38
CA GLN C 107 22.19 5.90 16.15
C GLN C 107 21.15 5.63 15.07
N LEU C 108 21.56 4.94 14.02
CA LEU C 108 20.68 4.60 12.92
C LEU C 108 19.55 3.71 13.40
N LEU C 109 19.80 2.97 14.46
CA LEU C 109 18.79 2.08 15.02
C LEU C 109 17.67 2.93 15.60
N TYR C 110 18.04 4.05 16.22
CA TYR C 110 17.04 4.94 16.77
C TYR C 110 16.18 5.53 15.67
N GLN C 111 16.83 5.96 14.60
CA GLN C 111 16.15 6.56 13.46
C GLN C 111 15.20 5.57 12.83
N ALA C 112 15.66 4.33 12.70
CA ALA C 112 14.87 3.26 12.10
C ALA C 112 13.62 3.01 12.89
N SER C 113 13.76 3.01 14.22
CA SER C 113 12.63 2.82 15.09
C SER C 113 11.64 3.95 14.92
N ALA C 114 12.14 5.16 14.82
CA ALA C 114 11.28 6.32 14.64
C ALA C 114 10.50 6.20 13.35
N MET C 115 11.17 5.81 12.28
CA MET C 115 10.51 5.66 11.00
C MET C 115 9.47 4.56 11.06
N MET C 116 9.83 3.48 11.74
CA MET C 116 8.95 2.35 11.92
C MET C 116 7.74 2.76 12.74
N VAL C 117 7.98 3.56 13.77
CA VAL C 117 6.91 4.05 14.63
C VAL C 117 5.99 4.93 13.80
N GLU C 118 6.62 5.78 13.01
CA GLU C 118 5.92 6.76 12.20
C GLU C 118 5.09 6.10 11.12
N SER C 119 5.64 5.06 10.50
CA SER C 119 4.94 4.35 9.45
C SER C 119 4.29 3.11 10.03
N LEU C 120 4.01 3.09 11.33
CA LEU C 120 3.38 1.92 11.93
C LEU C 120 1.99 1.72 11.36
N ASN C 121 1.26 2.82 11.18
CA ASN C 121 -0.03 2.73 10.55
C ASN C 121 0.09 3.42 9.20
N THR C 122 0.17 2.60 8.15
CA THR C 122 0.28 3.06 6.77
C THR C 122 -0.15 1.94 5.85
N ASP C 123 -0.20 2.22 4.56
CA ASP C 123 -0.58 1.21 3.58
C ASP C 123 0.41 0.06 3.58
N ARG C 124 1.69 0.40 3.66
CA ARG C 124 2.78 -0.58 3.66
C ARG C 124 3.79 -0.23 4.73
N PRO C 125 3.68 -0.92 5.89
CA PRO C 125 4.56 -0.71 7.04
C PRO C 125 5.82 -1.54 6.94
N TYR C 126 6.84 -1.18 7.72
CA TYR C 126 8.09 -1.91 7.72
C TYR C 126 7.92 -3.18 8.53
N LYS C 127 8.18 -4.32 7.91
CA LYS C 127 8.06 -5.61 8.58
C LYS C 127 9.38 -6.37 8.68
N LEU C 128 10.44 -5.78 8.14
CA LEU C 128 11.75 -6.41 8.20
C LEU C 128 12.81 -5.38 8.49
N LEU C 129 13.71 -5.73 9.40
CA LEU C 129 14.90 -4.93 9.68
C LEU C 129 16.11 -5.81 9.47
N ILE C 130 17.02 -5.34 8.63
CA ILE C 130 18.22 -6.07 8.31
C ILE C 130 19.46 -5.31 8.75
N VAL C 131 20.33 -5.99 9.49
CA VAL C 131 21.58 -5.38 9.86
C VAL C 131 22.66 -6.29 9.27
N ASP C 132 23.40 -5.78 8.29
CA ASP C 132 24.46 -6.53 7.64
C ASP C 132 25.71 -5.68 7.59
N SER C 133 26.71 -6.01 8.39
CA SER C 133 26.64 -7.07 9.37
C SER C 133 26.57 -6.52 10.78
N LEU C 134 26.05 -7.33 11.68
CA LEU C 134 25.92 -6.94 13.07
C LEU C 134 27.25 -6.69 13.77
N THR C 135 28.23 -7.55 13.53
CA THR C 135 29.53 -7.47 14.19
C THR C 135 30.77 -6.92 13.47
N SER C 136 30.68 -6.48 12.23
CA SER C 136 31.88 -6.01 11.55
C SER C 136 32.53 -4.79 12.19
N HIS C 137 31.72 -3.85 12.65
CA HIS C 137 32.23 -2.62 13.27
C HIS C 137 32.80 -2.82 14.67
N PHE C 138 32.10 -3.58 15.49
CA PHE C 138 32.50 -3.85 16.86
C PHE C 138 33.86 -4.52 16.93
N ARG C 139 34.11 -5.43 15.99
CA ARG C 139 35.40 -6.13 15.94
C ARG C 139 36.53 -5.22 15.48
N ALA C 149 35.49 -3.97 26.32
CA ALA C 149 34.60 -3.59 27.40
C ALA C 149 33.42 -2.82 26.85
N GLU C 150 33.70 -1.63 26.32
CA GLU C 150 32.66 -0.79 25.75
C GLU C 150 32.04 -1.49 24.53
N ARG C 151 32.87 -2.13 23.72
CA ARG C 151 32.39 -2.82 22.54
C ARG C 151 31.43 -3.93 22.92
N GLN C 152 31.79 -4.67 23.97
CA GLN C 152 30.95 -5.75 24.45
C GLN C 152 29.62 -5.22 24.96
N GLN C 153 29.67 -4.13 25.72
CA GLN C 153 28.48 -3.50 26.26
C GLN C 153 27.57 -2.94 25.19
N LYS C 154 28.15 -2.28 24.21
CA LYS C 154 27.41 -1.69 23.11
C LYS C 154 26.67 -2.73 22.26
N LEU C 155 27.34 -3.84 21.97
CA LEU C 155 26.73 -4.91 21.17
C LEU C 155 25.55 -5.51 21.92
N ALA C 156 25.73 -5.70 23.22
CA ALA C 156 24.68 -6.24 24.08
C ALA C 156 23.49 -5.29 24.12
N ARG C 157 23.78 -3.99 24.17
CA ARG C 157 22.75 -2.96 24.21
C ARG C 157 22.05 -2.93 22.85
N PHE C 158 22.83 -3.04 21.79
CA PHE C 158 22.29 -3.01 20.43
C PHE C 158 21.33 -4.19 20.23
N LEU C 159 21.73 -5.36 20.72
CA LEU C 159 20.92 -6.55 20.61
C LEU C 159 19.62 -6.43 21.40
N ARG C 160 19.69 -5.80 22.56
CA ARG C 160 18.52 -5.60 23.40
C ARG C 160 17.51 -4.72 22.66
N MET C 161 18.01 -3.68 22.01
CA MET C 161 17.19 -2.77 21.24
C MET C 161 16.52 -3.49 20.07
N LEU C 162 17.25 -4.40 19.43
CA LEU C 162 16.69 -5.15 18.32
C LEU C 162 15.51 -6.01 18.78
N HIS C 163 15.64 -6.61 19.96
CA HIS C 163 14.57 -7.42 20.52
C HIS C 163 13.40 -6.51 20.85
N ARG C 164 13.70 -5.34 21.37
CA ARG C 164 12.68 -4.38 21.75
C ARG C 164 11.80 -4.06 20.53
N LEU C 165 12.42 -3.72 19.43
CA LEU C 165 11.72 -3.38 18.21
C LEU C 165 10.93 -4.53 17.63
N ALA C 166 11.54 -5.71 17.58
CA ALA C 166 10.86 -6.85 16.98
C ALA C 166 9.58 -7.22 17.67
N ASN C 167 9.62 -7.30 18.99
CA ASN C 167 8.43 -7.66 19.75
C ASN C 167 7.34 -6.59 19.70
N GLU C 168 7.75 -5.34 19.84
CA GLU C 168 6.82 -4.21 19.81
C GLU C 168 6.09 -3.93 18.50
N PHE C 169 6.82 -4.00 17.38
CA PHE C 169 6.21 -3.72 16.08
C PHE C 169 5.92 -4.93 15.22
N ASP C 170 6.01 -6.12 15.79
CA ASP C 170 5.72 -7.35 15.07
C ASP C 170 6.52 -7.45 13.77
N ILE C 171 7.81 -7.16 13.83
CA ILE C 171 8.67 -7.24 12.66
C ILE C 171 9.70 -8.36 12.78
N ALA C 172 10.38 -8.66 11.67
CA ALA C 172 11.41 -9.69 11.61
C ALA C 172 12.69 -8.98 11.62
N VAL C 173 13.60 -9.40 12.49
CA VAL C 173 14.95 -8.84 12.51
C VAL C 173 15.87 -9.88 11.87
N PHE C 174 16.66 -9.47 10.88
CA PHE C 174 17.60 -10.37 10.24
C PHE C 174 18.95 -9.78 10.40
N VAL C 175 19.86 -10.49 11.05
CA VAL C 175 21.22 -10.01 11.24
C VAL C 175 22.27 -11.01 10.76
N THR C 176 23.41 -10.50 10.33
CA THR C 176 24.47 -11.33 9.84
C THR C 176 25.78 -11.17 10.62
N ASN C 177 26.47 -12.27 10.86
CA ASN C 177 27.74 -12.28 11.56
C ASN C 177 28.77 -12.99 10.70
N GLN C 178 29.93 -12.36 10.51
CA GLN C 178 30.97 -12.97 9.69
C GLN C 178 31.91 -13.84 10.50
N VAL C 179 32.11 -15.07 10.05
CA VAL C 179 32.98 -16.03 10.72
C VAL C 179 34.39 -15.94 10.15
N GLY C 184 32.78 -21.71 12.57
CA GLY C 184 32.34 -23.08 12.41
C GLY C 184 31.46 -23.53 13.56
N HIS C 185 32.08 -23.76 14.72
CA HIS C 185 31.32 -24.19 15.89
C HIS C 185 30.88 -22.95 16.65
N ILE C 186 29.58 -22.72 16.66
CA ILE C 186 29.00 -21.56 17.33
C ILE C 186 27.98 -22.02 18.36
N LEU C 187 27.99 -21.37 19.51
CA LEU C 187 27.09 -21.70 20.60
C LEU C 187 25.64 -21.41 20.28
N ALA C 188 24.76 -22.33 20.62
CA ALA C 188 23.32 -22.12 20.40
C ALA C 188 22.85 -21.06 21.41
N HIS C 189 21.89 -20.24 21.01
CA HIS C 189 21.32 -19.18 21.83
C HIS C 189 19.82 -19.34 21.85
N SER C 190 19.22 -19.25 23.04
CA SER C 190 17.79 -19.41 23.28
C SER C 190 16.98 -18.24 22.69
N ALA C 191 17.45 -17.01 22.92
CA ALA C 191 16.82 -15.75 22.50
C ALA C 191 16.64 -15.57 20.99
N THR C 192 17.66 -15.91 20.17
CA THR C 192 17.66 -15.72 18.72
C THR C 192 17.76 -17.04 17.95
N LEU C 193 17.33 -17.05 16.67
CA LEU C 193 17.43 -18.26 15.84
C LEU C 193 18.70 -18.13 15.00
N ARG C 194 19.67 -19.04 15.24
CA ARG C 194 20.97 -19.04 14.58
C ARG C 194 21.08 -20.06 13.44
N VAL C 195 21.62 -19.58 12.30
CA VAL C 195 21.78 -20.37 11.07
C VAL C 195 23.20 -20.26 10.63
N TYR C 196 23.80 -21.38 10.22
CA TYR C 196 25.16 -21.35 9.69
C TYR C 196 25.14 -21.66 8.19
N LEU C 197 25.76 -20.77 7.42
CA LEU C 197 25.89 -20.86 5.97
C LEU C 197 27.32 -21.15 5.58
N ARG C 198 27.50 -21.94 4.54
CA ARG C 198 28.84 -22.26 4.06
C ARG C 198 28.79 -22.62 2.59
N LYS C 199 29.85 -22.28 1.87
CA LYS C 199 29.98 -22.57 0.45
C LYS C 199 30.10 -24.08 0.22
N GLY C 200 29.08 -24.65 -0.40
CA GLY C 200 29.01 -26.08 -0.69
C GLY C 200 29.67 -26.51 -1.98
N LYS C 201 29.39 -27.75 -2.39
CA LYS C 201 29.95 -28.30 -3.61
C LYS C 201 29.51 -27.46 -4.80
N GLY C 202 30.41 -27.26 -5.75
CA GLY C 202 30.13 -26.46 -6.90
C GLY C 202 29.79 -25.06 -6.44
N GLY C 203 28.70 -24.50 -6.97
CA GLY C 203 28.28 -23.17 -6.57
C GLY C 203 27.17 -23.11 -5.53
N LYS C 204 26.68 -24.27 -5.12
CA LYS C 204 25.60 -24.34 -4.14
C LYS C 204 26.00 -23.96 -2.72
N ARG C 205 25.02 -23.60 -1.91
CA ARG C 205 25.25 -23.24 -0.52
C ARG C 205 24.50 -24.15 0.42
N ILE C 206 25.05 -24.35 1.61
CA ILE C 206 24.43 -25.19 2.62
C ILE C 206 24.13 -24.42 3.90
N ALA C 207 22.91 -24.56 4.39
CA ALA C 207 22.43 -23.90 5.57
C ALA C 207 22.16 -24.98 6.61
N ARG C 208 22.47 -24.68 7.87
CA ARG C 208 22.34 -25.59 9.01
C ARG C 208 21.82 -24.78 10.19
N LEU C 209 20.82 -25.31 10.93
CA LEU C 209 20.34 -24.62 12.11
C LEU C 209 21.34 -24.86 13.25
N ILE C 210 21.84 -23.78 13.88
CA ILE C 210 22.77 -23.82 15.01
C ILE C 210 21.91 -23.98 16.27
N GLY C 218 19.33 -31.93 10.06
CA GLY C 218 18.85 -31.57 8.73
C GLY C 218 19.61 -30.42 8.09
N GLU C 219 19.91 -30.54 6.78
CA GLU C 219 20.62 -29.51 6.00
C GLU C 219 19.80 -29.06 4.80
N ALA C 220 19.92 -27.76 4.44
CA ALA C 220 19.23 -27.13 3.31
C ALA C 220 20.22 -26.76 2.22
N VAL C 221 19.93 -27.15 0.98
CA VAL C 221 20.81 -26.79 -0.14
C VAL C 221 20.11 -25.79 -1.05
N PHE C 222 20.78 -24.67 -1.29
CA PHE C 222 20.24 -23.61 -2.13
C PHE C 222 21.33 -22.98 -2.98
N SER C 223 20.92 -22.10 -3.89
CA SER C 223 21.87 -21.42 -4.75
C SER C 223 21.56 -19.94 -4.85
N ILE C 224 22.51 -19.16 -5.33
CA ILE C 224 22.29 -17.74 -5.52
C ILE C 224 22.22 -17.50 -7.02
N THR C 225 21.11 -16.93 -7.47
CA THR C 225 20.93 -16.68 -8.89
C THR C 225 20.55 -15.23 -9.16
N GLU C 226 20.03 -14.98 -10.35
CA GLU C 226 19.55 -13.67 -10.77
C GLU C 226 18.28 -13.24 -10.01
N LYS C 227 17.52 -14.24 -9.55
CA LYS C 227 16.31 -14.06 -8.75
C LYS C 227 16.65 -13.93 -7.25
N GLY C 228 17.92 -14.05 -6.90
CA GLY C 228 18.37 -13.93 -5.54
C GLY C 228 18.68 -15.31 -5.02
N ILE C 229 17.98 -15.69 -3.97
CA ILE C 229 18.17 -17.02 -3.40
C ILE C 229 17.06 -17.96 -3.86
N GLU C 230 17.45 -19.13 -4.34
CA GLU C 230 16.50 -20.15 -4.78
C GLU C 230 17.14 -21.53 -4.75
N ASP C 231 16.31 -22.56 -4.73
CA ASP C 231 16.82 -23.93 -4.68
C ASP C 231 17.79 -24.24 -5.81
N ALA D 2 2.84 -4.31 -35.26
CA ALA D 2 1.40 -4.11 -35.42
C ALA D 2 0.91 -2.96 -34.56
N THR D 3 -0.12 -2.26 -35.04
CA THR D 3 -0.70 -1.15 -34.30
C THR D 3 -1.47 -1.64 -33.09
N ILE D 4 -1.40 -0.89 -32.00
CA ILE D 4 -2.11 -1.27 -30.79
C ILE D 4 -3.62 -1.17 -31.00
N GLY D 5 -4.34 -2.17 -30.52
CA GLY D 5 -5.79 -2.22 -30.63
C GLY D 5 -6.36 -2.03 -29.24
N ARG D 6 -7.55 -1.45 -29.15
CA ARG D 6 -8.18 -1.20 -27.87
C ARG D 6 -9.50 -1.93 -27.72
N ILE D 7 -9.70 -2.63 -26.61
CA ILE D 7 -10.97 -3.32 -26.39
C ILE D 7 -11.73 -2.48 -25.37
N SER D 8 -12.97 -2.11 -25.69
CA SER D 8 -13.82 -1.34 -24.78
C SER D 8 -14.20 -2.17 -23.57
N THR D 9 -14.18 -1.54 -22.41
CA THR D 9 -14.57 -2.21 -21.16
C THR D 9 -16.09 -2.14 -20.98
N GLY D 10 -16.74 -1.33 -21.79
CA GLY D 10 -18.18 -1.18 -21.72
C GLY D 10 -18.54 0.12 -21.03
N SER D 11 -17.57 0.73 -20.36
CA SER D 11 -17.80 1.98 -19.66
C SER D 11 -17.01 3.11 -20.28
N LYS D 12 -17.69 4.20 -20.62
CA LYS D 12 -17.05 5.36 -21.23
C LYS D 12 -16.02 5.98 -20.30
N SER D 13 -16.35 6.08 -19.02
CA SER D 13 -15.45 6.66 -18.04
C SER D 13 -14.17 5.85 -17.94
N LEU D 14 -14.35 4.54 -17.84
CA LEU D 14 -13.23 3.62 -17.74
C LEU D 14 -12.33 3.62 -18.99
N ASP D 15 -12.95 3.63 -20.17
CA ASP D 15 -12.20 3.62 -21.42
C ASP D 15 -11.31 4.84 -21.55
N LYS D 16 -11.85 5.98 -21.14
CA LYS D 16 -11.12 7.26 -21.16
C LYS D 16 -9.99 7.24 -20.13
N LEU D 17 -10.19 6.57 -18.97
CA LEU D 17 -9.10 6.43 -18.00
C LEU D 17 -7.97 5.60 -18.66
N LEU D 18 -8.34 4.54 -19.36
CA LEU D 18 -7.38 3.67 -20.04
C LEU D 18 -6.85 4.21 -21.38
N GLY D 19 -7.47 5.31 -21.84
CA GLY D 19 -7.11 5.97 -23.09
C GLY D 19 -7.65 5.29 -24.35
N GLY D 20 -8.84 4.71 -24.25
CA GLY D 20 -9.52 4.05 -25.35
C GLY D 20 -10.05 2.68 -24.99
N GLY D 21 -9.45 2.05 -23.99
CA GLY D 21 -9.81 0.70 -23.54
C GLY D 21 -8.57 -0.11 -23.27
N ILE D 22 -8.69 -1.44 -23.12
CA ILE D 22 -7.50 -2.22 -22.82
C ILE D 22 -6.73 -2.46 -24.11
N GLU D 23 -5.40 -2.34 -24.03
CA GLU D 23 -4.57 -2.46 -25.20
C GLU D 23 -4.04 -3.83 -25.54
N THR D 24 -3.80 -4.02 -26.83
CA THR D 24 -3.18 -5.23 -27.35
C THR D 24 -1.67 -5.04 -27.16
N GLN D 25 -0.95 -6.16 -27.11
CA GLN D 25 0.51 -6.21 -26.87
C GLN D 25 0.88 -5.57 -25.53
N ALA D 26 0.04 -5.80 -24.53
CA ALA D 26 0.22 -5.25 -23.20
C ALA D 26 -0.56 -6.13 -22.24
N ILE D 27 -0.07 -6.18 -21.02
CA ILE D 27 -0.73 -6.93 -19.97
C ILE D 27 -1.39 -5.91 -19.06
N THR D 28 -2.71 -6.03 -18.92
CA THR D 28 -3.47 -5.14 -18.06
C THR D 28 -3.86 -5.91 -16.81
N GLU D 29 -3.50 -5.36 -15.66
CA GLU D 29 -3.79 -5.96 -14.38
C GLU D 29 -4.80 -5.16 -13.60
N VAL D 30 -5.76 -5.85 -13.01
CA VAL D 30 -6.74 -5.17 -12.17
C VAL D 30 -6.53 -5.61 -10.74
N PHE D 31 -6.45 -4.65 -9.85
CA PHE D 31 -6.28 -4.92 -8.44
C PHE D 31 -7.48 -4.43 -7.69
N GLY D 32 -7.98 -5.23 -6.76
CA GLY D 32 -9.11 -4.83 -5.94
C GLY D 32 -9.51 -5.86 -4.92
N GLU D 33 -10.33 -5.46 -3.95
CA GLU D 33 -10.83 -6.36 -2.92
C GLU D 33 -11.91 -7.23 -3.50
N PHE D 34 -12.23 -8.33 -2.84
CA PHE D 34 -13.31 -9.21 -3.26
C PHE D 34 -14.61 -8.43 -3.47
N GLY D 35 -15.32 -8.74 -4.55
CA GLY D 35 -16.56 -8.04 -4.92
C GLY D 35 -16.40 -6.66 -5.53
N SER D 36 -15.16 -6.26 -5.90
CA SER D 36 -14.87 -4.96 -6.52
C SER D 36 -15.23 -4.91 -8.05
N GLY D 37 -15.44 -6.06 -8.68
CA GLY D 37 -15.82 -6.11 -10.10
C GLY D 37 -14.78 -6.63 -11.08
N LYS D 38 -13.78 -7.36 -10.60
CA LYS D 38 -12.74 -7.92 -11.46
C LYS D 38 -13.25 -8.96 -12.46
N THR D 39 -14.01 -9.94 -11.98
CA THR D 39 -14.58 -11.01 -12.79
C THR D 39 -15.64 -10.50 -13.74
N GLN D 40 -16.39 -9.53 -13.26
CA GLN D 40 -17.45 -8.87 -14.04
C GLN D 40 -16.85 -8.13 -15.23
N LEU D 41 -15.71 -7.47 -15.00
CA LEU D 41 -14.96 -6.79 -16.04
C LEU D 41 -14.38 -7.80 -17.03
N ALA D 42 -13.91 -8.93 -16.54
CA ALA D 42 -13.38 -9.98 -17.41
C ALA D 42 -14.49 -10.53 -18.30
N HIS D 43 -15.67 -10.72 -17.72
CA HIS D 43 -16.81 -11.25 -18.44
C HIS D 43 -17.26 -10.32 -19.57
N THR D 44 -17.28 -9.03 -19.26
CA THR D 44 -17.68 -7.99 -20.22
C THR D 44 -16.67 -7.89 -21.41
N LEU D 45 -15.36 -7.94 -21.09
CA LEU D 45 -14.29 -7.83 -22.08
C LEU D 45 -14.32 -8.98 -23.05
N ALA D 46 -14.69 -10.19 -22.54
CA ALA D 46 -14.85 -11.43 -23.31
C ALA D 46 -15.96 -11.26 -24.37
N VAL D 47 -16.94 -10.37 -24.09
CA VAL D 47 -18.02 -10.06 -25.03
C VAL D 47 -17.54 -8.95 -25.97
N MET D 48 -17.16 -7.77 -25.42
CA MET D 48 -16.72 -6.56 -26.14
C MET D 48 -15.68 -6.78 -27.23
N VAL D 49 -14.68 -7.66 -27.01
CA VAL D 49 -13.62 -7.97 -28.01
C VAL D 49 -14.22 -8.42 -29.37
N GLN D 50 -15.33 -9.20 -29.33
CA GLN D 50 -16.03 -9.78 -30.49
C GLN D 50 -16.62 -8.75 -31.44
N LEU D 51 -16.95 -7.58 -30.90
CA LEU D 51 -17.53 -6.48 -31.66
C LEU D 51 -16.56 -5.88 -32.68
N PRO D 52 -17.05 -5.17 -33.74
CA PRO D 52 -16.12 -4.55 -34.67
C PRO D 52 -15.53 -3.27 -34.06
N PRO D 53 -14.41 -2.70 -34.58
CA PRO D 53 -13.85 -1.48 -33.97
C PRO D 53 -14.81 -0.32 -33.74
N GLU D 54 -15.83 -0.11 -34.61
CA GLU D 54 -16.83 0.96 -34.45
C GLU D 54 -17.76 0.72 -33.25
N GLU D 55 -17.91 -0.55 -32.80
CA GLU D 55 -18.74 -0.89 -31.64
C GLU D 55 -17.88 -1.06 -30.36
N GLY D 56 -16.56 -0.99 -30.50
CA GLY D 56 -15.60 -1.05 -29.40
C GLY D 56 -14.77 -2.31 -29.22
N GLY D 57 -14.80 -3.18 -30.23
CA GLY D 57 -14.08 -4.45 -30.20
C GLY D 57 -12.98 -4.50 -31.23
N LEU D 58 -12.51 -5.72 -31.53
CA LEU D 58 -11.44 -5.95 -32.51
C LEU D 58 -11.81 -7.10 -33.45
N ASN D 59 -13.11 -7.41 -33.60
CA ASN D 59 -13.58 -8.54 -34.41
C ASN D 59 -12.85 -9.81 -34.02
N GLY D 60 -12.67 -10.01 -32.71
CA GLY D 60 -11.87 -11.12 -32.21
C GLY D 60 -12.64 -12.13 -31.41
N SER D 61 -11.91 -13.14 -30.96
CA SER D 61 -12.37 -14.25 -30.12
C SER D 61 -11.64 -14.12 -28.75
N ALA D 62 -12.18 -14.75 -27.72
CA ALA D 62 -11.56 -14.65 -26.40
C ALA D 62 -11.14 -15.98 -25.79
N MET D 63 -10.10 -15.93 -24.98
CA MET D 63 -9.63 -17.09 -24.26
C MET D 63 -9.78 -16.72 -22.79
N TYR D 64 -10.43 -17.58 -22.03
CA TYR D 64 -10.65 -17.30 -20.63
C TYR D 64 -10.10 -18.42 -19.77
N ILE D 65 -9.14 -18.10 -18.92
CA ILE D 65 -8.57 -19.12 -18.04
C ILE D 65 -9.08 -18.78 -16.66
N ASP D 66 -9.82 -19.71 -16.08
CA ASP D 66 -10.45 -19.51 -14.79
C ASP D 66 -9.80 -20.34 -13.70
N THR D 67 -9.31 -19.69 -12.66
CA THR D 67 -8.67 -20.42 -11.56
C THR D 67 -9.53 -20.38 -10.30
N GLU D 68 -10.57 -19.55 -10.29
CA GLU D 68 -11.40 -19.38 -9.10
C GLU D 68 -12.84 -19.88 -9.24
N ASN D 69 -13.06 -20.68 -10.27
CA ASN D 69 -14.36 -21.26 -10.59
C ASN D 69 -15.49 -20.23 -10.63
N THR D 70 -15.16 -19.00 -11.00
CA THR D 70 -16.16 -17.94 -11.08
C THR D 70 -16.70 -17.66 -12.48
N PHE D 71 -16.25 -18.41 -13.48
CA PHE D 71 -16.73 -18.21 -14.84
C PHE D 71 -18.16 -18.70 -14.96
N ARG D 72 -19.02 -17.90 -15.59
CA ARG D 72 -20.41 -18.27 -15.76
C ARG D 72 -20.91 -17.97 -17.18
N PRO D 73 -21.16 -19.03 -17.95
CA PRO D 73 -21.66 -18.94 -19.33
C PRO D 73 -22.99 -18.22 -19.42
N GLU D 74 -23.86 -18.43 -18.44
CA GLU D 74 -25.17 -17.79 -18.42
C GLU D 74 -25.02 -16.26 -18.34
N ARG D 75 -24.05 -15.78 -17.58
CA ARG D 75 -23.81 -14.34 -17.44
C ARG D 75 -23.41 -13.76 -18.79
N LEU D 76 -22.58 -14.49 -19.54
CA LEU D 76 -22.16 -14.04 -20.86
C LEU D 76 -23.40 -13.89 -21.71
N ARG D 77 -24.27 -14.91 -21.66
CA ARG D 77 -25.51 -14.89 -22.40
C ARG D 77 -26.29 -13.63 -22.07
N GLU D 78 -26.37 -13.32 -20.78
CA GLU D 78 -27.11 -12.14 -20.37
C GLU D 78 -26.47 -10.88 -20.93
N ILE D 79 -25.15 -10.79 -20.88
CA ILE D 79 -24.48 -9.61 -21.40
C ILE D 79 -24.71 -9.50 -22.90
N ALA D 80 -24.60 -10.62 -23.61
CA ALA D 80 -24.81 -10.64 -25.04
C ALA D 80 -26.26 -10.32 -25.42
N GLN D 81 -27.20 -10.92 -24.71
CA GLN D 81 -28.61 -10.70 -25.00
C GLN D 81 -28.97 -9.25 -24.78
N ASN D 82 -28.48 -8.70 -23.68
CA ASN D 82 -28.72 -7.30 -23.33
C ASN D 82 -28.04 -6.29 -24.24
N ARG D 83 -26.96 -6.71 -24.89
CA ARG D 83 -26.23 -5.88 -25.83
C ARG D 83 -26.73 -6.05 -27.26
N GLY D 84 -27.80 -6.83 -27.43
CA GLY D 84 -28.39 -7.07 -28.73
C GLY D 84 -27.74 -8.12 -29.60
N LEU D 85 -26.89 -8.95 -29.01
CA LEU D 85 -26.21 -9.99 -29.75
C LEU D 85 -26.85 -11.36 -29.60
N ASP D 86 -26.42 -12.31 -30.42
CA ASP D 86 -26.90 -13.68 -30.36
C ASP D 86 -26.07 -14.45 -29.32
N PRO D 87 -26.66 -14.91 -28.22
CA PRO D 87 -25.86 -15.62 -27.20
C PRO D 87 -25.01 -16.80 -27.73
N ASP D 88 -25.64 -17.69 -28.47
CA ASP D 88 -25.04 -18.89 -29.04
C ASP D 88 -23.76 -18.60 -29.78
N GLU D 89 -23.76 -17.53 -30.60
CA GLU D 89 -22.58 -17.12 -31.36
C GLU D 89 -21.50 -16.52 -30.42
N VAL D 90 -21.90 -15.65 -29.50
CA VAL D 90 -21.00 -15.04 -28.51
C VAL D 90 -20.26 -16.11 -27.68
N LEU D 91 -20.98 -17.14 -27.23
CA LEU D 91 -20.40 -18.24 -26.44
C LEU D 91 -19.50 -19.13 -27.28
N ASP D 92 -19.69 -19.13 -28.61
CA ASP D 92 -18.84 -19.91 -29.51
C ASP D 92 -17.48 -19.28 -29.72
N ASN D 93 -17.38 -17.95 -29.56
CA ASN D 93 -16.11 -17.23 -29.74
C ASN D 93 -15.34 -17.01 -28.45
N VAL D 94 -15.69 -17.76 -27.42
CA VAL D 94 -15.01 -17.66 -26.14
C VAL D 94 -14.51 -19.04 -25.69
N ALA D 95 -13.20 -19.23 -25.78
CA ALA D 95 -12.57 -20.48 -25.36
C ALA D 95 -12.39 -20.42 -23.85
N TYR D 96 -12.81 -21.47 -23.15
CA TYR D 96 -12.75 -21.49 -21.71
C TYR D 96 -12.07 -22.72 -21.12
N ALA D 97 -11.26 -22.50 -20.08
CA ALA D 97 -10.59 -23.57 -19.36
C ALA D 97 -10.42 -23.24 -17.87
N ARG D 98 -10.80 -24.20 -17.03
CA ARG D 98 -10.67 -24.12 -15.57
C ARG D 98 -9.25 -24.60 -15.24
N ALA D 99 -8.46 -23.78 -14.55
CA ALA D 99 -7.11 -24.19 -14.14
C ALA D 99 -7.26 -24.69 -12.70
N PHE D 100 -6.78 -25.92 -12.42
CA PHE D 100 -6.93 -26.52 -11.10
C PHE D 100 -5.78 -26.22 -10.16
N ASN D 101 -4.59 -26.05 -10.72
CA ASN D 101 -3.39 -25.74 -9.97
C ASN D 101 -2.46 -24.89 -10.80
N SER D 102 -1.36 -24.44 -10.20
CA SER D 102 -0.40 -23.60 -10.90
C SER D 102 0.24 -24.31 -12.11
N ASN D 103 0.52 -25.60 -11.96
CA ASN D 103 1.08 -26.36 -13.07
C ASN D 103 0.10 -26.43 -14.22
N HIS D 104 -1.18 -26.62 -13.89
CA HIS D 104 -2.23 -26.73 -14.88
C HIS D 104 -2.42 -25.45 -15.70
N GLN D 105 -2.35 -24.30 -15.03
CA GLN D 105 -2.49 -23.03 -15.74
C GLN D 105 -1.36 -22.83 -16.74
N MET D 106 -0.14 -23.24 -16.37
CA MET D 106 1.02 -23.13 -17.23
C MET D 106 0.82 -23.98 -18.48
N GLN D 107 0.27 -25.17 -18.30
CA GLN D 107 0.02 -26.09 -19.40
C GLN D 107 -1.00 -25.51 -20.37
N LEU D 108 -2.03 -24.89 -19.82
CA LEU D 108 -3.10 -24.28 -20.60
C LEU D 108 -2.58 -23.15 -21.49
N LEU D 109 -1.62 -22.38 -20.97
CA LEU D 109 -1.05 -21.27 -21.71
C LEU D 109 -0.37 -21.77 -22.98
N TYR D 110 0.32 -22.90 -22.91
CA TYR D 110 0.97 -23.47 -24.08
C TYR D 110 -0.09 -23.79 -25.12
N GLN D 111 -1.16 -24.42 -24.64
CA GLN D 111 -2.31 -24.82 -25.45
C GLN D 111 -3.00 -23.59 -26.08
N ALA D 112 -3.19 -22.51 -25.26
CA ALA D 112 -3.75 -21.24 -25.70
C ALA D 112 -2.86 -20.60 -26.77
N SER D 113 -1.54 -20.61 -26.56
CA SER D 113 -0.62 -20.04 -27.53
C SER D 113 -0.67 -20.81 -28.86
N ALA D 114 -0.79 -22.13 -28.79
CA ALA D 114 -0.92 -22.94 -30.00
C ALA D 114 -2.23 -22.60 -30.75
N MET D 115 -3.32 -22.36 -30.00
CA MET D 115 -4.60 -21.94 -30.58
C MET D 115 -4.48 -20.54 -31.20
N MET D 116 -3.64 -19.68 -30.63
CA MET D 116 -3.44 -18.35 -31.17
C MET D 116 -2.67 -18.46 -32.47
N VAL D 117 -1.72 -19.38 -32.53
CA VAL D 117 -0.95 -19.58 -33.74
C VAL D 117 -1.83 -20.05 -34.89
N GLU D 118 -2.71 -21.03 -34.63
CA GLU D 118 -3.57 -21.53 -35.69
C GLU D 118 -4.65 -20.54 -36.09
N SER D 119 -5.15 -19.78 -35.12
CA SER D 119 -6.17 -18.75 -35.37
C SER D 119 -5.64 -17.49 -36.07
N LEU D 120 -4.33 -17.34 -36.10
CA LEU D 120 -3.67 -16.22 -36.74
C LEU D 120 -3.98 -16.24 -38.23
N ASN D 121 -4.18 -15.06 -38.78
CA ASN D 121 -4.52 -14.85 -40.19
C ASN D 121 -5.82 -15.54 -40.62
N THR D 122 -6.80 -15.56 -39.73
CA THR D 122 -8.11 -16.12 -40.03
C THR D 122 -9.17 -15.03 -39.85
N ASP D 123 -10.42 -15.36 -40.10
CA ASP D 123 -11.48 -14.36 -39.99
C ASP D 123 -11.71 -13.86 -38.55
N ARG D 124 -11.46 -14.76 -37.57
CA ARG D 124 -11.65 -14.43 -36.16
C ARG D 124 -10.48 -14.92 -35.32
N PRO D 125 -9.37 -14.16 -35.28
CA PRO D 125 -8.25 -14.57 -34.43
C PRO D 125 -8.55 -14.29 -32.95
N TYR D 126 -7.83 -14.92 -32.04
CA TYR D 126 -8.04 -14.64 -30.63
C TYR D 126 -7.38 -13.32 -30.34
N LYS D 127 -8.16 -12.32 -29.96
CA LYS D 127 -7.61 -11.00 -29.67
C LYS D 127 -7.50 -10.70 -28.17
N LEU D 128 -7.98 -11.61 -27.33
CA LEU D 128 -7.93 -11.40 -25.89
C LEU D 128 -7.67 -12.66 -25.09
N LEU D 129 -6.89 -12.51 -24.02
CA LEU D 129 -6.57 -13.61 -23.13
C LEU D 129 -6.86 -13.13 -21.71
N ILE D 130 -7.75 -13.82 -21.03
CA ILE D 130 -8.13 -13.46 -19.70
C ILE D 130 -7.64 -14.47 -18.68
N VAL D 131 -7.01 -13.99 -17.63
CA VAL D 131 -6.56 -14.86 -16.56
C VAL D 131 -7.15 -14.35 -15.26
N ASP D 132 -8.21 -15.01 -14.80
CA ASP D 132 -8.90 -14.64 -13.58
C ASP D 132 -8.94 -15.87 -12.69
N SER D 133 -7.97 -16.01 -11.80
CA SER D 133 -7.20 -14.89 -11.32
C SER D 133 -5.73 -15.24 -11.29
N LEU D 134 -4.90 -14.25 -11.00
CA LEU D 134 -3.47 -14.47 -10.89
C LEU D 134 -3.13 -14.79 -9.44
N THR D 135 -4.10 -14.53 -8.57
CA THR D 135 -3.97 -14.73 -7.15
C THR D 135 -5.09 -15.63 -6.69
N SER D 136 -4.97 -16.92 -6.97
CA SER D 136 -6.00 -17.87 -6.56
C SER D 136 -5.60 -18.60 -5.29
N ALA D 147 5.06 -24.38 0.84
CA ALA D 147 6.05 -24.29 -0.25
C ALA D 147 5.78 -23.08 -1.18
N LEU D 148 5.48 -21.92 -0.55
CA LEU D 148 5.20 -20.63 -1.17
C LEU D 148 6.34 -20.11 -2.06
N ALA D 149 7.54 -20.65 -1.84
CA ALA D 149 8.71 -20.26 -2.60
C ALA D 149 8.61 -20.75 -4.04
N GLU D 150 8.12 -21.96 -4.21
CA GLU D 150 7.96 -22.54 -5.56
C GLU D 150 6.84 -21.79 -6.33
N ARG D 151 5.85 -21.30 -5.60
CA ARG D 151 4.76 -20.56 -6.20
C ARG D 151 5.25 -19.27 -6.83
N GLN D 152 6.15 -18.57 -6.15
CA GLN D 152 6.68 -17.34 -6.68
C GLN D 152 7.47 -17.56 -7.97
N GLN D 153 8.25 -18.63 -8.02
CA GLN D 153 9.00 -18.94 -9.23
C GLN D 153 8.05 -19.23 -10.39
N LYS D 154 7.00 -19.98 -10.11
CA LYS D 154 6.00 -20.34 -11.10
C LYS D 154 5.26 -19.13 -11.64
N LEU D 155 4.93 -18.20 -10.76
CA LEU D 155 4.23 -17.00 -11.16
C LEU D 155 5.08 -16.17 -12.09
N ALA D 156 6.37 -16.09 -11.80
CA ALA D 156 7.31 -15.35 -12.62
C ALA D 156 7.37 -15.95 -14.01
N ARG D 157 7.40 -17.27 -14.09
CA ARG D 157 7.45 -17.94 -15.37
C ARG D 157 6.20 -17.65 -16.17
N PHE D 158 5.05 -17.66 -15.50
CA PHE D 158 3.79 -17.41 -16.16
C PHE D 158 3.71 -16.02 -16.76
N LEU D 159 4.16 -15.03 -16.00
CA LEU D 159 4.12 -13.65 -16.47
C LEU D 159 5.01 -13.49 -17.68
N ARG D 160 6.14 -14.16 -17.66
CA ARG D 160 7.07 -14.10 -18.77
C ARG D 160 6.39 -14.64 -20.03
N MET D 161 5.66 -15.73 -19.88
CA MET D 161 4.97 -16.32 -21.01
C MET D 161 3.86 -15.38 -21.49
N LEU D 162 3.14 -14.80 -20.55
CA LEU D 162 2.04 -13.89 -20.90
C LEU D 162 2.56 -12.70 -21.67
N HIS D 163 3.69 -12.17 -21.23
CA HIS D 163 4.30 -11.03 -21.89
C HIS D 163 4.72 -11.39 -23.30
N ARG D 164 5.27 -12.59 -23.45
CA ARG D 164 5.70 -13.05 -24.75
C ARG D 164 4.51 -13.17 -25.69
N LEU D 165 3.41 -13.71 -25.21
CA LEU D 165 2.20 -13.89 -26.02
C LEU D 165 1.58 -12.58 -26.48
N ALA D 166 1.54 -11.60 -25.59
CA ALA D 166 0.93 -10.31 -25.90
C ALA D 166 1.63 -9.59 -27.03
N ASN D 167 2.95 -9.64 -27.04
CA ASN D 167 3.73 -8.97 -28.07
C ASN D 167 3.70 -9.76 -29.37
N GLU D 168 3.89 -11.06 -29.25
CA GLU D 168 3.93 -11.96 -30.41
C GLU D 168 2.64 -12.05 -31.22
N PHE D 169 1.50 -12.16 -30.55
CA PHE D 169 0.26 -12.33 -31.28
C PHE D 169 -0.67 -11.14 -31.35
N ASP D 170 -0.19 -9.96 -30.93
CA ASP D 170 -0.99 -8.74 -30.95
C ASP D 170 -2.33 -8.94 -30.23
N ILE D 171 -2.26 -9.50 -29.03
CA ILE D 171 -3.45 -9.76 -28.24
C ILE D 171 -3.37 -8.99 -26.94
N ALA D 172 -4.54 -8.74 -26.36
CA ALA D 172 -4.63 -8.04 -25.10
C ALA D 172 -4.73 -9.08 -24.00
N VAL D 173 -3.86 -8.96 -23.01
CA VAL D 173 -3.86 -9.87 -21.88
C VAL D 173 -4.47 -9.14 -20.69
N PHE D 174 -5.53 -9.71 -20.16
CA PHE D 174 -6.24 -9.13 -19.04
C PHE D 174 -6.12 -10.10 -17.84
N VAL D 175 -5.51 -9.64 -16.76
CA VAL D 175 -5.35 -10.47 -15.56
C VAL D 175 -5.88 -9.79 -14.30
N THR D 176 -6.26 -10.57 -13.31
CA THR D 176 -6.83 -10.03 -12.08
C THR D 176 -6.05 -10.38 -10.82
N ASN D 177 -6.00 -9.42 -9.90
CA ASN D 177 -5.30 -9.61 -8.64
C ASN D 177 -6.19 -9.21 -7.47
N GLN D 178 -6.34 -10.09 -6.50
CA GLN D 178 -7.14 -9.79 -5.33
C GLN D 178 -6.28 -9.13 -4.27
N VAL D 179 -6.77 -8.02 -3.72
CA VAL D 179 -6.06 -7.29 -2.69
C VAL D 179 -6.87 -7.28 -1.40
N GLN D 180 -6.23 -7.59 -0.28
CA GLN D 180 -6.91 -7.60 1.01
C GLN D 180 -6.55 -6.38 1.85
N ILE D 186 0.04 -1.70 -2.90
CA ILE D 186 -0.02 -2.65 -4.01
C ILE D 186 1.35 -2.86 -4.66
N LEU D 187 1.80 -4.10 -4.73
CA LEU D 187 3.06 -4.39 -5.40
C LEU D 187 2.66 -4.96 -6.75
N ALA D 188 2.87 -4.15 -7.77
CA ALA D 188 2.52 -4.52 -9.13
C ALA D 188 3.58 -5.39 -9.77
N HIS D 189 3.22 -5.95 -10.92
CA HIS D 189 4.15 -6.77 -11.66
C HIS D 189 4.82 -5.90 -12.69
N SER D 190 6.00 -6.32 -13.13
CA SER D 190 6.76 -5.52 -14.07
C SER D 190 6.12 -5.45 -15.46
N ALA D 191 6.32 -4.31 -16.11
CA ALA D 191 5.82 -4.06 -17.47
C ALA D 191 4.33 -4.29 -17.71
N THR D 192 3.47 -3.77 -16.83
CA THR D 192 2.04 -3.93 -17.02
C THR D 192 1.32 -2.62 -16.77
N LEU D 193 0.04 -2.58 -17.11
CA LEU D 193 -0.77 -1.42 -16.85
C LEU D 193 -1.56 -1.80 -15.63
N ARG D 194 -1.52 -0.98 -14.59
CA ARG D 194 -2.22 -1.32 -13.36
C ARG D 194 -3.43 -0.46 -13.06
N VAL D 195 -4.54 -1.13 -12.84
CA VAL D 195 -5.80 -0.48 -12.53
C VAL D 195 -6.31 -0.97 -11.19
N TYR D 196 -6.63 -0.03 -10.31
CA TYR D 196 -7.14 -0.37 -9.00
C TYR D 196 -8.65 -0.15 -8.94
N LEU D 197 -9.38 -1.17 -8.51
CA LEU D 197 -10.82 -1.07 -8.40
C LEU D 197 -11.30 -1.11 -6.95
N ARG D 198 -12.34 -0.34 -6.66
CA ARG D 198 -12.94 -0.35 -5.32
C ARG D 198 -14.43 -0.06 -5.35
N LYS D 199 -15.18 -0.71 -4.43
CA LYS D 199 -16.63 -0.53 -4.27
C LYS D 199 -16.82 0.85 -3.60
N GLY D 200 -17.66 1.69 -4.19
CA GLY D 200 -17.94 3.02 -3.67
C GLY D 200 -19.33 3.18 -3.07
N LYS D 201 -19.73 4.46 -2.88
CA LYS D 201 -21.05 4.83 -2.34
C LYS D 201 -22.14 4.74 -3.40
N GLY D 202 -23.20 4.00 -3.08
CA GLY D 202 -24.33 3.78 -3.97
C GLY D 202 -24.09 2.74 -5.04
N GLY D 203 -23.36 1.68 -4.68
CA GLY D 203 -23.02 0.57 -5.55
C GLY D 203 -22.21 0.95 -6.78
N LYS D 204 -21.73 2.19 -6.78
CA LYS D 204 -20.92 2.72 -7.86
C LYS D 204 -19.45 2.43 -7.60
N ARG D 205 -18.84 1.75 -8.55
CA ARG D 205 -17.44 1.39 -8.48
C ARG D 205 -16.56 2.54 -8.94
N ILE D 206 -15.31 2.53 -8.49
CA ILE D 206 -14.31 3.54 -8.84
C ILE D 206 -13.04 2.81 -9.29
N ALA D 207 -12.42 3.30 -10.36
CA ALA D 207 -11.20 2.72 -10.90
C ALA D 207 -10.13 3.80 -10.98
N ARG D 208 -8.92 3.43 -10.57
CA ARG D 208 -7.78 4.36 -10.58
C ARG D 208 -6.52 3.67 -11.07
N LEU D 209 -5.75 4.35 -11.90
CA LEU D 209 -4.50 3.78 -12.37
C LEU D 209 -3.47 3.80 -11.27
N ILE D 210 -2.72 2.72 -11.12
CA ILE D 210 -1.70 2.64 -10.08
C ILE D 210 -0.37 3.22 -10.54
N GLY D 218 -6.34 10.99 -12.81
CA GLY D 218 -7.78 10.97 -12.60
C GLY D 218 -8.37 9.62 -12.19
N GLU D 219 -9.72 9.60 -12.02
CA GLU D 219 -10.53 8.44 -11.63
C GLU D 219 -11.71 8.19 -12.57
N ALA D 220 -12.29 7.00 -12.50
CA ALA D 220 -13.43 6.65 -13.34
C ALA D 220 -14.50 5.93 -12.53
N VAL D 221 -15.75 6.29 -12.79
CA VAL D 221 -16.89 5.70 -12.11
C VAL D 221 -17.65 4.81 -13.07
N PHE D 222 -17.91 3.57 -12.65
CA PHE D 222 -18.62 2.62 -13.48
C PHE D 222 -19.55 1.73 -12.66
N SER D 223 -20.49 1.07 -13.34
CA SER D 223 -21.43 0.19 -12.66
C SER D 223 -21.50 -1.20 -13.30
N ILE D 224 -22.03 -2.15 -12.55
CA ILE D 224 -22.22 -3.51 -13.02
C ILE D 224 -23.72 -3.67 -13.17
N THR D 225 -24.17 -3.93 -14.40
CA THR D 225 -25.59 -4.03 -14.73
C THR D 225 -25.90 -5.30 -15.51
N GLU D 226 -27.11 -5.38 -16.10
CA GLU D 226 -27.56 -6.49 -16.95
C GLU D 226 -26.71 -6.62 -18.23
N LYS D 227 -26.04 -5.51 -18.68
CA LYS D 227 -25.14 -5.48 -19.85
C LYS D 227 -23.66 -5.68 -19.47
N GLY D 228 -23.39 -5.98 -18.19
CA GLY D 228 -22.05 -6.16 -17.66
C GLY D 228 -21.51 -4.84 -17.15
N ILE D 229 -20.36 -4.41 -17.64
CA ILE D 229 -19.79 -3.14 -17.20
C ILE D 229 -20.39 -1.98 -17.97
N GLU D 230 -20.81 -0.95 -17.26
CA GLU D 230 -21.40 0.22 -17.88
C GLU D 230 -20.88 1.48 -17.22
N ASP D 231 -21.18 2.62 -17.83
CA ASP D 231 -20.74 3.90 -17.29
C ASP D 231 -21.43 4.19 -15.96
N ALA E 2 0.16 25.66 26.04
CA ALA E 2 -1.20 25.17 25.84
C ALA E 2 -1.26 24.02 24.83
N THR E 3 -2.20 23.07 25.04
CA THR E 3 -2.40 21.92 24.13
C THR E 3 -3.07 22.37 22.80
N ILE E 4 -2.81 21.60 21.72
CA ILE E 4 -3.33 21.92 20.38
C ILE E 4 -4.85 21.70 20.26
N GLY E 5 -5.55 22.76 19.85
CA GLY E 5 -6.98 22.69 19.65
C GLY E 5 -7.28 22.56 18.17
N ARG E 6 -8.38 21.92 17.84
CA ARG E 6 -8.77 21.73 16.44
C ARG E 6 -10.11 22.35 16.12
N ILE E 7 -10.16 23.07 15.00
CA ILE E 7 -11.38 23.70 14.53
C ILE E 7 -11.96 22.91 13.37
N SER E 8 -13.16 22.41 13.58
CA SER E 8 -13.90 21.64 12.59
C SER E 8 -14.22 22.50 11.36
N THR E 9 -14.30 21.85 10.21
CA THR E 9 -14.60 22.54 8.96
C THR E 9 -16.08 22.41 8.61
N GLY E 10 -16.74 21.43 9.23
CA GLY E 10 -18.15 21.15 8.97
C GLY E 10 -18.27 19.87 8.19
N SER E 11 -17.22 19.55 7.43
CA SER E 11 -17.11 18.31 6.67
C SER E 11 -16.46 17.24 7.53
N LYS E 12 -17.11 16.07 7.64
CA LYS E 12 -16.64 14.88 8.35
C LYS E 12 -15.36 14.30 7.70
N SER E 13 -15.34 14.17 6.35
CA SER E 13 -14.17 13.66 5.62
C SER E 13 -12.96 14.61 5.66
N LEU E 14 -13.19 15.94 5.51
CA LEU E 14 -12.11 16.95 5.58
C LEU E 14 -11.48 16.98 6.98
N ASP E 15 -12.31 16.94 8.05
CA ASP E 15 -11.83 16.87 9.45
C ASP E 15 -10.95 15.65 9.65
N LYS E 16 -11.37 14.48 9.10
CA LYS E 16 -10.62 13.24 9.18
C LYS E 16 -9.28 13.34 8.42
N LEU E 17 -9.24 14.10 7.34
CA LEU E 17 -7.99 14.28 6.59
C LEU E 17 -7.03 15.14 7.40
N LEU E 18 -7.57 16.17 8.05
CA LEU E 18 -6.78 17.08 8.87
C LEU E 18 -6.44 16.52 10.25
N GLY E 19 -7.13 15.46 10.64
CA GLY E 19 -6.89 14.80 11.93
C GLY E 19 -7.66 15.39 13.10
N GLY E 20 -8.79 16.01 12.80
CA GLY E 20 -9.68 16.64 13.78
C GLY E 20 -10.18 18.00 13.32
N GLY E 21 -9.40 18.65 12.47
CA GLY E 21 -9.76 19.95 11.94
C GLY E 21 -8.57 20.88 11.89
N ILE E 22 -8.80 22.13 11.52
CA ILE E 22 -7.72 23.10 11.44
C ILE E 22 -7.18 23.23 12.86
N GLU E 23 -5.86 23.17 13.01
CA GLU E 23 -5.34 23.28 14.36
C GLU E 23 -4.62 24.59 14.65
N THR E 24 -4.54 24.91 15.95
CA THR E 24 -3.87 26.09 16.47
C THR E 24 -2.34 25.90 16.54
N GLN E 25 -1.62 26.95 17.00
CA GLN E 25 -0.14 26.88 17.06
C GLN E 25 0.48 26.42 15.71
N ALA E 26 -0.23 26.62 14.62
CA ALA E 26 0.26 26.21 13.31
C ALA E 26 -0.34 27.02 12.18
N ILE E 27 0.33 26.98 11.03
CA ILE E 27 -0.15 27.67 9.85
C ILE E 27 -0.59 26.63 8.86
N THR E 28 -1.85 26.70 8.44
CA THR E 28 -2.39 25.78 7.47
C THR E 28 -2.62 26.56 6.19
N GLU E 29 -2.07 26.05 5.10
CA GLU E 29 -2.18 26.70 3.80
C GLU E 29 -3.02 25.89 2.85
N VAL E 30 -3.94 26.55 2.17
CA VAL E 30 -4.73 25.86 1.17
C VAL E 30 -4.29 26.33 -0.19
N PHE E 31 -4.13 25.39 -1.09
CA PHE E 31 -3.71 25.68 -2.45
C PHE E 31 -4.80 25.22 -3.38
N GLY E 32 -5.16 26.06 -4.34
CA GLY E 32 -6.19 25.71 -5.29
C GLY E 32 -6.34 26.76 -6.35
N GLU E 33 -6.93 26.38 -7.46
CA GLU E 33 -7.16 27.35 -8.48
C GLU E 33 -8.34 28.21 -8.08
N PHE E 34 -8.62 29.16 -8.94
CA PHE E 34 -9.77 30.02 -8.72
C PHE E 34 -11.03 29.16 -8.79
N GLY E 35 -11.97 29.43 -7.86
CA GLY E 35 -13.24 28.74 -7.76
C GLY E 35 -13.19 27.39 -7.06
N SER E 36 -12.01 27.01 -6.54
CA SER E 36 -11.84 25.74 -5.85
C SER E 36 -12.45 25.68 -4.42
N GLY E 37 -12.73 26.84 -3.84
CA GLY E 37 -13.33 26.89 -2.50
C GLY E 37 -12.47 27.39 -1.36
N LYS E 38 -11.40 28.18 -1.65
CA LYS E 38 -10.50 28.69 -0.58
C LYS E 38 -11.17 29.78 0.29
N THR E 39 -11.91 30.69 -0.34
CA THR E 39 -12.58 31.76 0.40
C THR E 39 -13.77 31.22 1.20
N GLN E 40 -14.53 30.33 0.59
CA GLN E 40 -15.67 29.67 1.25
C GLN E 40 -15.20 28.88 2.46
N LEU E 41 -14.07 28.16 2.34
CA LEU E 41 -13.51 27.43 3.49
C LEU E 41 -13.10 28.41 4.58
N ALA E 42 -12.49 29.56 4.22
CA ALA E 42 -12.13 30.61 5.16
C ALA E 42 -13.37 31.16 5.90
N HIS E 43 -14.46 31.49 5.14
CA HIS E 43 -15.73 32.00 5.69
C HIS E 43 -16.34 31.02 6.69
N THR E 44 -16.35 29.74 6.35
CA THR E 44 -16.88 28.71 7.22
C THR E 44 -16.11 28.61 8.53
N LEU E 45 -14.79 28.67 8.45
CA LEU E 45 -13.95 28.59 9.64
C LEU E 45 -14.20 29.74 10.61
N ALA E 46 -14.42 30.93 10.07
CA ALA E 46 -14.71 32.12 10.88
C ALA E 46 -16.00 31.92 11.67
N VAL E 47 -16.87 30.96 11.24
CA VAL E 47 -18.11 30.62 11.95
C VAL E 47 -17.82 29.47 12.90
N MET E 48 -17.21 28.38 12.40
CA MET E 48 -16.92 27.17 13.19
C MET E 48 -16.06 27.41 14.44
N VAL E 49 -15.09 28.33 14.38
CA VAL E 49 -14.23 28.61 15.54
C VAL E 49 -14.99 29.13 16.77
N GLN E 50 -16.09 29.81 16.52
CA GLN E 50 -16.98 30.41 17.53
C GLN E 50 -17.71 29.40 18.39
N LEU E 51 -17.87 28.17 17.88
CA LEU E 51 -18.61 27.11 18.54
C LEU E 51 -17.89 26.63 19.79
N PRO E 52 -18.59 26.05 20.80
CA PRO E 52 -17.87 25.51 21.96
C PRO E 52 -17.11 24.22 21.56
N PRO E 53 -16.06 23.81 22.32
CA PRO E 53 -15.30 22.61 21.94
C PRO E 53 -16.08 21.35 21.56
N GLU E 54 -17.24 21.13 22.19
CA GLU E 54 -18.06 19.95 21.97
C GLU E 54 -18.78 20.01 20.61
N GLU E 55 -19.07 21.24 20.14
CA GLU E 55 -19.67 21.51 18.83
C GLU E 55 -18.58 21.68 17.71
N GLY E 56 -17.29 21.52 18.05
CA GLY E 56 -16.17 21.60 17.12
C GLY E 56 -15.45 22.93 16.96
N GLY E 57 -15.72 23.88 17.85
CA GLY E 57 -15.06 25.18 17.84
C GLY E 57 -14.14 25.34 19.04
N LEU E 58 -13.74 26.55 19.36
CA LEU E 58 -12.88 26.74 20.52
C LEU E 58 -13.36 27.92 21.35
N ASN E 59 -14.66 28.21 21.30
CA ASN E 59 -15.27 29.38 21.98
C ASN E 59 -14.50 30.66 21.67
N GLY E 60 -14.06 30.80 20.42
CA GLY E 60 -13.29 31.96 20.03
C GLY E 60 -13.93 32.87 19.02
N SER E 61 -13.14 33.81 18.55
CA SER E 61 -13.56 34.77 17.55
C SER E 61 -12.53 34.75 16.42
N ALA E 62 -12.92 35.23 15.25
CA ALA E 62 -12.03 35.20 14.10
C ALA E 62 -11.56 36.53 13.56
N MET E 63 -10.33 36.56 13.08
CA MET E 63 -9.73 37.72 12.46
C MET E 63 -9.58 37.37 10.99
N TYR E 64 -10.03 38.26 10.12
CA TYR E 64 -10.03 38.02 8.69
C TYR E 64 -9.39 39.17 7.91
N ILE E 65 -8.24 38.92 7.33
CA ILE E 65 -7.56 39.92 6.52
C ILE E 65 -7.78 39.59 5.05
N ASP E 66 -8.54 40.43 4.36
CA ASP E 66 -8.87 40.22 2.95
C ASP E 66 -8.01 41.05 2.01
N THR E 67 -7.45 40.39 1.00
CA THR E 67 -6.62 41.07 0.02
C THR E 67 -7.20 40.98 -1.36
N GLU E 68 -8.31 40.25 -1.50
CA GLU E 68 -8.94 40.07 -2.80
C GLU E 68 -10.33 40.67 -2.85
N ASN E 69 -10.69 41.39 -1.81
CA ASN E 69 -12.01 42.04 -1.70
C ASN E 69 -13.15 41.01 -1.92
N THR E 70 -13.03 39.86 -1.26
CA THR E 70 -14.02 38.79 -1.39
C THR E 70 -14.72 38.43 -0.07
N PHE E 71 -14.40 39.14 1.00
CA PHE E 71 -15.03 38.88 2.31
C PHE E 71 -16.48 39.30 2.20
N ARG E 72 -17.40 38.41 2.60
CA ARG E 72 -18.83 38.72 2.49
C ARG E 72 -19.60 38.44 3.77
N PRO E 73 -20.01 39.52 4.49
CA PRO E 73 -20.75 39.33 5.76
C PRO E 73 -22.07 38.61 5.57
N GLU E 74 -22.75 38.84 4.43
CA GLU E 74 -24.02 38.24 4.02
C GLU E 74 -23.88 36.73 4.05
N ARG E 75 -22.72 36.23 3.64
CA ARG E 75 -22.43 34.80 3.62
C ARG E 75 -22.26 34.22 5.03
N LEU E 76 -21.62 34.99 5.92
CA LEU E 76 -21.44 34.54 7.31
C LEU E 76 -22.82 34.42 7.98
N ARG E 77 -23.73 35.36 7.62
CA ARG E 77 -25.12 35.41 8.10
C ARG E 77 -25.87 34.14 7.64
N GLU E 78 -25.72 33.76 6.37
CA GLU E 78 -26.36 32.59 5.78
C GLU E 78 -25.87 31.32 6.44
N ILE E 79 -24.56 31.22 6.63
CA ILE E 79 -24.00 30.08 7.32
C ILE E 79 -24.60 29.98 8.72
N ALA E 80 -24.57 31.08 9.46
CA ALA E 80 -25.10 31.14 10.85
C ALA E 80 -26.57 30.68 10.94
N GLN E 81 -27.50 31.35 10.20
CA GLN E 81 -28.94 31.03 10.14
C GLN E 81 -29.19 29.56 9.78
N ASN E 82 -28.40 29.00 8.83
CA ASN E 82 -28.54 27.61 8.42
C ASN E 82 -27.97 26.66 9.44
N ARG E 83 -26.96 27.12 10.21
CA ARG E 83 -26.37 26.30 11.29
C ARG E 83 -27.21 26.45 12.57
N GLY E 84 -28.16 27.40 12.55
CA GLY E 84 -29.04 27.63 13.67
C GLY E 84 -28.48 28.48 14.80
N LEU E 85 -27.58 29.39 14.44
CA LEU E 85 -26.94 30.29 15.42
C LEU E 85 -27.44 31.70 15.16
N ASP E 86 -27.33 32.58 16.15
CA ASP E 86 -27.76 33.96 15.97
C ASP E 86 -26.83 34.61 14.98
N PRO E 87 -27.37 35.12 13.86
CA PRO E 87 -26.49 35.73 12.85
C PRO E 87 -25.85 37.04 13.26
N ASP E 88 -26.47 37.76 14.19
CA ASP E 88 -25.94 39.04 14.63
C ASP E 88 -24.67 38.86 15.46
N GLU E 89 -24.66 37.83 16.30
CA GLU E 89 -23.51 37.54 17.16
C GLU E 89 -22.35 36.94 16.37
N VAL E 90 -22.65 36.03 15.45
CA VAL E 90 -21.62 35.39 14.62
C VAL E 90 -20.82 36.48 13.91
N LEU E 91 -21.54 37.49 13.42
CA LEU E 91 -20.99 38.66 12.75
C LEU E 91 -20.17 39.55 13.67
N ASP E 92 -20.54 39.63 14.95
CA ASP E 92 -19.81 40.43 15.90
C ASP E 92 -18.45 39.81 16.27
N ASN E 93 -18.40 38.48 16.23
CA ASN E 93 -17.20 37.73 16.56
C ASN E 93 -16.22 37.54 15.40
N VAL E 94 -16.39 38.32 14.34
CA VAL E 94 -15.50 38.30 13.18
C VAL E 94 -14.94 39.71 12.97
N ALA E 95 -13.66 39.90 13.26
CA ALA E 95 -12.95 41.14 13.07
C ALA E 95 -12.40 41.08 11.63
N TYR E 96 -12.68 42.11 10.82
CA TYR E 96 -12.29 42.15 9.41
C TYR E 96 -11.58 43.43 8.97
N ALA E 97 -10.61 43.28 8.05
CA ALA E 97 -9.87 44.37 7.42
C ALA E 97 -9.44 43.98 6.03
N ARG E 98 -9.60 44.93 5.12
CA ARG E 98 -9.14 44.78 3.74
C ARG E 98 -7.71 45.32 3.72
N ALA E 99 -6.83 44.62 3.02
CA ALA E 99 -5.44 45.05 2.86
C ALA E 99 -5.39 45.62 1.47
N PHE E 100 -4.79 46.80 1.32
CA PHE E 100 -4.74 47.42 0.00
C PHE E 100 -3.43 47.14 -0.73
N ASN E 101 -2.40 46.73 0.01
CA ASN E 101 -1.09 46.35 -0.54
C ASN E 101 -0.28 45.51 0.47
N SER E 102 0.92 45.04 0.06
CA SER E 102 1.83 44.23 0.89
C SER E 102 2.33 44.95 2.14
N ASN E 103 2.41 46.30 2.10
CA ASN E 103 2.83 47.10 3.25
C ASN E 103 1.69 47.14 4.27
N HIS E 104 0.44 47.36 3.78
CA HIS E 104 -0.79 47.43 4.56
C HIS E 104 -1.09 46.08 5.23
N GLN E 105 -0.80 45.00 4.52
CA GLN E 105 -0.98 43.65 5.01
C GLN E 105 -0.14 43.44 6.25
N MET E 106 1.12 43.87 6.20
CA MET E 106 2.07 43.76 7.33
C MET E 106 1.62 44.65 8.48
N GLN E 107 1.19 45.90 8.17
CA GLN E 107 0.70 46.87 9.14
C GLN E 107 -0.49 46.30 9.90
N LEU E 108 -1.45 45.70 9.17
CA LEU E 108 -2.64 45.04 9.76
C LEU E 108 -2.26 43.85 10.66
N LEU E 109 -1.13 43.18 10.36
CA LEU E 109 -0.66 42.08 11.19
C LEU E 109 -0.16 42.54 12.56
N TYR E 110 0.36 43.76 12.63
CA TYR E 110 0.80 44.32 13.90
C TYR E 110 -0.42 44.66 14.75
N GLN E 111 -1.45 45.19 14.11
CA GLN E 111 -2.71 45.58 14.72
C GLN E 111 -3.53 44.34 15.17
N ALA E 112 -3.56 43.28 14.34
CA ALA E 112 -4.26 42.03 14.62
C ALA E 112 -3.60 41.37 15.85
N SER E 113 -2.27 41.45 15.91
CA SER E 113 -1.51 40.89 17.02
C SER E 113 -1.91 41.53 18.35
N ALA E 114 -1.96 42.86 18.37
CA ALA E 114 -2.35 43.64 19.55
C ALA E 114 -3.75 43.29 20.06
N MET E 115 -4.75 43.13 19.16
CA MET E 115 -6.12 42.73 19.52
C MET E 115 -6.15 41.33 20.13
N MET E 116 -5.28 40.41 19.67
CA MET E 116 -5.21 39.07 20.23
C MET E 116 -4.65 39.09 21.66
N VAL E 117 -3.73 40.05 21.97
CA VAL E 117 -3.15 40.27 23.31
C VAL E 117 -4.30 40.77 24.20
N GLU E 118 -4.85 41.93 23.81
CA GLU E 118 -5.92 42.67 24.48
C GLU E 118 -7.13 41.82 24.86
N SER E 119 -7.39 40.70 24.15
CA SER E 119 -8.54 39.83 24.39
C SER E 119 -8.18 38.38 24.78
N LEU E 120 -6.88 38.08 24.95
CA LEU E 120 -6.33 36.76 25.32
C LEU E 120 -6.94 36.13 26.59
N ASN E 121 -7.36 36.94 27.60
CA ASN E 121 -7.91 36.42 28.84
C ASN E 121 -9.44 36.56 28.99
N THR E 122 -10.12 37.12 27.96
CA THR E 122 -11.59 37.27 27.95
C THR E 122 -12.27 35.91 27.73
N ASP E 123 -13.60 35.89 27.74
CA ASP E 123 -14.35 34.66 27.53
C ASP E 123 -14.28 34.20 26.08
N ARG E 124 -13.95 35.12 25.19
CA ARG E 124 -13.86 34.78 23.78
C ARG E 124 -12.66 35.44 23.13
N PRO E 125 -11.49 34.80 23.24
CA PRO E 125 -10.30 35.37 22.60
C PRO E 125 -10.28 35.02 21.12
N TYR E 126 -9.48 35.71 20.34
CA TYR E 126 -9.43 35.40 18.92
C TYR E 126 -8.61 34.13 18.80
N LYS E 127 -9.23 33.09 18.25
CA LYS E 127 -8.57 31.81 18.09
C LYS E 127 -8.23 31.47 16.64
N LEU E 128 -8.58 32.37 15.72
CA LEU E 128 -8.35 32.11 14.31
C LEU E 128 -7.97 33.35 13.52
N LEU E 129 -6.89 33.24 12.76
CA LEU E 129 -6.44 34.33 11.92
C LEU E 129 -6.45 33.87 10.47
N ILE E 130 -7.22 34.56 9.65
CA ILE E 130 -7.37 34.23 8.25
C ILE E 130 -6.76 35.28 7.32
N VAL E 131 -5.93 34.84 6.40
CA VAL E 131 -5.33 35.73 5.43
C VAL E 131 -5.66 35.22 4.04
N ASP E 132 -6.70 35.80 3.44
CA ASP E 132 -7.13 35.42 2.11
C ASP E 132 -6.90 36.62 1.21
N SER E 133 -5.90 36.56 0.35
CA SER E 133 -5.07 35.39 0.13
C SER E 133 -3.62 35.78 0.29
N LEU E 134 -2.76 34.79 0.49
CA LEU E 134 -1.33 35.03 0.57
C LEU E 134 -0.81 35.56 -0.76
N THR E 135 -1.30 34.99 -1.85
CA THR E 135 -0.92 35.38 -3.20
C THR E 135 -1.79 36.55 -3.67
N SER E 136 -1.56 37.71 -3.08
CA SER E 136 -2.32 38.90 -3.41
C SER E 136 -1.91 39.49 -4.76
N ALA E 147 11.22 45.95 -7.51
CA ALA E 147 10.28 45.22 -8.36
C ALA E 147 9.94 43.85 -7.78
N LEU E 148 10.03 42.82 -8.63
CA LEU E 148 9.71 41.45 -8.24
C LEU E 148 10.57 40.91 -7.11
N ALA E 149 11.84 41.29 -7.11
CA ALA E 149 12.78 40.83 -6.08
C ALA E 149 12.35 41.27 -4.69
N GLU E 150 11.84 42.49 -4.58
CA GLU E 150 11.38 43.04 -3.30
C GLU E 150 10.22 42.23 -2.70
N ARG E 151 9.34 41.74 -3.56
CA ARG E 151 8.17 40.98 -3.15
C ARG E 151 8.50 39.68 -2.41
N GLN E 152 9.54 38.97 -2.85
CA GLN E 152 9.92 37.73 -2.21
C GLN E 152 10.33 37.96 -0.76
N GLN E 153 11.07 39.04 -0.53
CA GLN E 153 11.54 39.39 0.80
C GLN E 153 10.43 39.72 1.78
N LYS E 154 9.41 40.45 1.30
CA LYS E 154 8.30 40.85 2.15
C LYS E 154 7.40 39.69 2.59
N LEU E 155 7.11 38.80 1.65
CA LEU E 155 6.28 37.66 1.92
C LEU E 155 6.92 36.74 2.96
N ALA E 156 8.22 36.52 2.85
CA ALA E 156 8.93 35.67 3.80
C ALA E 156 8.87 36.26 5.20
N ARG E 157 9.03 37.58 5.30
CA ARG E 157 8.95 38.26 6.59
C ARG E 157 7.55 38.15 7.19
N PHE E 158 6.54 38.28 6.33
CA PHE E 158 5.14 38.20 6.75
C PHE E 158 4.86 36.84 7.37
N LEU E 159 5.37 35.80 6.73
CA LEU E 159 5.21 34.44 7.19
C LEU E 159 5.88 34.22 8.54
N ARG E 160 7.05 34.82 8.73
CA ARG E 160 7.77 34.71 10.00
C ARG E 160 6.90 35.25 11.11
N MET E 161 6.28 36.39 10.86
CA MET E 161 5.39 37.02 11.82
C MET E 161 4.19 36.12 12.08
N LEU E 162 3.66 35.48 11.04
CA LEU E 162 2.52 34.60 11.19
C LEU E 162 2.88 33.42 12.06
N HIS E 163 4.07 32.87 11.87
CA HIS E 163 4.51 31.76 12.69
C HIS E 163 4.54 32.16 14.15
N ARG E 164 5.05 33.37 14.40
CA ARG E 164 5.14 33.91 15.75
C ARG E 164 3.78 34.01 16.39
N LEU E 165 2.81 34.54 15.65
CA LEU E 165 1.47 34.71 16.16
C LEU E 165 0.89 33.38 16.59
N ALA E 166 1.08 32.37 15.75
CA ALA E 166 0.58 31.04 16.03
C ALA E 166 1.02 30.54 17.40
N ASN E 167 2.32 30.63 17.66
CA ASN E 167 2.87 30.16 18.92
C ASN E 167 2.54 31.04 20.12
N GLU E 168 2.68 32.35 19.94
CA GLU E 168 2.43 33.30 21.02
C GLU E 168 0.99 33.30 21.55
N PHE E 169 0.02 33.26 20.67
CA PHE E 169 -1.37 33.32 21.09
C PHE E 169 -2.18 32.03 21.03
N ASP E 170 -1.52 30.92 20.70
CA ASP E 170 -2.19 29.62 20.57
C ASP E 170 -3.41 29.74 19.69
N ILE E 171 -3.18 30.10 18.43
CA ILE E 171 -4.22 30.30 17.45
C ILE E 171 -3.91 29.59 16.16
N ALA E 172 -4.96 29.30 15.40
CA ALA E 172 -4.83 28.64 14.13
C ALA E 172 -4.72 29.70 13.05
N VAL E 173 -3.67 29.62 12.25
CA VAL E 173 -3.49 30.57 11.17
C VAL E 173 -3.88 29.91 9.86
N PHE E 174 -4.83 30.51 9.16
CA PHE E 174 -5.30 29.97 7.90
C PHE E 174 -5.02 30.93 6.76
N VAL E 175 -4.22 30.49 5.79
CA VAL E 175 -3.87 31.31 4.65
C VAL E 175 -4.15 30.57 3.36
N THR E 176 -4.52 31.29 2.32
CA THR E 176 -4.83 30.66 1.05
C THR E 176 -3.89 31.09 -0.06
N ASN E 177 -3.69 30.19 -1.02
CA ASN E 177 -2.81 30.42 -2.15
C ASN E 177 -3.49 30.00 -3.43
N GLN E 178 -3.47 30.86 -4.44
CA GLN E 178 -4.06 30.52 -5.72
C GLN E 178 -3.03 29.88 -6.63
N VAL E 179 -3.39 28.77 -7.24
CA VAL E 179 -2.51 28.06 -8.16
C VAL E 179 -3.09 28.18 -9.56
N GLN E 180 -2.23 28.48 -10.53
CA GLN E 180 -2.65 28.66 -11.91
C GLN E 180 -3.27 27.47 -12.63
N ALA E 181 -2.81 26.26 -12.34
CA ALA E 181 -3.35 25.11 -13.05
C ALA E 181 -3.37 23.79 -12.27
N ASN E 182 -3.96 22.79 -12.90
CA ASN E 182 -4.08 21.46 -12.33
C ASN E 182 -2.69 20.83 -12.19
N GLY E 183 -2.50 20.04 -11.15
CA GLY E 183 -1.21 19.42 -10.93
C GLY E 183 -0.99 18.96 -9.51
N GLY E 184 -0.96 19.90 -8.58
CA GLY E 184 -0.72 19.60 -7.19
C GLY E 184 0.76 19.65 -6.84
N HIS E 185 1.57 20.03 -7.82
CA HIS E 185 3.00 20.17 -7.61
C HIS E 185 3.19 21.61 -7.16
N ILE E 186 2.74 21.88 -5.95
CA ILE E 186 2.75 23.20 -5.37
C ILE E 186 4.01 23.49 -4.57
N LEU E 187 4.50 24.72 -4.66
CA LEU E 187 5.66 25.12 -3.89
C LEU E 187 5.12 25.84 -2.66
N ALA E 188 5.10 25.13 -1.54
CA ALA E 188 4.58 25.67 -0.30
C ALA E 188 5.66 26.39 0.50
N HIS E 189 5.22 27.15 1.49
CA HIS E 189 6.13 27.88 2.36
C HIS E 189 6.59 26.93 3.44
N SER E 190 7.72 27.22 4.06
CA SER E 190 8.28 26.30 5.04
C SER E 190 7.47 26.23 6.35
N ALA E 191 7.50 25.05 7.01
CA ALA E 191 6.87 24.72 8.30
C ALA E 191 5.38 25.06 8.38
N THR E 192 4.64 24.63 7.37
CA THR E 192 3.21 24.83 7.32
C THR E 192 2.53 23.50 7.03
N LEU E 193 1.21 23.46 7.20
CA LEU E 193 0.45 22.27 6.89
C LEU E 193 -0.21 22.65 5.59
N ARG E 194 -0.08 21.80 4.58
CA ARG E 194 -0.62 22.11 3.26
C ARG E 194 -1.75 21.23 2.76
N VAL E 195 -2.78 21.89 2.23
CA VAL E 195 -3.94 21.20 1.68
C VAL E 195 -4.21 21.70 0.26
N TYR E 196 -4.37 20.77 -0.67
CA TYR E 196 -4.64 21.12 -2.06
C TYR E 196 -6.09 20.83 -2.42
N LEU E 197 -6.78 21.85 -2.91
CA LEU E 197 -8.20 21.72 -3.28
C LEU E 197 -8.49 21.87 -4.76
N ARG E 198 -9.32 20.99 -5.30
CA ARG E 198 -9.71 21.03 -6.69
C ARG E 198 -11.18 20.72 -6.88
N LYS E 199 -11.73 21.18 -8.00
CA LYS E 199 -13.13 20.95 -8.33
C LYS E 199 -13.42 19.50 -8.71
N GLY E 200 -14.62 19.02 -8.38
CA GLY E 200 -15.02 17.67 -8.70
C GLY E 200 -16.42 17.56 -9.25
N GLY E 202 -19.68 17.26 -10.01
CA GLY E 202 -20.80 18.18 -10.12
C GLY E 202 -20.98 19.02 -8.87
N GLY E 203 -20.17 20.08 -8.75
CA GLY E 203 -20.20 21.00 -7.62
C GLY E 203 -19.35 20.59 -6.45
N LYS E 204 -19.05 19.30 -6.34
CA LYS E 204 -18.24 18.77 -5.24
C LYS E 204 -16.76 19.19 -5.29
N ARG E 205 -16.06 18.98 -4.18
CA ARG E 205 -14.66 19.37 -4.11
C ARG E 205 -13.83 18.23 -3.54
N ILE E 206 -12.56 18.20 -3.92
CA ILE E 206 -11.66 17.17 -3.44
C ILE E 206 -10.47 17.83 -2.75
N ALA E 207 -10.11 17.30 -1.59
CA ALA E 207 -8.99 17.84 -0.84
C ALA E 207 -7.99 16.74 -0.53
N ARG E 208 -6.71 17.11 -0.47
CA ARG E 208 -5.66 16.15 -0.17
C ARG E 208 -4.43 16.87 0.36
N LEU E 209 -3.64 16.14 1.15
CA LEU E 209 -2.44 16.71 1.73
C LEU E 209 -1.28 16.70 0.74
N ILE E 210 -0.35 17.62 0.92
CA ILE E 210 0.82 17.73 0.05
C ILE E 210 2.11 17.48 0.81
N GLY E 218 -5.10 9.28 0.69
CA GLY E 218 -5.61 10.21 1.67
C GLY E 218 -6.29 11.40 1.03
N GLU E 219 -7.55 11.23 0.68
CA GLU E 219 -8.33 12.29 0.05
C GLU E 219 -9.63 12.51 0.79
N ALA E 220 -10.23 13.68 0.60
CA ALA E 220 -11.49 14.00 1.22
C ALA E 220 -12.42 14.67 0.22
N VAL E 221 -13.71 14.39 0.32
CA VAL E 221 -14.68 14.97 -0.58
C VAL E 221 -15.73 15.73 0.22
N PHE E 222 -16.01 16.96 -0.19
CA PHE E 222 -16.98 17.79 0.51
C PHE E 222 -17.73 18.69 -0.45
N SER E 223 -18.71 19.41 0.06
CA SER E 223 -19.50 20.31 -0.76
C SER E 223 -19.62 21.68 -0.11
N ILE E 224 -19.99 22.67 -0.91
CA ILE E 224 -20.19 24.02 -0.41
C ILE E 224 -21.69 24.25 -0.49
N THR E 225 -22.30 24.52 0.65
CA THR E 225 -23.74 24.70 0.77
C THR E 225 -24.10 25.93 1.56
N GLU E 226 -25.39 26.06 1.87
CA GLU E 226 -25.90 27.18 2.68
C GLU E 226 -25.29 27.15 4.09
N LYS E 227 -25.11 25.94 4.63
CA LYS E 227 -24.47 25.69 5.92
C LYS E 227 -22.98 26.06 5.90
N GLY E 228 -22.35 25.96 4.73
CA GLY E 228 -20.93 26.26 4.58
C GLY E 228 -20.25 25.09 3.93
N ILE E 229 -19.40 24.40 4.70
CA ILE E 229 -18.70 23.24 4.18
C ILE E 229 -19.25 22.00 4.85
N GLU E 230 -19.59 21.00 4.05
CA GLU E 230 -20.10 19.73 4.57
C GLU E 230 -19.88 18.61 3.56
N ASP E 231 -19.91 17.38 4.05
CA ASP E 231 -19.68 16.21 3.20
C ASP E 231 -20.57 16.21 1.96
N ALA F 2 -2.46 -17.60 16.13
CA ALA F 2 -1.53 -18.06 17.16
C ALA F 2 -1.97 -19.41 17.78
N THR F 3 -1.46 -19.74 18.98
CA THR F 3 -1.85 -20.96 19.69
C THR F 3 -3.18 -20.65 20.40
N ILE F 4 -4.20 -21.48 20.11
CA ILE F 4 -5.57 -21.35 20.61
C ILE F 4 -5.64 -21.65 22.14
N GLY F 5 -5.98 -20.61 22.91
CA GLY F 5 -6.12 -20.73 24.34
C GLY F 5 -7.56 -21.06 24.67
N ARG F 6 -7.77 -21.82 25.73
CA ARG F 6 -9.13 -22.20 26.11
C ARG F 6 -9.48 -21.89 27.54
N ILE F 7 -10.74 -21.50 27.75
CA ILE F 7 -11.25 -21.21 29.07
C ILE F 7 -12.24 -22.30 29.43
N SER F 8 -11.98 -23.02 30.52
CA SER F 8 -12.84 -24.13 30.95
C SER F 8 -14.15 -23.56 31.52
N THR F 9 -15.25 -24.30 31.30
CA THR F 9 -16.57 -23.85 31.78
C THR F 9 -16.85 -24.20 33.24
N GLY F 10 -16.05 -25.10 33.80
CA GLY F 10 -16.23 -25.61 35.16
C GLY F 10 -16.92 -26.95 35.13
N SER F 11 -17.46 -27.34 33.95
CA SER F 11 -18.17 -28.59 33.67
C SER F 11 -17.32 -29.49 32.76
N LYS F 12 -17.20 -30.79 33.11
CA LYS F 12 -16.43 -31.78 32.36
C LYS F 12 -17.09 -32.12 31.01
N SER F 13 -18.42 -32.43 31.04
CA SER F 13 -19.25 -32.78 29.87
C SER F 13 -19.30 -31.63 28.86
N LEU F 14 -19.44 -30.38 29.35
CA LEU F 14 -19.47 -29.18 28.50
C LEU F 14 -18.13 -28.99 27.81
N ASP F 15 -17.00 -29.19 28.55
CA ASP F 15 -15.62 -29.10 28.07
C ASP F 15 -15.34 -30.06 26.91
N LYS F 16 -15.79 -31.34 27.02
CA LYS F 16 -15.61 -32.37 25.99
C LYS F 16 -16.34 -31.99 24.69
N LEU F 17 -17.53 -31.37 24.81
CA LEU F 17 -18.36 -30.90 23.70
C LEU F 17 -17.65 -29.74 22.98
N LEU F 18 -16.98 -28.86 23.74
CA LEU F 18 -16.29 -27.69 23.21
C LEU F 18 -14.85 -27.96 22.77
N GLY F 19 -14.39 -29.21 22.89
CA GLY F 19 -13.02 -29.61 22.57
C GLY F 19 -11.99 -29.01 23.51
N GLY F 20 -12.35 -28.88 24.78
CA GLY F 20 -11.50 -28.31 25.83
C GLY F 20 -11.95 -27.01 26.47
N GLY F 21 -13.02 -26.40 25.94
CA GLY F 21 -13.55 -25.15 26.46
C GLY F 21 -13.69 -24.02 25.45
N ILE F 22 -14.02 -22.81 25.96
CA ILE F 22 -14.23 -21.58 25.18
C ILE F 22 -12.87 -21.08 24.60
N GLU F 23 -12.66 -21.38 23.33
CA GLU F 23 -11.40 -21.03 22.69
C GLU F 23 -11.22 -19.59 22.25
N THR F 24 -9.97 -19.15 22.31
CA THR F 24 -9.56 -17.82 21.90
C THR F 24 -9.50 -17.76 20.38
N GLN F 25 -9.55 -16.54 19.84
CA GLN F 25 -9.54 -16.26 18.40
C GLN F 25 -10.73 -16.89 17.65
N ALA F 26 -11.86 -16.90 18.33
CA ALA F 26 -13.10 -17.42 17.80
C ALA F 26 -14.23 -16.79 18.58
N ILE F 27 -15.39 -16.72 17.96
CA ILE F 27 -16.53 -16.17 18.66
C ILE F 27 -17.45 -17.32 18.88
N THR F 28 -17.85 -17.50 20.12
CA THR F 28 -18.73 -18.59 20.45
C THR F 28 -20.06 -18.00 20.88
N GLU F 29 -21.12 -18.49 20.27
CA GLU F 29 -22.44 -18.00 20.64
C GLU F 29 -23.32 -19.11 21.13
N VAL F 30 -24.00 -18.82 22.22
CA VAL F 30 -24.90 -19.79 22.82
C VAL F 30 -26.34 -19.41 22.54
N PHE F 31 -27.10 -20.41 22.12
CA PHE F 31 -28.50 -20.21 21.83
C PHE F 31 -29.31 -20.96 22.84
N GLY F 32 -30.24 -20.25 23.46
CA GLY F 32 -31.13 -20.87 24.41
C GLY F 32 -32.33 -20.02 24.73
N GLU F 33 -33.33 -20.64 25.36
CA GLU F 33 -34.54 -19.91 25.75
C GLU F 33 -34.33 -19.13 27.05
N PHE F 34 -35.32 -18.35 27.46
CA PHE F 34 -35.15 -17.63 28.71
C PHE F 34 -35.03 -18.66 29.83
N GLY F 35 -34.10 -18.45 30.74
CA GLY F 35 -33.88 -19.37 31.83
C GLY F 35 -32.98 -20.55 31.51
N SER F 36 -32.43 -20.57 30.29
CA SER F 36 -31.52 -21.64 29.87
C SER F 36 -30.19 -21.65 30.62
N GLY F 37 -29.76 -20.49 31.11
CA GLY F 37 -28.50 -20.42 31.82
C GLY F 37 -27.35 -19.79 31.06
N LYS F 38 -27.68 -19.07 30.00
CA LYS F 38 -26.70 -18.40 29.17
C LYS F 38 -25.92 -17.38 29.99
N THR F 39 -26.64 -16.58 30.74
CA THR F 39 -26.04 -15.53 31.56
C THR F 39 -25.22 -16.11 32.71
N GLN F 40 -25.66 -17.21 33.26
CA GLN F 40 -24.94 -17.87 34.34
C GLN F 40 -23.60 -18.33 33.79
N LEU F 41 -23.65 -19.00 32.64
CA LEU F 41 -22.47 -19.50 31.97
C LEU F 41 -21.48 -18.37 31.74
N ALA F 42 -22.00 -17.20 31.37
CA ALA F 42 -21.16 -16.04 31.17
C ALA F 42 -20.50 -15.65 32.48
N HIS F 43 -21.27 -15.68 33.56
CA HIS F 43 -20.77 -15.33 34.88
C HIS F 43 -19.69 -16.30 35.30
N THR F 44 -19.90 -17.58 35.03
CA THR F 44 -18.91 -18.57 35.38
C THR F 44 -17.63 -18.32 34.60
N LEU F 45 -17.77 -18.00 33.32
CA LEU F 45 -16.63 -17.74 32.42
C LEU F 45 -15.79 -16.56 32.88
N ALA F 46 -16.43 -15.54 33.43
CA ALA F 46 -15.75 -14.37 33.95
C ALA F 46 -14.77 -14.73 35.07
N VAL F 47 -15.12 -15.70 35.91
CA VAL F 47 -14.24 -16.17 36.97
C VAL F 47 -13.23 -17.22 36.46
N MET F 48 -13.69 -18.20 35.69
CA MET F 48 -12.83 -19.25 35.17
C MET F 48 -11.61 -18.72 34.39
N VAL F 49 -11.76 -17.54 33.77
CA VAL F 49 -10.68 -16.92 33.00
C VAL F 49 -9.54 -16.37 33.86
N GLN F 50 -9.86 -15.92 35.07
CA GLN F 50 -8.88 -15.41 36.05
C GLN F 50 -7.85 -16.44 36.53
N LEU F 51 -8.23 -17.71 36.51
CA LEU F 51 -7.38 -18.81 36.95
C LEU F 51 -6.21 -19.07 36.03
N PRO F 52 -5.15 -19.69 36.57
CA PRO F 52 -3.96 -20.07 35.80
C PRO F 52 -4.29 -21.22 34.87
N PRO F 53 -3.56 -21.35 33.76
CA PRO F 53 -3.75 -22.40 32.75
C PRO F 53 -3.80 -23.82 33.28
N GLU F 54 -3.00 -24.14 34.30
CA GLU F 54 -2.98 -25.49 34.85
C GLU F 54 -4.34 -25.85 35.44
N GLU F 55 -4.94 -24.89 36.13
CA GLU F 55 -6.26 -25.07 36.73
C GLU F 55 -7.35 -25.24 35.66
N GLY F 56 -7.23 -24.52 34.55
CA GLY F 56 -8.17 -24.63 33.45
C GLY F 56 -8.52 -23.28 32.84
N GLY F 57 -7.84 -22.25 33.31
CA GLY F 57 -8.05 -20.89 32.88
C GLY F 57 -7.01 -20.33 31.91
N LEU F 58 -7.01 -19.02 31.74
CA LEU F 58 -6.04 -18.37 30.86
C LEU F 58 -5.22 -17.28 31.56
N ASN F 59 -5.31 -17.22 32.88
CA ASN F 59 -4.60 -16.24 33.69
C ASN F 59 -4.85 -14.79 33.26
N GLY F 60 -6.11 -14.47 32.93
CA GLY F 60 -6.44 -13.13 32.49
C GLY F 60 -7.62 -12.44 33.16
N SER F 61 -7.99 -11.29 32.62
CA SER F 61 -9.11 -10.52 33.13
C SER F 61 -10.32 -10.68 32.21
N ALA F 62 -11.47 -10.17 32.65
CA ALA F 62 -12.69 -10.30 31.85
C ALA F 62 -13.42 -8.99 31.63
N MET F 63 -14.10 -8.91 30.49
CA MET F 63 -14.89 -7.74 30.13
C MET F 63 -16.33 -8.17 29.97
N TYR F 64 -17.24 -7.41 30.56
CA TYR F 64 -18.67 -7.76 30.53
C TYR F 64 -19.55 -6.63 30.08
N ILE F 65 -20.25 -6.84 28.98
CA ILE F 65 -21.17 -5.85 28.47
C ILE F 65 -22.56 -6.43 28.68
N ASP F 66 -23.38 -5.73 29.44
CA ASP F 66 -24.71 -6.21 29.75
C ASP F 66 -25.79 -5.39 29.08
N THR F 67 -26.55 -6.04 28.22
CA THR F 67 -27.63 -5.41 27.51
C THR F 67 -28.95 -5.65 28.21
N GLU F 68 -28.96 -6.59 29.14
CA GLU F 68 -30.19 -6.93 29.82
C GLU F 68 -30.19 -6.72 31.33
N ASN F 69 -29.18 -6.02 31.82
CA ASN F 69 -29.07 -5.70 33.25
C ASN F 69 -29.17 -6.91 34.20
N THR F 70 -28.55 -8.01 33.81
CA THR F 70 -28.58 -9.21 34.61
C THR F 70 -27.19 -9.53 35.15
N PHE F 71 -26.38 -8.49 35.35
CA PHE F 71 -25.03 -8.69 35.86
C PHE F 71 -25.04 -8.55 37.36
N ARG F 72 -24.72 -9.65 38.04
CA ARG F 72 -24.70 -9.68 39.49
C ARG F 72 -23.31 -9.92 40.04
N PRO F 73 -22.71 -8.88 40.63
CA PRO F 73 -21.36 -8.96 41.23
C PRO F 73 -21.28 -9.95 42.38
N GLU F 74 -22.35 -10.03 43.21
CA GLU F 74 -22.46 -10.94 44.36
C GLU F 74 -22.49 -12.41 43.95
N ARG F 75 -22.85 -12.70 42.70
CA ARG F 75 -22.82 -14.08 42.21
C ARG F 75 -21.39 -14.42 41.82
N LEU F 76 -20.59 -13.41 41.51
CA LEU F 76 -19.17 -13.66 41.18
C LEU F 76 -18.48 -13.97 42.51
N ARG F 77 -18.70 -13.12 43.50
CA ARG F 77 -18.20 -13.32 44.88
C ARG F 77 -18.54 -14.73 45.33
N GLU F 78 -19.80 -15.11 45.14
CA GLU F 78 -20.30 -16.41 45.51
C GLU F 78 -19.54 -17.53 44.79
N ILE F 79 -19.37 -17.40 43.48
CA ILE F 79 -18.65 -18.43 42.74
C ILE F 79 -17.19 -18.51 43.17
N ALA F 80 -16.58 -17.35 43.40
CA ALA F 80 -15.19 -17.21 43.86
C ALA F 80 -15.00 -17.97 45.20
N GLN F 81 -15.78 -17.58 46.24
CA GLN F 81 -15.82 -18.19 47.58
C GLN F 81 -15.91 -19.73 47.57
N ASN F 82 -16.82 -20.28 46.76
CA ASN F 82 -17.09 -21.71 46.65
C ASN F 82 -16.05 -22.47 45.89
N ARG F 83 -15.27 -21.76 45.10
CA ARG F 83 -14.17 -22.34 44.36
C ARG F 83 -12.90 -22.19 45.22
N GLY F 84 -12.98 -21.34 46.25
CA GLY F 84 -11.89 -21.07 47.18
C GLY F 84 -10.88 -20.09 46.61
N LEU F 85 -11.35 -18.84 46.34
CA LEU F 85 -10.56 -17.75 45.75
C LEU F 85 -10.87 -16.42 46.44
N ASP F 86 -9.88 -15.50 46.55
CA ASP F 86 -10.09 -14.18 47.16
C ASP F 86 -11.17 -13.48 46.31
N PRO F 87 -12.38 -13.25 46.88
CA PRO F 87 -13.47 -12.67 46.09
C PRO F 87 -13.26 -11.23 45.72
N ASP F 88 -12.60 -10.45 46.59
CA ASP F 88 -12.30 -9.02 46.37
C ASP F 88 -11.38 -8.77 45.18
N GLU F 89 -10.57 -9.79 44.81
CA GLU F 89 -9.64 -9.75 43.68
C GLU F 89 -10.32 -10.24 42.42
N VAL F 90 -11.35 -11.09 42.58
CA VAL F 90 -12.15 -11.63 41.48
C VAL F 90 -12.97 -10.47 40.89
N LEU F 91 -13.55 -9.64 41.77
CA LEU F 91 -14.31 -8.45 41.40
C LEU F 91 -13.42 -7.38 40.77
N ASP F 92 -12.13 -7.39 41.16
CA ASP F 92 -11.10 -6.50 40.65
C ASP F 92 -10.68 -6.86 39.23
N ASN F 93 -10.73 -8.15 38.85
CA ASN F 93 -10.34 -8.59 37.51
C ASN F 93 -11.49 -8.68 36.49
N VAL F 94 -12.65 -8.12 36.82
CA VAL F 94 -13.77 -8.16 35.90
C VAL F 94 -14.27 -6.78 35.53
N ALA F 95 -14.05 -6.40 34.27
CA ALA F 95 -14.50 -5.13 33.73
C ALA F 95 -16.01 -5.17 33.55
N TYR F 96 -16.70 -4.06 33.77
CA TYR F 96 -18.16 -4.06 33.64
C TYR F 96 -18.78 -2.80 33.06
N ALA F 97 -19.62 -2.99 32.04
CA ALA F 97 -20.32 -1.87 31.41
C ALA F 97 -21.75 -2.27 31.07
N ARG F 98 -22.69 -1.39 31.40
CA ARG F 98 -24.11 -1.64 31.10
C ARG F 98 -24.47 -0.89 29.81
N ALA F 99 -24.77 -1.64 28.76
CA ALA F 99 -25.12 -1.06 27.47
C ALA F 99 -26.52 -0.46 27.48
N GLN F 105 -23.14 0.89 23.18
CA GLN F 105 -22.64 -0.45 22.93
C GLN F 105 -21.50 -0.42 21.93
N MET F 106 -21.43 0.64 21.13
CA MET F 106 -20.34 0.81 20.16
C MET F 106 -19.21 1.63 20.80
N GLN F 107 -19.57 2.73 21.51
CA GLN F 107 -18.66 3.62 22.24
C GLN F 107 -17.97 2.81 23.36
N LEU F 108 -18.64 1.79 23.85
CA LEU F 108 -18.06 0.93 24.83
C LEU F 108 -16.99 0.13 24.15
N LEU F 109 -17.37 -0.60 23.11
CA LEU F 109 -16.45 -1.47 22.39
C LEU F 109 -15.15 -0.80 21.98
N TYR F 110 -15.15 0.52 21.85
CA TYR F 110 -13.95 1.22 21.48
C TYR F 110 -13.02 1.17 22.65
N GLN F 111 -13.48 1.69 23.77
CA GLN F 111 -12.70 1.70 25.00
C GLN F 111 -12.33 0.29 25.45
N ALA F 112 -13.25 -0.65 25.29
CA ALA F 112 -12.99 -1.99 25.63
C ALA F 112 -11.80 -2.46 24.84
N SER F 113 -11.74 -2.22 23.54
CA SER F 113 -10.56 -2.66 22.79
C SER F 113 -9.33 -1.90 23.15
N ALA F 114 -9.49 -0.65 23.52
CA ALA F 114 -8.35 0.10 23.93
C ALA F 114 -7.75 -0.52 25.13
N MET F 115 -8.55 -0.70 26.18
CA MET F 115 -8.06 -1.27 27.43
C MET F 115 -7.29 -2.57 27.26
N MET F 116 -7.62 -3.33 26.22
CA MET F 116 -6.94 -4.58 25.98
C MET F 116 -5.48 -4.31 25.62
N VAL F 117 -5.25 -3.32 24.76
CA VAL F 117 -3.90 -2.97 24.33
C VAL F 117 -3.04 -2.45 25.47
N GLU F 118 -3.65 -1.64 26.34
CA GLU F 118 -2.95 -1.03 27.45
C GLU F 118 -2.37 -2.06 28.41
N SER F 119 -3.13 -3.13 28.65
CA SER F 119 -2.71 -4.20 29.54
C SER F 119 -2.36 -5.48 28.79
N LEU F 120 -2.09 -5.36 27.50
CA LEU F 120 -1.82 -6.52 26.66
C LEU F 120 -0.62 -7.40 27.05
N ASN F 121 0.47 -6.77 27.47
CA ASN F 121 1.68 -7.53 27.81
C ASN F 121 1.92 -7.74 29.32
N THR F 122 0.96 -7.35 30.15
CA THR F 122 1.10 -7.51 31.60
C THR F 122 0.88 -8.92 32.16
N ASP F 123 0.94 -9.02 33.49
CA ASP F 123 0.72 -10.28 34.20
C ASP F 123 -0.72 -10.80 33.98
N ARG F 124 -1.70 -9.91 34.08
CA ARG F 124 -3.10 -10.27 33.84
C ARG F 124 -3.74 -9.39 32.77
N PRO F 125 -3.73 -9.85 31.50
CA PRO F 125 -4.29 -9.19 30.33
C PRO F 125 -5.69 -9.71 30.02
N TYR F 126 -6.57 -8.86 29.50
CA TYR F 126 -7.94 -9.31 29.24
C TYR F 126 -7.93 -10.46 28.26
N LYS F 127 -8.56 -11.55 28.65
CA LYS F 127 -8.61 -12.76 27.83
C LYS F 127 -10.03 -13.11 27.43
N LEU F 128 -10.99 -12.27 27.79
CA LEU F 128 -12.38 -12.56 27.49
C LEU F 128 -13.30 -11.36 27.44
N LEU F 129 -14.14 -11.34 26.41
CA LEU F 129 -15.11 -10.29 26.21
C LEU F 129 -16.49 -10.94 26.14
N ILE F 130 -17.38 -10.52 27.02
CA ILE F 130 -18.71 -11.10 27.08
C ILE F 130 -19.80 -10.13 26.70
N VAL F 131 -20.64 -10.55 25.76
CA VAL F 131 -21.76 -9.72 25.32
C VAL F 131 -23.07 -10.40 25.63
N ASP F 132 -23.68 -10.00 26.73
CA ASP F 132 -24.95 -10.54 27.16
C ASP F 132 -25.94 -9.40 27.23
N SER F 133 -26.97 -9.45 26.41
CA SER F 133 -27.13 -10.47 25.39
C SER F 133 -27.17 -9.82 24.04
N LEU F 134 -26.82 -10.56 23.00
CA LEU F 134 -26.82 -9.99 21.65
C LEU F 134 -28.24 -9.56 21.25
N THR F 135 -29.22 -10.39 21.60
CA THR F 135 -30.62 -10.13 21.32
C THR F 135 -31.24 -9.16 22.33
N ARG F 151 -31.03 -1.93 10.73
CA ARG F 151 -30.68 -2.47 12.04
C ARG F 151 -29.76 -3.70 11.96
N GLN F 152 -30.03 -4.65 11.04
CA GLN F 152 -29.22 -5.87 10.81
C GLN F 152 -27.78 -5.50 10.38
N GLN F 153 -27.60 -4.32 9.76
CA GLN F 153 -26.30 -3.82 9.32
C GLN F 153 -25.50 -3.31 10.52
N LYS F 154 -26.14 -2.51 11.40
CA LYS F 154 -25.57 -1.96 12.62
C LYS F 154 -25.06 -3.10 13.53
N LEU F 155 -25.79 -4.20 13.59
CA LEU F 155 -25.42 -5.33 14.40
C LEU F 155 -24.28 -6.08 13.71
N ALA F 156 -24.34 -6.15 12.39
CA ALA F 156 -23.32 -6.82 11.60
C ALA F 156 -21.97 -6.12 11.76
N ARG F 157 -21.99 -4.80 11.80
CA ARG F 157 -20.78 -4.01 11.99
C ARG F 157 -20.18 -4.33 13.35
N PHE F 158 -21.04 -4.35 14.36
CA PHE F 158 -20.66 -4.66 15.73
C PHE F 158 -20.06 -6.05 15.78
N LEU F 159 -20.66 -6.96 15.02
CA LEU F 159 -20.21 -8.33 14.93
C LEU F 159 -18.84 -8.49 14.27
N ARG F 160 -18.58 -7.72 13.22
CA ARG F 160 -17.31 -7.79 12.51
C ARG F 160 -16.16 -7.37 13.42
N MET F 161 -16.39 -6.35 14.23
CA MET F 161 -15.39 -5.84 15.15
C MET F 161 -15.00 -6.90 16.16
N LEU F 162 -15.98 -7.67 16.63
CA LEU F 162 -15.71 -8.70 17.60
C LEU F 162 -14.79 -9.76 17.01
N HIS F 163 -15.03 -10.13 15.76
CA HIS F 163 -14.18 -11.14 15.13
C HIS F 163 -12.73 -10.68 15.10
N ARG F 164 -12.52 -9.40 14.82
CA ARG F 164 -11.17 -8.86 14.78
C ARG F 164 -10.47 -8.97 16.12
N LEU F 165 -11.17 -8.61 17.19
CA LEU F 165 -10.57 -8.66 18.51
C LEU F 165 -10.20 -10.08 18.91
N ALA F 166 -11.04 -11.03 18.59
CA ALA F 166 -10.74 -12.41 18.92
C ALA F 166 -9.44 -12.77 18.21
N ASN F 167 -9.32 -12.33 16.98
CA ASN F 167 -8.15 -12.71 16.18
C ASN F 167 -6.88 -11.88 16.47
N GLU F 168 -7.05 -10.58 16.81
CA GLU F 168 -5.99 -9.61 17.13
C GLU F 168 -5.35 -9.73 18.51
N PHE F 169 -6.17 -9.85 19.56
CA PHE F 169 -5.65 -9.90 20.95
C PHE F 169 -5.71 -11.24 21.66
N ASP F 170 -5.94 -12.31 20.91
CA ASP F 170 -6.02 -13.68 21.45
C ASP F 170 -7.01 -13.78 22.63
N ILE F 171 -8.14 -13.09 22.51
CA ILE F 171 -9.14 -13.12 23.55
C ILE F 171 -10.30 -13.95 23.06
N ALA F 172 -11.10 -14.45 23.99
CA ALA F 172 -12.26 -15.25 23.62
C ALA F 172 -13.49 -14.40 23.78
N VAL F 173 -14.34 -14.40 22.76
CA VAL F 173 -15.57 -13.63 22.79
C VAL F 173 -16.74 -14.56 23.02
N PHE F 174 -17.55 -14.22 24.01
CA PHE F 174 -18.73 -15.00 24.37
C PHE F 174 -19.98 -14.16 24.18
N VAL F 175 -20.90 -14.64 23.34
CA VAL F 175 -22.14 -13.94 23.09
C VAL F 175 -23.34 -14.84 23.30
N THR F 176 -24.42 -14.26 23.78
CA THR F 176 -25.64 -15.01 24.05
C THR F 176 -26.83 -14.55 23.23
N ASN F 177 -27.60 -15.50 22.72
CA ASN F 177 -28.79 -15.16 21.96
C ASN F 177 -30.06 -15.82 22.51
N GLN F 178 -31.11 -15.04 22.73
CA GLN F 178 -32.35 -15.59 23.24
C GLN F 178 -33.27 -16.13 22.16
N VAL F 179 -33.68 -17.37 22.32
CA VAL F 179 -34.60 -18.02 21.40
C VAL F 179 -35.96 -18.13 22.10
N GLN F 180 -37.04 -17.83 21.39
CA GLN F 180 -38.37 -17.88 22.01
C GLN F 180 -39.07 -19.24 22.13
N ALA F 181 -38.58 -20.25 21.44
CA ALA F 181 -39.21 -21.58 21.49
C ALA F 181 -38.16 -22.66 21.37
N ASN F 182 -38.52 -23.83 20.86
CA ASN F 182 -37.52 -24.89 20.77
C ASN F 182 -37.63 -25.79 19.55
N GLY F 183 -36.58 -26.59 19.33
CA GLY F 183 -36.53 -27.50 18.21
C GLY F 183 -35.24 -27.47 17.43
N GLY F 184 -34.41 -26.46 17.67
CA GLY F 184 -33.11 -26.39 17.02
C GLY F 184 -32.92 -25.79 15.64
N HIS F 185 -33.86 -24.98 15.18
CA HIS F 185 -33.74 -24.31 13.89
C HIS F 185 -33.53 -22.83 14.18
N ILE F 186 -32.28 -22.38 14.20
CA ILE F 186 -32.01 -21.00 14.55
C ILE F 186 -31.10 -20.34 13.53
N LEU F 187 -31.18 -19.02 13.41
CA LEU F 187 -30.34 -18.31 12.47
C LEU F 187 -29.09 -17.88 13.22
N ALA F 188 -28.02 -18.62 12.98
CA ALA F 188 -26.75 -18.35 13.61
C ALA F 188 -25.95 -17.43 12.72
N HIS F 189 -25.10 -16.61 13.31
CA HIS F 189 -24.27 -15.70 12.54
C HIS F 189 -23.11 -16.40 11.85
N SER F 190 -22.46 -15.72 10.93
CA SER F 190 -21.35 -16.35 10.21
C SER F 190 -20.05 -16.32 11.01
N ALA F 191 -19.25 -17.41 10.83
CA ALA F 191 -17.93 -17.64 11.38
C ALA F 191 -17.90 -17.64 12.91
N THR F 192 -18.88 -18.28 13.53
CA THR F 192 -18.94 -18.38 14.98
C THR F 192 -19.12 -19.81 15.37
N LEU F 193 -19.00 -20.10 16.66
CA LEU F 193 -19.22 -21.45 17.15
C LEU F 193 -20.57 -21.36 17.83
N ARG F 194 -21.44 -22.31 17.53
CA ARG F 194 -22.79 -22.30 18.08
C ARG F 194 -23.09 -23.41 19.06
N VAL F 195 -23.59 -23.02 20.22
CA VAL F 195 -23.98 -23.95 21.28
C VAL F 195 -25.45 -23.77 21.61
N TYR F 196 -26.18 -24.88 21.68
CA TYR F 196 -27.59 -24.79 22.02
C TYR F 196 -27.84 -25.30 23.43
N LEU F 197 -28.38 -24.43 24.28
CA LEU F 197 -28.67 -24.77 25.66
C LEU F 197 -30.13 -25.15 25.86
N ARG F 198 -30.36 -26.28 26.49
CA ARG F 198 -31.72 -26.74 26.74
C ARG F 198 -31.88 -27.21 28.18
N LYS F 199 -33.03 -26.90 28.76
CA LYS F 199 -33.35 -27.28 30.12
C LYS F 199 -34.08 -28.60 30.06
N GLY F 200 -33.38 -29.65 30.44
CA GLY F 200 -33.94 -31.00 30.46
C GLY F 200 -34.82 -31.37 31.64
N LYS F 201 -35.55 -32.47 31.50
CA LYS F 201 -36.46 -32.94 32.56
C LYS F 201 -35.68 -33.58 33.72
N GLY F 202 -35.62 -32.87 34.84
CA GLY F 202 -34.91 -33.34 36.01
C GLY F 202 -34.04 -32.26 36.61
N GLY F 203 -34.15 -31.04 36.09
CA GLY F 203 -33.39 -29.92 36.59
C GLY F 203 -31.96 -29.82 36.08
N LYS F 204 -31.58 -30.75 35.22
CA LYS F 204 -30.23 -30.76 34.67
C LYS F 204 -30.28 -30.36 33.20
N ARG F 205 -29.39 -29.46 32.80
CA ARG F 205 -29.34 -28.95 31.44
C ARG F 205 -28.72 -29.89 30.41
N ILE F 206 -29.02 -29.62 29.16
CA ILE F 206 -28.51 -30.38 28.05
C ILE F 206 -27.94 -29.40 27.04
N ALA F 207 -26.76 -29.69 26.52
CA ALA F 207 -26.13 -28.83 25.54
C ALA F 207 -25.72 -29.66 24.35
N ARG F 208 -25.80 -29.05 23.17
CA ARG F 208 -25.42 -29.72 21.94
C ARG F 208 -24.92 -28.69 20.93
N LEU F 209 -24.13 -29.17 19.99
CA LEU F 209 -23.54 -28.31 18.97
C LEU F 209 -24.49 -28.11 17.80
N ILE F 210 -24.73 -26.85 17.47
CA ILE F 210 -25.61 -26.47 16.38
C ILE F 210 -24.86 -26.10 15.12
N ASP F 211 -24.81 -27.03 14.16
CA ASP F 211 -24.14 -26.79 12.88
C ASP F 211 -22.74 -26.20 13.01
N GLY F 218 -21.85 -36.00 20.58
CA GLY F 218 -23.15 -36.16 21.24
C GLY F 218 -23.59 -34.93 22.00
N GLU F 219 -24.14 -35.13 23.21
CA GLU F 219 -24.65 -34.06 24.09
C GLU F 219 -23.87 -33.92 25.41
N ALA F 220 -23.96 -32.73 26.04
CA ALA F 220 -23.30 -32.40 27.30
C ALA F 220 -24.35 -32.14 28.39
N VAL F 221 -24.33 -32.97 29.42
CA VAL F 221 -25.25 -32.85 30.54
C VAL F 221 -24.56 -32.07 31.65
N PHE F 222 -25.08 -30.89 31.97
CA PHE F 222 -24.46 -30.06 32.99
C PHE F 222 -25.46 -29.41 33.94
N SER F 223 -24.96 -28.93 35.08
CA SER F 223 -25.81 -28.29 36.08
C SER F 223 -25.27 -26.95 36.52
N ILE F 224 -26.13 -26.14 37.10
CA ILE F 224 -25.72 -24.84 37.62
C ILE F 224 -25.68 -24.95 39.13
N THR F 225 -24.50 -24.76 39.71
CA THR F 225 -24.33 -24.89 41.14
C THR F 225 -23.84 -23.61 41.81
N GLU F 226 -23.57 -23.71 43.10
CA GLU F 226 -23.09 -22.60 43.90
C GLU F 226 -21.74 -22.06 43.41
N LYS F 227 -20.87 -22.95 42.95
CA LYS F 227 -19.57 -22.57 42.42
C LYS F 227 -19.60 -22.22 40.93
N GLY F 228 -20.77 -22.30 40.32
CA GLY F 228 -20.91 -21.96 38.92
C GLY F 228 -21.51 -23.04 38.06
N ILE F 229 -20.70 -23.61 37.17
CA ILE F 229 -21.18 -24.65 36.29
C ILE F 229 -20.45 -25.96 36.57
N GLU F 230 -21.21 -27.03 36.68
CA GLU F 230 -20.65 -28.34 36.93
C GLU F 230 -21.33 -29.32 35.99
N ASP F 231 -20.64 -30.41 35.65
CA ASP F 231 -21.20 -31.39 34.74
C ASP F 231 -22.26 -32.24 35.44
N ALA G 2 -2.81 -51.35 11.68
CA ALA G 2 -4.16 -51.91 11.83
C ALA G 2 -4.37 -53.09 10.87
N THR G 3 -5.30 -54.01 11.25
CA THR G 3 -5.62 -55.21 10.48
C THR G 3 -6.31 -54.88 9.15
N ILE G 4 -5.85 -55.55 8.09
CA ILE G 4 -6.35 -55.40 6.72
C ILE G 4 -7.76 -55.98 6.59
N GLY G 5 -8.72 -55.13 6.27
CA GLY G 5 -10.10 -55.54 6.09
C GLY G 5 -10.39 -55.89 4.66
N ARG G 6 -11.51 -56.56 4.43
CA ARG G 6 -11.89 -56.96 3.08
C ARG G 6 -13.31 -56.57 2.72
N ILE G 7 -13.50 -56.08 1.50
CA ILE G 7 -14.81 -55.69 1.05
C ILE G 7 -15.28 -56.70 0.01
N SER G 8 -16.36 -57.41 0.32
CA SER G 8 -16.88 -58.42 -0.56
C SER G 8 -17.36 -57.82 -1.87
N THR G 9 -17.16 -58.56 -2.95
CA THR G 9 -17.59 -58.14 -4.27
C THR G 9 -19.02 -58.54 -4.58
N GLY G 10 -19.61 -59.32 -3.67
CA GLY G 10 -20.95 -59.82 -3.82
C GLY G 10 -21.03 -61.13 -4.59
N SER G 11 -19.87 -61.65 -4.97
CA SER G 11 -19.79 -62.89 -5.72
C SER G 11 -18.89 -63.87 -5.00
N LYS G 12 -19.45 -65.03 -4.67
CA LYS G 12 -18.73 -66.09 -3.95
C LYS G 12 -17.44 -66.51 -4.71
N SER G 13 -17.52 -66.64 -6.07
CA SER G 13 -16.39 -67.01 -6.93
C SER G 13 -15.30 -65.94 -6.83
N LEU G 14 -15.64 -64.71 -7.19
CA LEU G 14 -14.72 -63.59 -7.11
C LEU G 14 -14.05 -63.46 -5.74
N ASP G 15 -14.85 -63.46 -4.68
CA ASP G 15 -14.33 -63.36 -3.33
C ASP G 15 -13.31 -64.46 -3.03
N LYS G 16 -13.66 -65.69 -3.39
CA LYS G 16 -12.77 -66.86 -3.18
C LYS G 16 -11.42 -66.58 -3.83
N LEU G 17 -11.45 -66.16 -5.09
CA LEU G 17 -10.26 -65.82 -5.85
C LEU G 17 -9.44 -64.75 -5.11
N LEU G 18 -10.09 -63.69 -4.66
CA LEU G 18 -9.40 -62.61 -3.96
C LEU G 18 -9.09 -62.93 -2.49
N GLY G 19 -9.56 -64.09 -2.03
CA GLY G 19 -9.35 -64.53 -0.66
C GLY G 19 -10.17 -63.75 0.36
N GLY G 20 -11.38 -63.34 -0.06
CA GLY G 20 -12.35 -62.61 0.74
C GLY G 20 -12.92 -61.34 0.14
N GLY G 21 -12.27 -60.87 -0.93
CA GLY G 21 -12.67 -59.65 -1.61
C GLY G 21 -11.50 -58.68 -1.66
N ILE G 22 -11.77 -57.44 -2.07
CA ILE G 22 -10.73 -56.40 -2.18
C ILE G 22 -10.28 -55.94 -0.77
N GLU G 23 -8.96 -55.75 -0.58
CA GLU G 23 -8.32 -55.42 0.70
C GLU G 23 -8.04 -53.94 0.97
N THR G 24 -7.91 -53.58 2.25
CA THR G 24 -7.54 -52.22 2.63
C THR G 24 -6.00 -52.11 2.60
N GLN G 25 -5.49 -50.88 2.63
CA GLN G 25 -4.04 -50.57 2.54
C GLN G 25 -3.42 -51.25 1.29
N ALA G 26 -4.21 -51.32 0.21
CA ALA G 26 -3.85 -51.95 -1.05
C ALA G 26 -4.65 -51.35 -2.20
N ILE G 27 -4.14 -51.50 -3.41
CA ILE G 27 -4.82 -50.99 -4.57
C ILE G 27 -5.17 -52.16 -5.47
N THR G 28 -6.45 -52.43 -5.60
CA THR G 28 -6.87 -53.53 -6.44
C THR G 28 -7.09 -52.91 -7.80
N GLU G 29 -6.49 -53.53 -8.81
CA GLU G 29 -6.58 -53.01 -10.15
C GLU G 29 -7.27 -54.02 -11.01
N VAL G 30 -8.26 -53.56 -11.75
CA VAL G 30 -8.97 -54.46 -12.62
C VAL G 30 -8.74 -54.08 -14.07
N PHE G 31 -8.35 -55.06 -14.87
CA PHE G 31 -8.07 -54.86 -16.27
C PHE G 31 -9.12 -55.58 -17.09
N GLY G 32 -9.56 -54.97 -18.16
CA GLY G 32 -10.54 -55.62 -19.02
C GLY G 32 -11.02 -54.79 -20.17
N GLU G 33 -11.68 -55.44 -21.12
CA GLU G 33 -12.24 -54.81 -22.32
C GLU G 33 -13.52 -54.02 -22.05
N PHE G 34 -14.00 -53.30 -23.03
CA PHE G 34 -15.24 -52.57 -22.83
C PHE G 34 -16.39 -53.56 -22.63
N GLY G 35 -17.22 -53.31 -21.61
CA GLY G 35 -18.36 -54.16 -21.29
C GLY G 35 -18.00 -55.37 -20.44
N SER G 36 -16.72 -55.51 -20.08
CA SER G 36 -16.22 -56.61 -19.26
C SER G 36 -16.69 -56.55 -17.76
N GLY G 37 -17.42 -55.49 -17.37
CA GLY G 37 -17.98 -55.34 -16.03
C GLY G 37 -17.15 -54.65 -14.98
N LYS G 38 -16.38 -53.66 -15.41
CA LYS G 38 -15.51 -52.92 -14.51
C LYS G 38 -16.26 -51.88 -13.72
N THR G 39 -17.10 -51.11 -14.40
CA THR G 39 -17.92 -50.11 -13.74
C THR G 39 -18.97 -50.75 -12.82
N GLN G 40 -19.55 -51.85 -13.26
CA GLN G 40 -20.53 -52.57 -12.49
C GLN G 40 -19.95 -53.04 -11.19
N LEU G 41 -18.73 -53.55 -11.25
CA LEU G 41 -18.06 -54.05 -10.06
C LEU G 41 -17.79 -52.90 -9.09
N ALA G 42 -17.45 -51.73 -9.64
CA ALA G 42 -17.20 -50.56 -8.82
C ALA G 42 -18.48 -50.15 -8.10
N HIS G 43 -19.60 -50.20 -8.81
CA HIS G 43 -20.88 -49.85 -8.22
C HIS G 43 -21.23 -50.81 -7.08
N THR G 44 -20.98 -52.10 -7.29
CA THR G 44 -21.27 -53.10 -6.28
C THR G 44 -20.46 -52.90 -5.01
N LEU G 45 -19.18 -52.62 -5.17
CA LEU G 45 -18.29 -52.40 -4.02
C LEU G 45 -18.70 -51.17 -3.24
N ALA G 46 -19.23 -50.16 -3.93
CA ALA G 46 -19.69 -48.94 -3.28
C ALA G 46 -20.79 -49.24 -2.26
N VAL G 47 -21.68 -50.17 -2.59
CA VAL G 47 -22.75 -50.58 -1.69
C VAL G 47 -22.24 -51.54 -0.62
N MET G 48 -21.46 -52.54 -1.03
CA MET G 48 -20.92 -53.54 -0.09
C MET G 48 -20.09 -53.01 1.09
N VAL G 49 -19.27 -51.99 0.86
CA VAL G 49 -18.41 -51.45 1.93
C VAL G 49 -19.20 -50.91 3.12
N GLN G 50 -20.43 -50.51 2.85
CA GLN G 50 -21.36 -49.96 3.83
C GLN G 50 -21.92 -50.99 4.77
N LEU G 51 -21.87 -52.26 4.38
CA LEU G 51 -22.37 -53.32 5.23
C LEU G 51 -21.44 -53.60 6.41
N PRO G 52 -21.95 -54.27 7.45
CA PRO G 52 -21.10 -54.62 8.59
C PRO G 52 -20.22 -55.81 8.22
N PRO G 53 -19.09 -56.01 8.91
CA PRO G 53 -18.20 -57.14 8.57
C PRO G 53 -18.88 -58.51 8.44
N GLU G 54 -19.99 -58.72 9.18
CA GLU G 54 -20.81 -59.94 9.17
C GLU G 54 -21.45 -60.18 7.80
N GLU G 55 -21.85 -59.10 7.10
CA GLU G 55 -22.50 -59.13 5.78
C GLU G 55 -21.56 -58.87 4.57
N GLY G 56 -20.24 -58.89 4.82
CA GLY G 56 -19.23 -58.71 3.78
C GLY G 56 -18.93 -57.26 3.45
N GLY G 57 -18.71 -56.46 4.50
CA GLY G 57 -18.40 -55.05 4.36
C GLY G 57 -17.51 -54.56 5.47
N LEU G 58 -17.35 -53.24 5.56
CA LEU G 58 -16.51 -52.63 6.59
C LEU G 58 -17.16 -51.54 7.43
N ASN G 59 -18.49 -51.43 7.38
CA ASN G 59 -19.24 -50.38 8.11
C ASN G 59 -18.75 -48.97 7.74
N GLY G 60 -18.48 -48.75 6.46
CA GLY G 60 -17.96 -47.47 6.03
C GLY G 60 -18.70 -46.77 4.92
N SER G 61 -18.05 -45.77 4.35
CA SER G 61 -18.60 -44.96 3.29
C SER G 61 -17.74 -45.11 2.04
N ALA G 62 -18.24 -44.67 0.91
CA ALA G 62 -17.50 -44.82 -0.34
C ALA G 62 -17.31 -43.48 -1.06
N MET G 63 -16.18 -43.36 -1.75
CA MET G 63 -15.80 -42.22 -2.57
C MET G 63 -15.57 -42.72 -3.98
N TYR G 64 -16.27 -42.15 -4.94
CA TYR G 64 -16.15 -42.59 -6.31
C TYR G 64 -15.77 -41.45 -7.21
N ILE G 65 -14.67 -41.61 -7.91
CA ILE G 65 -14.24 -40.59 -8.83
C ILE G 65 -14.46 -41.17 -10.20
N ASP G 66 -15.32 -40.51 -10.96
CA ASP G 66 -15.69 -40.97 -12.27
C ASP G 66 -15.08 -40.13 -13.36
N THR G 67 -14.29 -40.77 -14.20
CA THR G 67 -13.63 -40.13 -15.33
C THR G 67 -14.28 -40.41 -16.69
N GLU G 68 -15.29 -41.26 -16.74
CA GLU G 68 -15.92 -41.59 -18.02
C GLU G 68 -17.40 -41.36 -18.09
N ASN G 69 -17.94 -40.63 -17.14
CA ASN G 69 -19.37 -40.37 -17.03
C ASN G 69 -20.22 -41.62 -16.97
N THR G 70 -19.74 -42.65 -16.27
CA THR G 70 -20.41 -43.91 -16.13
C THR G 70 -21.07 -44.11 -14.77
N PHE G 71 -21.02 -43.11 -13.93
CA PHE G 71 -21.63 -43.22 -12.63
C PHE G 71 -23.12 -42.99 -12.67
N ARG G 72 -23.90 -43.96 -12.23
CA ARG G 72 -25.34 -43.84 -12.24
C ARG G 72 -25.92 -44.01 -10.84
N PRO G 73 -26.53 -42.94 -10.32
CA PRO G 73 -27.16 -42.93 -9.00
C PRO G 73 -28.28 -43.97 -8.91
N GLU G 74 -29.03 -44.11 -10.00
CA GLU G 74 -30.12 -45.07 -10.09
C GLU G 74 -29.60 -46.50 -9.93
N ARG G 75 -28.43 -46.77 -10.50
CA ARG G 75 -27.81 -48.07 -10.40
C ARG G 75 -27.49 -48.40 -8.94
N LEU G 76 -27.03 -47.42 -8.17
CA LEU G 76 -26.74 -47.66 -6.76
C LEU G 76 -28.01 -48.02 -6.01
N ARG G 77 -29.10 -47.32 -6.32
CA ARG G 77 -30.39 -47.56 -5.69
C ARG G 77 -30.87 -48.96 -6.02
N GLU G 78 -30.69 -49.35 -7.27
CA GLU G 78 -31.11 -50.64 -7.76
C GLU G 78 -30.38 -51.76 -7.04
N ILE G 79 -29.08 -51.57 -6.82
CA ILE G 79 -28.30 -52.57 -6.13
C ILE G 79 -28.69 -52.59 -4.67
N ALA G 80 -29.00 -51.42 -4.11
CA ALA G 80 -29.35 -51.36 -2.69
C ALA G 80 -30.66 -52.05 -2.34
N GLN G 81 -31.68 -51.84 -3.17
CA GLN G 81 -32.99 -52.43 -2.93
C GLN G 81 -32.87 -53.95 -2.95
N ASN G 82 -32.55 -54.46 -4.13
CA ASN G 82 -32.39 -55.89 -4.36
C ASN G 82 -31.48 -56.61 -3.36
N ARG G 83 -30.70 -55.87 -2.53
CA ARG G 83 -29.84 -56.44 -1.48
C ARG G 83 -30.47 -56.28 -0.05
N GLY G 84 -31.75 -55.91 -0.03
CA GLY G 84 -32.52 -55.74 1.22
C GLY G 84 -32.01 -54.59 2.08
N LEU G 85 -31.59 -53.48 1.42
CA LEU G 85 -31.10 -52.27 2.05
C LEU G 85 -31.99 -51.08 1.66
N ASP G 86 -31.92 -49.97 2.42
CA ASP G 86 -32.69 -48.74 2.14
C ASP G 86 -31.86 -47.93 1.13
N PRO G 87 -32.35 -47.77 -0.10
CA PRO G 87 -31.60 -47.03 -1.11
C PRO G 87 -31.14 -45.64 -0.67
N ASP G 88 -32.01 -44.88 -0.01
CA ASP G 88 -31.66 -43.52 0.43
C ASP G 88 -30.44 -43.45 1.33
N GLU G 89 -30.37 -44.36 2.29
CA GLU G 89 -29.26 -44.46 3.25
C GLU G 89 -27.94 -44.78 2.48
N VAL G 90 -27.99 -45.74 1.54
CA VAL G 90 -26.87 -46.21 0.71
C VAL G 90 -26.32 -45.09 -0.21
N LEU G 91 -27.19 -44.30 -0.83
CA LEU G 91 -26.76 -43.19 -1.66
C LEU G 91 -26.05 -42.13 -0.81
N ASP G 92 -26.64 -41.82 0.34
CA ASP G 92 -26.10 -40.86 1.33
C ASP G 92 -24.67 -41.20 1.80
N ASN G 93 -24.29 -42.46 1.69
CA ASN G 93 -22.96 -42.86 2.11
C ASN G 93 -21.97 -43.02 0.95
N VAL G 94 -22.33 -42.49 -0.20
CA VAL G 94 -21.47 -42.47 -1.38
C VAL G 94 -21.20 -40.99 -1.77
N ALA G 95 -19.92 -40.63 -1.82
CA ALA G 95 -19.50 -39.30 -2.24
C ALA G 95 -18.95 -39.43 -3.66
N TYR G 96 -19.55 -38.71 -4.59
CA TYR G 96 -19.13 -38.77 -6.00
C TYR G 96 -18.71 -37.42 -6.56
N ALA G 97 -17.77 -37.46 -7.48
CA ALA G 97 -17.28 -36.32 -8.22
C ALA G 97 -16.86 -36.83 -9.56
N ARG G 98 -17.33 -36.16 -10.60
CA ARG G 98 -16.99 -36.43 -11.99
C ARG G 98 -15.77 -35.56 -12.29
N ALA G 99 -14.65 -36.20 -12.64
CA ALA G 99 -13.40 -35.53 -12.98
C ALA G 99 -13.39 -35.36 -14.50
N PHE G 100 -13.40 -34.11 -14.98
CA PHE G 100 -13.46 -33.80 -16.42
C PHE G 100 -12.12 -34.00 -17.16
N ASN G 101 -11.00 -33.94 -16.44
CA ASN G 101 -9.67 -34.15 -17.02
C ASN G 101 -8.68 -34.66 -15.97
N SER G 102 -7.45 -34.93 -16.38
CA SER G 102 -6.45 -35.44 -15.45
C SER G 102 -6.11 -34.50 -14.31
N ASN G 103 -6.02 -33.21 -14.60
CA ASN G 103 -5.71 -32.23 -13.56
C ASN G 103 -6.80 -32.18 -12.51
N HIS G 104 -8.05 -32.27 -12.97
CA HIS G 104 -9.22 -32.31 -12.10
C HIS G 104 -9.19 -33.59 -11.25
N GLN G 105 -8.76 -34.65 -11.90
CA GLN G 105 -8.65 -35.96 -11.29
C GLN G 105 -7.68 -35.95 -10.11
N MET G 106 -6.54 -35.31 -10.26
CA MET G 106 -5.57 -35.25 -9.17
C MET G 106 -6.02 -34.26 -8.10
N GLN G 107 -6.73 -33.22 -8.53
CA GLN G 107 -7.27 -32.23 -7.59
C GLN G 107 -8.33 -32.85 -6.66
N LEU G 108 -9.15 -33.76 -7.21
CA LEU G 108 -10.19 -34.43 -6.44
C LEU G 108 -9.61 -35.41 -5.42
N LEU G 109 -8.40 -35.91 -5.66
CA LEU G 109 -7.75 -36.80 -4.71
C LEU G 109 -7.34 -36.02 -3.46
N TYR G 110 -6.89 -34.78 -3.65
CA TYR G 110 -6.49 -33.87 -2.57
C TYR G 110 -7.72 -33.58 -1.69
N GLN G 111 -8.84 -33.27 -2.31
CA GLN G 111 -10.05 -32.97 -1.57
C GLN G 111 -10.67 -34.22 -0.97
N ALA G 112 -10.41 -35.37 -1.58
CA ALA G 112 -10.93 -36.64 -1.07
C ALA G 112 -10.34 -36.93 0.31
N SER G 113 -9.04 -36.69 0.45
CA SER G 113 -8.35 -36.94 1.70
C SER G 113 -8.89 -36.04 2.82
N ALA G 114 -9.22 -34.80 2.49
CA ALA G 114 -9.75 -33.89 3.49
C ALA G 114 -11.03 -34.44 4.08
N MET G 115 -11.90 -34.98 3.23
CA MET G 115 -13.13 -35.59 3.68
C MET G 115 -12.83 -36.82 4.52
N MET G 116 -11.82 -37.57 4.12
CA MET G 116 -11.41 -38.78 4.84
C MET G 116 -10.93 -38.43 6.24
N VAL G 117 -10.20 -37.33 6.36
CA VAL G 117 -9.73 -36.88 7.66
C VAL G 117 -10.92 -36.51 8.52
N GLU G 118 -11.87 -35.79 7.93
CA GLU G 118 -13.07 -35.39 8.64
C GLU G 118 -13.94 -36.58 9.04
N SER G 119 -14.05 -37.55 8.14
CA SER G 119 -14.87 -38.74 8.38
C SER G 119 -14.25 -39.69 9.40
N LEU G 120 -12.93 -39.64 9.53
CA LEU G 120 -12.21 -40.49 10.47
C LEU G 120 -12.81 -40.45 11.87
N ASN G 121 -13.14 -39.25 12.34
CA ASN G 121 -13.71 -39.10 13.68
C ASN G 121 -15.04 -39.86 13.80
N THR G 122 -15.85 -39.80 12.75
CA THR G 122 -17.18 -40.44 12.71
C THR G 122 -17.18 -41.96 12.73
N ASP G 123 -18.30 -42.52 13.18
CA ASP G 123 -18.48 -43.98 13.26
C ASP G 123 -18.57 -44.62 11.88
N ARG G 124 -18.89 -43.81 10.87
CA ARG G 124 -18.98 -44.27 9.49
C ARG G 124 -17.96 -43.54 8.59
N PRO G 125 -16.70 -44.00 8.60
CA PRO G 125 -15.64 -43.36 7.84
C PRO G 125 -15.56 -43.91 6.45
N TYR G 126 -15.05 -43.11 5.53
CA TYR G 126 -14.87 -43.56 4.16
C TYR G 126 -13.84 -44.67 4.18
N LYS G 127 -14.22 -45.85 3.71
CA LYS G 127 -13.32 -46.99 3.71
C LYS G 127 -13.05 -47.48 2.29
N LEU G 128 -13.66 -46.82 1.33
CA LEU G 128 -13.49 -47.17 -0.07
C LEU G 128 -13.32 -45.96 -0.97
N LEU G 129 -12.30 -46.05 -1.81
CA LEU G 129 -11.99 -45.03 -2.81
C LEU G 129 -11.94 -45.68 -4.15
N ILE G 130 -12.75 -45.17 -5.06
CA ILE G 130 -12.82 -45.69 -6.38
C ILE G 130 -12.47 -44.70 -7.46
N VAL G 131 -11.55 -45.07 -8.33
CA VAL G 131 -11.24 -44.24 -9.47
C VAL G 131 -11.61 -45.05 -10.70
N ASP G 132 -12.62 -44.61 -11.39
CA ASP G 132 -13.07 -45.28 -12.56
C ASP G 132 -13.15 -44.24 -13.66
N SER G 133 -12.41 -44.44 -14.74
CA SER G 133 -11.23 -45.25 -14.72
C SER G 133 -10.00 -44.46 -14.36
N LEU G 134 -8.97 -45.17 -13.93
CA LEU G 134 -7.72 -44.56 -13.55
C LEU G 134 -6.92 -43.85 -14.64
N THR G 135 -6.87 -44.44 -15.82
CA THR G 135 -6.06 -43.96 -16.92
C THR G 135 -6.74 -43.32 -18.12
N SER G 136 -8.05 -43.28 -18.10
CA SER G 136 -8.85 -42.71 -19.19
C SER G 136 -8.37 -41.33 -19.64
N HIS G 137 -8.16 -40.45 -18.67
CA HIS G 137 -7.76 -39.09 -18.97
C HIS G 137 -6.32 -39.00 -19.48
N PHE G 138 -5.41 -39.73 -18.84
CA PHE G 138 -4.02 -39.73 -19.26
C PHE G 138 -3.85 -40.21 -20.70
N ARG G 139 -4.60 -41.24 -21.07
CA ARG G 139 -4.57 -41.79 -22.41
C ARG G 139 -5.06 -40.82 -23.48
N SER G 140 -6.12 -40.06 -23.17
CA SER G 140 -6.69 -39.12 -24.14
C SER G 140 -6.03 -37.74 -24.18
N GLU G 141 -5.17 -37.46 -23.21
CA GLU G 141 -4.48 -36.18 -23.16
C GLU G 141 -3.02 -36.30 -23.58
N TYR G 142 -2.44 -37.48 -23.38
CA TYR G 142 -1.05 -37.71 -23.74
C TYR G 142 -0.89 -38.94 -24.62
N GLN G 153 5.00 -40.07 -15.32
CA GLN G 153 5.21 -39.48 -14.00
C GLN G 153 3.97 -38.71 -13.48
N LYS G 154 2.96 -38.51 -14.35
CA LYS G 154 1.70 -37.86 -13.95
C LYS G 154 0.86 -38.93 -13.24
N LEU G 155 0.70 -40.08 -13.89
CA LEU G 155 -0.03 -41.19 -13.29
C LEU G 155 0.74 -41.71 -12.06
N ALA G 156 2.05 -41.85 -12.20
CA ALA G 156 2.93 -42.31 -11.12
C ALA G 156 2.83 -41.44 -9.85
N ARG G 157 2.58 -40.13 -10.01
CA ARG G 157 2.40 -39.21 -8.89
C ARG G 157 1.02 -39.45 -8.24
N PHE G 158 0.05 -39.78 -9.08
CA PHE G 158 -1.32 -40.05 -8.66
C PHE G 158 -1.36 -41.37 -7.90
N LEU G 159 -0.61 -42.34 -8.39
CA LEU G 159 -0.54 -43.66 -7.77
C LEU G 159 0.13 -43.57 -6.41
N ARG G 160 1.18 -42.77 -6.31
CA ARG G 160 1.89 -42.60 -5.07
C ARG G 160 0.94 -42.04 -4.02
N MET G 161 0.13 -41.08 -4.42
CA MET G 161 -0.85 -40.46 -3.54
C MET G 161 -1.92 -41.46 -3.12
N LEU G 162 -2.30 -42.34 -4.03
CA LEU G 162 -3.29 -43.34 -3.69
C LEU G 162 -2.73 -44.20 -2.58
N HIS G 163 -1.50 -44.67 -2.77
CA HIS G 163 -0.86 -45.55 -1.79
C HIS G 163 -0.80 -44.86 -0.43
N ARG G 164 -0.48 -43.57 -0.44
CA ARG G 164 -0.39 -42.78 0.77
C ARG G 164 -1.74 -42.71 1.47
N LEU G 165 -2.79 -42.48 0.68
CA LEU G 165 -4.14 -42.39 1.21
C LEU G 165 -4.65 -43.70 1.80
N ALA G 166 -4.35 -44.81 1.12
CA ALA G 166 -4.79 -46.11 1.60
C ALA G 166 -4.16 -46.50 2.92
N ASN G 167 -2.86 -46.28 3.04
CA ASN G 167 -2.13 -46.60 4.26
C ASN G 167 -2.50 -45.76 5.49
N GLU G 168 -2.61 -44.45 5.31
CA GLU G 168 -2.94 -43.57 6.43
C GLU G 168 -4.34 -43.73 7.03
N PHE G 169 -5.35 -43.90 6.18
CA PHE G 169 -6.72 -44.05 6.64
C PHE G 169 -7.24 -45.48 6.63
N ASP G 170 -6.36 -46.43 6.34
CA ASP G 170 -6.70 -47.86 6.30
C ASP G 170 -7.88 -48.16 5.38
N ILE G 171 -7.87 -47.57 4.19
CA ILE G 171 -8.96 -47.81 3.24
C ILE G 171 -8.54 -48.68 2.06
N ALA G 172 -9.54 -49.21 1.35
CA ALA G 172 -9.29 -50.04 0.17
C ALA G 172 -9.38 -49.12 -1.06
N VAL G 173 -8.43 -49.26 -1.99
CA VAL G 173 -8.45 -48.43 -3.20
C VAL G 173 -8.71 -49.33 -4.40
N PHE G 174 -9.74 -49.00 -5.16
CA PHE G 174 -10.14 -49.78 -6.31
C PHE G 174 -10.14 -48.91 -7.55
N VAL G 175 -9.38 -49.30 -8.55
CA VAL G 175 -9.32 -48.57 -9.79
C VAL G 175 -9.45 -49.48 -10.99
N THR G 176 -9.90 -48.94 -12.10
CA THR G 176 -10.08 -49.73 -13.29
C THR G 176 -9.24 -49.27 -14.48
N ASN G 177 -8.83 -50.24 -15.30
CA ASN G 177 -7.99 -50.05 -16.48
C ASN G 177 -8.60 -50.67 -17.70
N GLN G 178 -8.69 -49.91 -18.78
CA GLN G 178 -9.27 -50.39 -20.02
C GLN G 178 -8.20 -51.10 -20.84
N VAL G 179 -8.54 -52.27 -21.34
CA VAL G 179 -7.61 -53.05 -22.15
C VAL G 179 -8.32 -53.62 -23.37
N THR G 192 0.57 -53.70 -6.07
CA THR G 192 -0.86 -53.59 -6.37
C THR G 192 -1.44 -54.90 -6.88
N LEU G 193 -2.67 -55.20 -6.48
CA LEU G 193 -3.33 -56.43 -6.91
C LEU G 193 -3.92 -56.23 -8.30
N ARG G 194 -3.77 -57.23 -9.16
CA ARG G 194 -4.28 -57.15 -10.53
C ARG G 194 -5.30 -58.24 -10.84
N VAL G 195 -6.41 -57.85 -11.45
CA VAL G 195 -7.46 -58.79 -11.84
C VAL G 195 -7.89 -58.54 -13.28
N TYR G 196 -8.02 -59.59 -14.08
CA TYR G 196 -8.46 -59.45 -15.46
C TYR G 196 -9.90 -59.94 -15.70
N LEU G 197 -10.69 -59.11 -16.38
CA LEU G 197 -12.08 -59.44 -16.69
C LEU G 197 -12.28 -59.68 -18.19
N ARG G 198 -13.08 -60.70 -18.50
CA ARG G 198 -13.39 -61.05 -19.89
C ARG G 198 -14.80 -61.66 -20.02
N LYS G 199 -15.41 -61.51 -21.19
CA LYS G 199 -16.72 -62.08 -21.44
C LYS G 199 -16.59 -63.55 -21.81
N LYS G 204 -21.19 -65.91 -18.72
CA LYS G 204 -21.41 -64.50 -18.54
C LYS G 204 -20.08 -63.76 -18.50
N ARG G 205 -19.36 -63.90 -17.40
CA ARG G 205 -18.05 -63.26 -17.23
C ARG G 205 -17.06 -64.16 -16.50
N ILE G 206 -15.79 -64.03 -16.86
CA ILE G 206 -14.69 -64.78 -16.23
C ILE G 206 -13.67 -63.77 -15.66
N ALA G 207 -13.15 -64.04 -14.45
CA ALA G 207 -12.14 -63.23 -13.77
C ALA G 207 -10.95 -64.09 -13.40
N ARG G 208 -9.75 -63.53 -13.60
CA ARG G 208 -8.50 -64.21 -13.31
C ARG G 208 -7.57 -63.24 -12.61
N LEU G 209 -6.60 -63.77 -11.87
CA LEU G 209 -5.64 -62.93 -11.17
C LEU G 209 -4.41 -62.71 -12.03
N ALA G 220 -12.63 -67.47 -11.76
CA ALA G 220 -13.89 -67.12 -11.12
C ALA G 220 -14.95 -66.72 -12.16
N VAL G 221 -16.14 -67.29 -12.06
CA VAL G 221 -17.22 -66.97 -13.00
C VAL G 221 -18.38 -66.28 -12.28
N PHE G 222 -18.67 -65.05 -12.69
CA PHE G 222 -19.73 -64.26 -12.06
C PHE G 222 -20.61 -63.57 -13.11
N SER G 223 -21.79 -63.12 -12.69
CA SER G 223 -22.70 -62.44 -13.58
C SER G 223 -23.00 -61.00 -13.14
N ILE G 224 -23.75 -60.27 -13.95
CA ILE G 224 -24.14 -58.91 -13.63
C ILE G 224 -25.66 -58.83 -13.65
N THR G 225 -26.27 -58.62 -12.48
CA THR G 225 -27.73 -58.54 -12.40
C THR G 225 -28.24 -57.36 -11.58
N GLU G 226 -29.54 -57.38 -11.30
CA GLU G 226 -30.20 -56.33 -10.50
C GLU G 226 -29.54 -56.08 -9.13
N LYS G 227 -28.78 -57.07 -8.61
CA LYS G 227 -28.02 -57.03 -7.35
C LYS G 227 -26.54 -56.66 -7.60
N GLY G 228 -26.18 -56.46 -8.86
CA GLY G 228 -24.82 -56.11 -9.22
C GLY G 228 -24.00 -57.35 -9.50
N ILE G 229 -22.84 -57.44 -8.88
CA ILE G 229 -21.99 -58.60 -9.06
C ILE G 229 -22.38 -59.72 -8.11
N GLU G 230 -22.55 -60.91 -8.67
CA GLU G 230 -22.89 -62.15 -7.96
C GLU G 230 -22.50 -63.38 -8.79
N ASP G 231 -22.51 -64.57 -8.19
CA ASP G 231 -22.15 -65.77 -8.92
C ASP G 231 -23.16 -66.04 -10.02
N ALA H 2 -53.32 34.27 19.08
CA ALA H 2 -53.12 33.49 20.29
C ALA H 2 -52.53 34.33 21.41
N THR H 3 -53.14 34.28 22.59
CA THR H 3 -52.66 35.01 23.74
C THR H 3 -51.32 34.42 24.19
N ILE H 4 -50.40 35.27 24.62
CA ILE H 4 -49.11 34.79 25.06
C ILE H 4 -49.05 34.72 26.58
N GLY H 5 -48.88 33.51 27.10
CA GLY H 5 -48.77 33.29 28.53
C GLY H 5 -47.39 33.61 29.04
N ARG H 6 -47.31 34.05 30.29
CA ARG H 6 -46.02 34.37 30.89
C ARG H 6 -45.89 33.80 32.29
N ILE H 7 -44.66 33.51 32.70
CA ILE H 7 -44.41 32.97 34.03
C ILE H 7 -43.48 33.90 34.79
N SER H 8 -43.88 34.27 36.01
CA SER H 8 -43.06 35.14 36.84
C SER H 8 -41.82 34.41 37.32
N THR H 9 -40.72 35.14 37.43
CA THR H 9 -39.47 34.56 37.90
C THR H 9 -39.33 34.72 39.41
N GLY H 10 -40.32 35.36 40.03
CA GLY H 10 -40.32 35.60 41.46
C GLY H 10 -39.62 36.88 41.86
N SER H 11 -39.12 37.61 40.87
CA SER H 11 -38.43 38.87 41.14
C SER H 11 -39.09 39.94 40.31
N LYS H 12 -39.58 40.99 40.97
CA LYS H 12 -40.25 42.07 40.25
C LYS H 12 -39.30 42.74 39.28
N SER H 13 -38.06 42.95 39.71
CA SER H 13 -37.05 43.56 38.85
C SER H 13 -36.77 42.65 37.67
N LEU H 14 -36.67 41.36 37.93
CA LEU H 14 -36.41 40.39 36.88
C LEU H 14 -37.57 40.34 35.90
N ASP H 15 -38.78 40.36 36.44
CA ASP H 15 -40.00 40.33 35.63
C ASP H 15 -40.16 41.57 34.76
N LYS H 16 -39.80 42.72 35.30
CA LYS H 16 -39.93 43.98 34.57
C LYS H 16 -39.08 43.97 33.31
N LEU H 17 -37.90 43.38 33.42
CA LEU H 17 -37.01 43.32 32.30
C LEU H 17 -37.52 42.38 31.24
N LEU H 18 -38.20 41.32 31.68
CA LEU H 18 -38.79 40.33 30.77
C LEU H 18 -40.16 40.72 30.26
N GLY H 19 -40.57 41.96 30.46
CA GLY H 19 -41.88 42.41 30.00
C GLY H 19 -43.02 41.72 30.73
N GLY H 20 -42.76 41.24 31.95
CA GLY H 20 -43.73 40.55 32.80
C GLY H 20 -43.35 39.14 33.24
N GLY H 21 -42.53 38.47 32.45
CA GLY H 21 -42.12 37.11 32.78
C GLY H 21 -41.59 36.38 31.56
N ILE H 22 -41.52 35.06 31.63
CA ILE H 22 -41.02 34.31 30.49
C ILE H 22 -42.15 33.97 29.55
N GLU H 23 -42.02 34.39 28.30
CA GLU H 23 -43.06 34.13 27.30
C GLU H 23 -43.27 32.66 26.96
N THR H 24 -44.53 32.31 26.69
CA THR H 24 -44.91 30.98 26.25
C THR H 24 -44.66 30.90 24.75
N GLN H 25 -44.60 29.68 24.21
CA GLN H 25 -44.35 29.46 22.77
C GLN H 25 -43.08 30.15 22.30
N ALA H 26 -42.02 30.03 23.09
CA ALA H 26 -40.75 30.65 22.79
C ALA H 26 -39.71 29.98 23.65
N ILE H 27 -38.57 29.65 23.04
CA ILE H 27 -37.49 29.02 23.77
C ILE H 27 -36.69 30.11 24.45
N THR H 28 -36.54 29.97 25.75
CA THR H 28 -35.80 30.94 26.54
C THR H 28 -34.44 30.36 26.86
N GLU H 29 -33.39 31.08 26.50
CA GLU H 29 -32.05 30.61 26.73
C GLU H 29 -31.38 31.35 27.85
N VAL H 30 -30.83 30.59 28.79
CA VAL H 30 -30.13 31.18 29.92
C VAL H 30 -28.65 30.83 29.86
N PHE H 31 -27.81 31.86 29.89
CA PHE H 31 -26.37 31.68 29.82
C PHE H 31 -25.69 32.41 30.96
N GLY H 32 -24.50 31.93 31.30
CA GLY H 32 -23.74 32.54 32.36
C GLY H 32 -22.75 31.57 32.91
N GLU H 33 -21.81 32.06 33.72
CA GLU H 33 -20.81 31.21 34.34
C GLU H 33 -21.42 30.30 35.40
N PHE H 34 -20.75 29.20 35.71
CA PHE H 34 -21.28 28.31 36.73
C PHE H 34 -21.37 29.09 38.05
N GLY H 35 -22.49 28.92 38.75
CA GLY H 35 -22.74 29.62 39.99
C GLY H 35 -23.41 30.98 39.81
N SER H 36 -23.79 31.31 38.58
CA SER H 36 -24.47 32.58 38.35
C SER H 36 -25.97 32.43 38.53
N GLY H 37 -26.40 31.25 38.98
CA GLY H 37 -27.81 31.02 39.24
C GLY H 37 -28.79 30.58 38.15
N LYS H 38 -28.31 29.99 37.07
CA LYS H 38 -29.21 29.55 36.00
C LYS H 38 -30.09 28.37 36.46
N THR H 39 -29.52 27.47 37.27
CA THR H 39 -30.27 26.34 37.83
C THR H 39 -31.25 26.76 38.93
N GLN H 40 -30.86 27.74 39.74
CA GLN H 40 -31.72 28.24 40.80
C GLN H 40 -32.89 28.99 40.20
N LEU H 41 -32.70 29.49 38.99
CA LEU H 41 -33.76 30.22 38.30
C LEU H 41 -34.73 29.20 37.73
N ALA H 42 -34.18 28.07 37.29
CA ALA H 42 -34.97 26.98 36.74
C ALA H 42 -35.91 26.34 37.76
N HIS H 43 -35.41 26.11 38.96
CA HIS H 43 -36.23 25.51 40.01
C HIS H 43 -37.40 26.39 40.39
N THR H 44 -37.16 27.68 40.53
CA THR H 44 -38.22 28.62 40.87
C THR H 44 -39.29 28.59 39.78
N LEU H 45 -38.86 28.56 38.52
CA LEU H 45 -39.80 28.51 37.41
C LEU H 45 -40.62 27.22 37.51
N ALA H 46 -39.94 26.10 37.70
CA ALA H 46 -40.62 24.80 37.82
C ALA H 46 -41.76 24.85 38.89
N VAL H 47 -41.70 25.80 39.85
CA VAL H 47 -42.74 26.01 40.85
C VAL H 47 -43.75 27.07 40.35
N MET H 48 -43.27 28.30 40.09
CA MET H 48 -44.13 29.40 39.64
C MET H 48 -45.11 29.09 38.49
N VAL H 49 -44.78 28.16 37.59
CA VAL H 49 -45.70 27.82 36.51
C VAL H 49 -47.06 27.33 37.04
N GLN H 50 -47.06 26.52 38.11
CA GLN H 50 -48.30 26.05 38.68
C GLN H 50 -49.24 27.13 39.24
N LEU H 51 -48.70 28.20 39.83
CA LEU H 51 -49.51 29.33 40.35
C LEU H 51 -50.56 29.93 39.40
N PRO H 52 -51.61 30.55 39.95
CA PRO H 52 -52.60 31.11 39.03
C PRO H 52 -52.13 32.39 38.31
N PRO H 53 -52.80 32.77 37.20
CA PRO H 53 -52.43 33.96 36.42
C PRO H 53 -52.10 35.22 37.24
N GLY H 57 -48.28 32.99 37.34
CA GLY H 57 -48.08 31.67 36.77
C GLY H 57 -49.11 31.40 35.68
N LEU H 58 -49.17 30.14 35.25
CA LEU H 58 -50.11 29.73 34.20
C LEU H 58 -50.94 28.47 34.50
N ASN H 59 -51.11 28.13 35.78
CA ASN H 59 -51.92 26.95 36.15
C ASN H 59 -51.51 25.68 35.42
N GLY H 60 -50.20 25.42 35.32
CA GLY H 60 -49.73 24.25 34.61
C GLY H 60 -48.59 23.47 35.24
N SER H 61 -48.37 22.27 34.72
CA SER H 61 -47.28 21.37 35.12
C SER H 61 -45.99 21.65 34.33
N ALA H 62 -44.87 21.14 34.81
CA ALA H 62 -43.58 21.39 34.14
C ALA H 62 -42.76 20.15 33.78
N MET H 63 -41.93 20.29 32.75
CA MET H 63 -41.07 19.22 32.27
C MET H 63 -39.61 19.57 32.47
N TYR H 64 -38.86 18.65 33.06
CA TYR H 64 -37.44 18.89 33.31
C TYR H 64 -36.61 17.76 32.76
N ILE H 65 -35.57 18.09 32.01
CA ILE H 65 -34.66 17.11 31.47
C ILE H 65 -33.28 17.61 31.82
N ASP H 66 -32.58 16.89 32.69
CA ASP H 66 -31.25 17.35 33.12
C ASP H 66 -30.06 16.43 32.80
N THR H 67 -29.01 17.03 32.23
CA THR H 67 -27.78 16.32 31.88
C THR H 67 -26.61 16.64 32.82
N GLU H 68 -26.72 17.76 33.52
CA GLU H 68 -25.68 18.22 34.44
C GLU H 68 -25.82 17.68 35.85
N ASN H 69 -26.88 16.91 36.09
CA ASN H 69 -27.18 16.32 37.40
C ASN H 69 -27.25 17.38 38.51
N THR H 70 -27.88 18.52 38.21
CA THR H 70 -28.01 19.61 39.15
C THR H 70 -29.45 19.82 39.60
N PHE H 71 -30.27 18.79 39.42
CA PHE H 71 -31.66 18.86 39.87
C PHE H 71 -31.75 18.36 41.31
N ARG H 72 -32.31 19.19 42.19
CA ARG H 72 -32.43 18.84 43.61
C ARG H 72 -33.91 18.83 44.04
N PRO H 73 -34.61 17.66 44.00
CA PRO H 73 -36.04 17.63 44.40
C PRO H 73 -36.37 18.39 45.68
N GLU H 74 -35.54 18.23 46.74
CA GLU H 74 -35.73 18.93 48.03
C GLU H 74 -35.65 20.47 47.95
N ARG H 75 -35.19 20.99 46.82
CA ARG H 75 -35.12 22.45 46.64
C ARG H 75 -36.50 22.95 46.23
N LEU H 76 -37.18 22.25 45.33
CA LEU H 76 -38.55 22.62 44.93
C LEU H 76 -39.47 22.58 46.17
N ARG H 77 -39.18 21.68 47.15
CA ARG H 77 -39.97 21.60 48.38
C ARG H 77 -39.75 22.89 49.17
N GLU H 78 -38.48 23.32 49.34
CA GLU H 78 -38.11 24.57 50.02
C GLU H 78 -38.72 25.83 49.36
N ILE H 79 -38.80 25.86 48.03
CA ILE H 79 -39.37 27.00 47.33
C ILE H 79 -40.87 27.08 47.57
N ALA H 80 -41.57 25.97 47.35
CA ALA H 80 -43.02 25.87 47.57
C ALA H 80 -43.39 26.10 49.05
N GLN H 81 -42.55 25.61 49.99
CA GLN H 81 -42.77 25.78 51.41
C GLN H 81 -42.73 27.26 51.82
N ASN H 82 -41.67 27.96 51.45
CA ASN H 82 -41.54 29.37 51.81
C ASN H 82 -42.36 30.36 50.97
N ARG H 83 -43.19 29.83 50.07
CA ARG H 83 -44.04 30.66 49.21
C ARG H 83 -45.51 30.51 49.58
N GLY H 84 -45.77 29.61 50.51
CA GLY H 84 -47.12 29.29 51.01
C GLY H 84 -47.86 28.19 50.29
N LEU H 85 -47.15 27.26 49.62
CA LEU H 85 -47.75 26.16 48.85
C LEU H 85 -47.45 24.78 49.43
N ASP H 86 -48.26 23.77 49.04
CA ASP H 86 -48.04 22.40 49.49
C ASP H 86 -46.86 21.86 48.67
N PRO H 87 -45.74 21.46 49.32
CA PRO H 87 -44.57 21.01 48.54
C PRO H 87 -44.74 19.69 47.80
N ASP H 88 -45.48 18.71 48.39
CA ASP H 88 -45.69 17.42 47.73
C ASP H 88 -46.66 17.51 46.54
N GLU H 89 -47.68 18.40 46.60
CA GLU H 89 -48.59 18.59 45.46
C GLU H 89 -47.81 19.26 44.30
N VAL H 90 -46.80 20.11 44.66
CA VAL H 90 -45.91 20.79 43.71
C VAL H 90 -44.97 19.76 43.01
N LEU H 91 -44.35 18.88 43.81
CA LEU H 91 -43.41 17.88 43.30
C LEU H 91 -44.07 16.81 42.41
N ASP H 92 -45.40 16.63 42.49
CA ASP H 92 -46.13 15.70 41.61
C ASP H 92 -46.33 16.40 40.25
N ASN H 93 -46.51 17.74 40.29
CA ASN H 93 -46.70 18.58 39.10
C ASN H 93 -45.39 18.95 38.37
N VAL H 94 -44.23 18.58 38.89
CA VAL H 94 -42.98 18.86 38.18
C VAL H 94 -42.32 17.56 37.74
N ALA H 95 -42.48 17.22 36.46
CA ALA H 95 -41.91 16.01 35.89
C ALA H 95 -40.39 16.12 35.74
N TYR H 96 -39.69 15.05 36.04
CA TYR H 96 -38.23 15.04 35.94
C TYR H 96 -37.71 13.85 35.13
N ALA H 97 -36.84 14.13 34.16
CA ALA H 97 -36.25 13.08 33.33
C ALA H 97 -34.73 13.20 33.24
N ARG H 98 -34.01 12.10 33.39
CA ARG H 98 -32.54 12.16 33.27
C ARG H 98 -32.09 11.68 31.89
N ALA H 99 -31.07 12.33 31.31
CA ALA H 99 -30.58 11.95 29.99
C ALA H 99 -29.10 11.52 29.91
N PHE H 100 -28.86 10.32 29.38
CA PHE H 100 -27.51 9.78 29.22
C PHE H 100 -26.57 10.49 28.24
N ASN H 101 -27.09 10.85 27.08
CA ASN H 101 -26.28 11.49 26.03
C ASN H 101 -27.20 12.17 25.01
N SER H 102 -26.65 12.57 23.86
CA SER H 102 -27.46 13.29 22.85
C SER H 102 -28.64 12.50 22.30
N ASN H 103 -28.43 11.26 21.81
CA ASN H 103 -29.53 10.44 21.23
C ASN H 103 -30.66 10.17 22.24
N HIS H 104 -30.30 10.01 23.51
CA HIS H 104 -31.30 9.83 24.55
C HIS H 104 -32.05 11.15 24.65
N GLN H 105 -31.29 12.23 24.78
CA GLN H 105 -31.85 13.57 24.88
C GLN H 105 -32.79 13.79 23.69
N MET H 106 -32.34 13.38 22.52
CA MET H 106 -33.18 13.47 21.32
C MET H 106 -34.39 12.54 21.40
N GLN H 107 -34.18 11.30 21.84
CA GLN H 107 -35.28 10.32 21.97
C GLN H 107 -36.29 10.73 23.03
N LEU H 108 -35.80 11.30 24.12
CA LEU H 108 -36.62 11.75 25.25
C LEU H 108 -37.60 12.82 24.83
N LEU H 109 -37.17 13.70 23.93
CA LEU H 109 -38.01 14.77 23.43
C LEU H 109 -39.25 14.20 22.75
N TYR H 110 -39.09 13.12 21.98
CA TYR H 110 -40.24 12.54 21.30
C TYR H 110 -41.29 12.11 22.33
N GLN H 111 -40.83 11.44 23.37
CA GLN H 111 -41.70 10.93 24.42
C GLN H 111 -42.44 12.01 25.20
N ALA H 112 -41.75 13.11 25.47
CA ALA H 112 -42.35 14.21 26.21
C ALA H 112 -43.54 14.76 25.45
N SER H 113 -43.37 14.94 24.15
CA SER H 113 -44.41 15.49 23.30
C SER H 113 -45.71 14.70 23.45
N ALA H 114 -45.60 13.38 23.53
CA ALA H 114 -46.77 12.53 23.68
C ALA H 114 -47.55 12.95 24.93
N MET H 115 -46.85 13.17 26.02
CA MET H 115 -47.51 13.55 27.25
C MET H 115 -48.18 14.92 27.17
N MET H 116 -47.58 15.83 26.40
CA MET H 116 -48.14 17.16 26.24
C MET H 116 -49.50 17.06 25.57
N VAL H 117 -49.55 16.30 24.49
CA VAL H 117 -50.80 16.04 23.74
C VAL H 117 -51.87 15.53 24.75
N GLU H 118 -51.45 14.64 25.68
CA GLU H 118 -52.30 14.04 26.72
C GLU H 118 -52.85 15.07 27.72
N SER H 119 -52.00 15.88 28.32
CA SER H 119 -52.43 16.87 29.32
C SER H 119 -53.18 18.12 28.82
N LEU H 120 -53.17 18.35 27.51
CA LEU H 120 -53.75 19.56 26.90
C LEU H 120 -55.21 19.84 27.29
N ASN H 121 -56.10 18.86 27.07
CA ASN H 121 -57.53 19.02 27.36
C ASN H 121 -57.94 18.69 28.83
N THR H 122 -56.95 18.56 29.77
CA THR H 122 -57.23 18.38 31.22
C THR H 122 -57.21 19.78 31.87
N ASP H 123 -57.24 19.86 33.22
CA ASP H 123 -57.25 21.13 33.94
C ASP H 123 -55.83 21.71 34.16
N ARG H 124 -54.81 20.86 34.22
CA ARG H 124 -53.43 21.28 34.40
C ARG H 124 -52.57 20.76 33.25
N PRO H 125 -52.25 21.64 32.29
CA PRO H 125 -51.45 21.31 31.11
C PRO H 125 -49.95 21.44 31.35
N TYR H 126 -49.13 20.96 30.42
CA TYR H 126 -47.69 21.08 30.59
C TYR H 126 -47.22 22.41 30.04
N LYS H 127 -47.36 23.45 30.85
CA LYS H 127 -46.96 24.78 30.44
C LYS H 127 -45.47 24.99 30.17
N LEU H 128 -44.60 24.31 30.91
CA LEU H 128 -43.17 24.51 30.72
C LEU H 128 -42.30 23.27 30.51
N LEU H 129 -41.31 23.40 29.62
CA LEU H 129 -40.34 22.35 29.38
C LEU H 129 -38.96 22.94 29.58
N ILE H 130 -38.17 22.35 30.46
CA ILE H 130 -36.84 22.84 30.72
C ILE H 130 -35.81 21.82 30.29
N VAL H 131 -34.71 22.30 29.75
CA VAL H 131 -33.64 21.41 29.31
C VAL H 131 -32.32 21.92 29.88
N ASP H 132 -31.69 21.10 30.70
CA ASP H 132 -30.44 21.46 31.34
C ASP H 132 -29.45 20.29 31.34
N LYS H 154 -26.71 18.34 14.73
CA LYS H 154 -27.50 17.62 15.73
C LYS H 154 -28.14 18.55 16.73
N LEU H 155 -27.33 19.41 17.35
CA LEU H 155 -27.86 20.34 18.33
C LEU H 155 -28.90 21.24 17.68
N ALA H 156 -28.60 21.71 16.47
CA ALA H 156 -29.52 22.57 15.74
C ALA H 156 -30.80 21.83 15.43
N ARG H 157 -30.67 20.56 15.04
CA ARG H 157 -31.82 19.73 14.73
C ARG H 157 -32.70 19.56 15.96
N PHE H 158 -32.06 19.28 17.08
CA PHE H 158 -32.75 19.11 18.33
C PHE H 158 -33.53 20.38 18.64
N LEU H 159 -32.88 21.52 18.44
CA LEU H 159 -33.48 22.82 18.74
C LEU H 159 -34.77 23.03 17.95
N ARG H 160 -34.77 22.59 16.69
CA ARG H 160 -35.93 22.74 15.83
C ARG H 160 -37.13 21.99 16.40
N MET H 161 -36.87 20.78 16.90
CA MET H 161 -37.91 19.97 17.47
C MET H 161 -38.53 20.68 18.64
N LEU H 162 -37.68 21.27 19.47
CA LEU H 162 -38.16 22.01 20.62
C LEU H 162 -38.99 23.18 20.17
N HIS H 163 -38.48 23.89 19.17
CA HIS H 163 -39.18 25.05 18.63
C HIS H 163 -40.59 24.67 18.18
N ARG H 164 -40.71 23.51 17.55
CA ARG H 164 -42.00 23.03 17.07
C ARG H 164 -42.94 22.81 18.25
N LEU H 165 -42.41 22.24 19.33
CA LEU H 165 -43.24 21.98 20.50
C LEU H 165 -43.73 23.27 21.16
N ALA H 166 -42.85 24.26 21.29
CA ALA H 166 -43.23 25.51 21.92
C ALA H 166 -44.41 26.19 21.23
N ASN H 167 -44.31 26.36 19.92
CA ASN H 167 -45.37 27.01 19.15
C ASN H 167 -46.69 26.24 19.19
N GLU H 168 -46.58 24.92 19.10
CA GLU H 168 -47.73 24.02 19.08
C GLU H 168 -48.58 23.89 20.35
N PHE H 169 -47.94 23.88 21.53
CA PHE H 169 -48.69 23.71 22.76
C PHE H 169 -48.83 24.90 23.72
N ASP H 170 -48.58 26.11 23.20
CA ASP H 170 -48.65 27.33 23.99
C ASP H 170 -47.83 27.16 25.25
N ILE H 171 -46.68 26.50 25.07
CA ILE H 171 -45.78 26.22 26.17
C ILE H 171 -44.47 26.98 26.11
N ALA H 172 -43.97 27.37 27.27
CA ALA H 172 -42.67 28.05 27.34
C ALA H 172 -41.57 27.00 27.52
N VAL H 173 -40.46 27.20 26.81
CA VAL H 173 -39.33 26.30 26.85
C VAL H 173 -38.17 27.10 27.41
N PHE H 174 -37.46 26.48 28.37
CA PHE H 174 -36.34 27.08 29.06
C PHE H 174 -35.08 26.23 28.91
N VAL H 175 -33.98 26.82 28.46
CA VAL H 175 -32.76 26.04 28.31
C VAL H 175 -31.51 26.71 28.89
N THR H 176 -30.58 25.89 29.36
CA THR H 176 -29.36 26.39 29.99
C THR H 176 -28.07 25.89 29.33
N ASN H 177 -27.08 26.75 29.25
CA ASN H 177 -25.79 26.36 28.70
C ASN H 177 -24.61 26.85 29.53
N GLN H 178 -23.59 26.00 29.60
CA GLN H 178 -22.37 26.21 30.36
C GLN H 178 -21.50 27.31 29.73
N VAL H 179 -20.87 28.12 30.57
CA VAL H 179 -20.01 29.20 30.08
C VAL H 179 -18.74 29.32 30.90
N HIS H 185 -20.44 38.49 24.51
CA HIS H 185 -19.59 37.51 23.85
C HIS H 185 -20.12 36.10 24.09
N ILE H 186 -21.40 35.90 23.85
CA ILE H 186 -21.97 34.57 24.03
C ILE H 186 -22.50 34.12 22.69
N LEU H 187 -22.50 32.84 22.41
CA LEU H 187 -23.01 32.39 21.14
C LEU H 187 -24.37 31.78 21.41
N ALA H 188 -25.41 32.50 20.98
CA ALA H 188 -26.77 32.09 21.20
C ALA H 188 -27.38 31.50 19.96
N HIS H 189 -28.47 30.79 20.13
CA HIS H 189 -29.15 30.18 19.00
C HIS H 189 -30.17 31.14 18.45
N SER H 190 -30.59 30.91 17.22
CA SER H 190 -31.55 31.80 16.57
C SER H 190 -32.98 31.56 17.07
N ALA H 191 -33.81 32.64 16.97
CA ALA H 191 -35.23 32.71 17.33
C ALA H 191 -35.48 32.39 18.80
N THR H 192 -34.62 32.91 19.68
CA THR H 192 -34.72 32.66 21.11
C THR H 192 -34.61 33.92 21.93
N LEU H 193 -34.88 33.78 23.23
CA LEU H 193 -34.78 34.87 24.17
C LEU H 193 -33.56 34.57 25.01
N ARG H 194 -32.64 35.52 25.08
CA ARG H 194 -31.40 35.27 25.81
C ARG H 194 -31.26 36.06 27.09
N VAL H 195 -30.98 35.33 28.16
CA VAL H 195 -30.79 35.94 29.47
C VAL H 195 -29.43 35.56 30.05
N TYR H 196 -28.65 36.57 30.41
CA TYR H 196 -27.32 36.33 30.96
C TYR H 196 -27.23 36.71 32.44
N LEU H 197 -26.72 35.79 33.24
CA LEU H 197 -26.60 35.99 34.67
C LEU H 197 -25.16 36.21 35.12
N ARG H 198 -24.89 37.35 35.74
CA ARG H 198 -23.52 37.62 36.22
C ARG H 198 -23.53 37.78 37.75
N LYS H 199 -22.46 37.38 38.45
CA LYS H 199 -22.41 37.55 39.92
C LYS H 199 -22.17 39.04 40.28
N GLY H 203 -24.34 39.26 47.38
CA GLY H 203 -24.97 38.04 46.93
C GLY H 203 -25.90 38.23 45.75
N LYS H 204 -26.04 39.47 45.29
CA LYS H 204 -26.91 39.77 44.15
C LYS H 204 -26.40 39.18 42.84
N ARG H 205 -27.32 38.67 42.03
CA ARG H 205 -26.99 38.12 40.73
C ARG H 205 -27.61 39.12 39.78
N ILE H 206 -26.86 39.57 38.77
CA ILE H 206 -27.41 40.57 37.86
C ILE H 206 -27.74 40.00 36.48
N ALA H 207 -28.99 40.21 36.07
CA ALA H 207 -29.45 39.73 34.78
C ALA H 207 -29.50 40.86 33.75
N ARG H 208 -29.06 40.52 32.55
CA ARG H 208 -28.98 41.45 31.44
C ARG H 208 -29.70 40.83 30.24
N LEU H 209 -30.06 41.66 29.26
CA LEU H 209 -30.73 41.18 28.07
C LEU H 209 -29.81 41.30 26.86
N ILE H 210 -29.97 40.39 25.90
CA ILE H 210 -29.16 40.39 24.69
C ILE H 210 -30.02 40.40 23.44
N ASP H 211 -29.50 41.01 22.38
CA ASP H 211 -30.17 41.12 21.08
C ASP H 211 -31.55 41.75 21.16
N ALA H 212 -31.68 42.78 21.99
CA ALA H 212 -32.96 43.46 22.15
C ALA H 212 -32.79 44.87 22.71
N GLY H 218 -31.96 48.26 30.55
CA GLY H 218 -32.42 48.08 31.92
C GLY H 218 -32.09 46.72 32.51
N GLU H 219 -30.94 46.63 33.18
CA GLU H 219 -30.48 45.40 33.82
C GLU H 219 -31.19 45.15 35.16
N ALA H 220 -31.58 43.91 35.35
CA ALA H 220 -32.29 43.49 36.54
C ALA H 220 -31.40 43.14 37.68
N VAL H 221 -31.90 43.43 38.87
CA VAL H 221 -31.20 43.10 40.11
C VAL H 221 -32.04 42.08 40.87
N PHE H 222 -31.41 41.00 41.32
CA PHE H 222 -32.12 39.97 42.08
C PHE H 222 -31.18 39.11 42.94
N SER H 223 -31.76 38.24 43.75
CA SER H 223 -31.00 37.36 44.63
C SER H 223 -31.66 35.99 44.80
N ILE H 224 -30.89 34.99 45.22
CA ILE H 224 -31.43 33.66 45.47
C ILE H 224 -31.68 33.55 46.96
N THR H 225 -32.88 33.12 47.35
CA THR H 225 -33.27 33.00 48.74
C THR H 225 -33.96 31.68 49.01
N GLU H 226 -34.57 31.55 50.18
CA GLU H 226 -35.31 30.34 50.54
C GLU H 226 -36.51 30.18 49.61
N LYS H 227 -37.09 31.33 49.29
CA LYS H 227 -38.25 31.48 48.44
C LYS H 227 -37.81 31.53 46.97
N GLY H 228 -37.01 30.55 46.56
CA GLY H 228 -36.52 30.53 45.19
C GLY H 228 -35.74 31.79 44.89
N ILE H 229 -36.09 32.46 43.80
CA ILE H 229 -35.41 33.69 43.43
C ILE H 229 -36.36 34.87 43.63
N GLU H 230 -35.90 35.88 44.34
CA GLU H 230 -36.73 37.06 44.59
C GLU H 230 -35.91 38.33 44.74
N LYS I 1 43.03 9.04 -14.10
CA LYS I 1 42.99 9.52 -15.49
C LYS I 1 44.22 9.09 -16.28
N LEU I 2 43.99 8.70 -17.52
CA LEU I 2 45.05 8.23 -18.38
C LEU I 2 45.36 9.20 -19.49
N ASN I 3 46.65 9.42 -19.69
CA ASN I 3 47.11 10.34 -20.71
C ASN I 3 47.71 9.63 -21.91
N VAL I 4 47.72 10.35 -23.02
CA VAL I 4 48.30 9.86 -24.27
C VAL I 4 49.01 11.03 -24.95
N SER I 5 50.15 10.76 -25.60
CA SER I 5 50.91 11.77 -26.32
C SER I 5 50.26 12.11 -27.64
N THR I 6 50.41 13.38 -28.09
CA THR I 6 49.93 13.90 -29.36
C THR I 6 50.56 13.13 -30.55
N GLU I 7 51.82 12.70 -30.38
CA GLU I 7 52.57 11.93 -31.38
C GLU I 7 51.92 10.57 -31.65
N ALA I 8 51.62 9.79 -30.58
CA ALA I 8 50.94 8.49 -30.70
C ALA I 8 49.54 8.68 -31.33
N LEU I 9 48.86 9.76 -30.95
CA LEU I 9 47.56 10.10 -31.50
C LEU I 9 47.68 10.39 -33.00
N GLN I 10 48.73 11.12 -33.37
CA GLN I 10 49.00 11.41 -34.78
C GLN I 10 49.30 10.13 -35.53
N LYS I 11 50.05 9.24 -34.89
CA LYS I 11 50.36 7.95 -35.48
C LYS I 11 49.08 7.13 -35.66
N ALA I 12 48.20 7.20 -34.67
CA ALA I 12 46.94 6.49 -34.72
C ALA I 12 46.04 6.98 -35.86
N VAL I 13 45.96 8.29 -36.07
CA VAL I 13 45.13 8.80 -37.15
C VAL I 13 45.65 8.38 -38.51
N LYS I 14 46.98 8.36 -38.65
CA LYS I 14 47.62 7.96 -39.89
C LYS I 14 47.31 6.51 -40.22
N LEU I 15 47.30 5.67 -39.19
CA LEU I 15 47.02 4.25 -39.34
C LEU I 15 45.61 3.98 -39.87
N PHE I 16 44.63 4.76 -39.41
CA PHE I 16 43.25 4.62 -39.86
C PHE I 16 42.89 5.55 -41.02
N SER I 17 43.84 6.36 -41.46
CA SER I 17 43.62 7.33 -42.55
C SER I 17 42.98 6.75 -43.81
N ASP I 18 43.38 5.55 -44.19
CA ASP I 18 42.84 4.91 -45.38
C ASP I 18 41.44 4.37 -45.10
N SER I 26 53.22 17.92 -24.97
CA SER I 26 53.37 16.53 -25.41
C SER I 26 52.15 15.64 -25.11
N SER I 27 51.44 15.87 -24.01
CA SER I 27 50.31 15.02 -23.62
C SER I 27 48.92 15.60 -23.89
N ALA I 28 47.95 14.72 -24.14
CA ALA I 28 46.57 15.12 -24.43
C ALA I 28 45.52 14.31 -23.66
N PHE I 29 44.25 14.63 -23.88
CA PHE I 29 43.13 13.96 -23.22
C PHE I 29 42.88 12.59 -23.87
N SER I 30 42.87 11.48 -23.10
CA SER I 30 42.64 10.18 -23.77
C SER I 30 41.20 9.70 -23.77
N GLY I 31 40.38 10.13 -22.81
CA GLY I 31 39.01 9.65 -22.72
C GLY I 31 38.88 8.37 -21.89
N PHE I 32 40.02 7.82 -21.53
CA PHE I 32 40.09 6.62 -20.74
C PHE I 32 40.68 6.91 -19.39
N SER I 33 40.35 6.07 -18.44
CA SER I 33 40.86 6.13 -17.09
C SER I 33 41.06 4.71 -16.62
N THR I 34 41.80 4.51 -15.53
CA THR I 34 41.95 3.16 -14.95
C THR I 34 40.61 2.80 -14.25
N ALA I 35 40.34 1.50 -14.04
CA ALA I 35 39.12 1.10 -13.34
C ALA I 35 39.09 1.58 -11.86
N SER I 36 40.25 2.06 -11.34
CA SER I 36 40.44 2.63 -10.00
C SER I 36 40.21 4.16 -10.00
N GLY I 37 39.85 4.71 -11.15
CA GLY I 37 39.55 6.14 -11.25
C GLY I 37 40.67 7.09 -11.62
N LYS I 38 41.85 6.58 -11.91
CA LYS I 38 42.97 7.44 -12.28
C LYS I 38 42.90 7.75 -13.76
N LYS J 1 16.36 9.09 -8.38
CA LYS J 1 16.77 8.94 -9.77
C LYS J 1 15.55 9.07 -10.66
N LEU J 2 15.72 9.73 -11.80
CA LEU J 2 14.62 9.94 -12.72
C LEU J 2 14.70 9.09 -13.96
N ASN J 3 13.59 8.46 -14.30
CA ASN J 3 13.54 7.63 -15.52
C ASN J 3 12.82 8.40 -16.61
N VAL J 4 13.04 8.01 -17.86
CA VAL J 4 12.44 8.61 -19.05
C VAL J 4 12.00 7.48 -20.00
N SER J 5 10.91 7.70 -20.74
CA SER J 5 10.42 6.67 -21.64
C SER J 5 11.21 6.58 -22.93
N THR J 6 11.21 5.40 -23.52
CA THR J 6 11.87 5.16 -24.80
C THR J 6 11.22 5.99 -25.90
N GLU J 7 9.90 6.09 -25.85
CA GLU J 7 9.13 6.84 -26.83
C GLU J 7 9.55 8.30 -26.82
N ALA J 8 9.73 8.85 -25.63
CA ALA J 8 10.18 10.24 -25.47
C ALA J 8 11.60 10.44 -25.99
N LEU J 9 12.48 9.47 -25.73
CA LEU J 9 13.86 9.57 -26.16
C LEU J 9 13.98 9.65 -27.68
N GLN J 10 13.16 8.87 -28.37
CA GLN J 10 13.15 8.89 -29.82
C GLN J 10 12.70 10.26 -30.33
N LYS J 11 11.71 10.85 -29.67
CA LYS J 11 11.22 12.17 -30.05
C LYS J 11 12.29 13.23 -29.82
N ALA J 12 13.18 12.98 -28.87
CA ALA J 12 14.25 13.89 -28.57
C ALA J 12 15.28 13.90 -29.71
N VAL J 13 15.62 12.72 -30.20
CA VAL J 13 16.58 12.61 -31.30
C VAL J 13 16.03 13.24 -32.58
N LYS J 14 14.73 13.10 -32.81
CA LYS J 14 14.08 13.67 -33.98
C LYS J 14 14.18 15.20 -33.99
N LEU J 15 14.01 15.78 -32.81
CA LEU J 15 14.05 17.23 -32.65
C LEU J 15 15.41 17.82 -33.04
N PHE J 16 16.47 17.09 -32.75
CA PHE J 16 17.81 17.54 -33.05
C PHE J 16 18.34 16.97 -34.38
N SER J 17 17.54 16.13 -35.03
CA SER J 17 17.95 15.49 -36.28
C SER J 17 18.40 16.46 -37.38
N ASP J 18 17.71 17.58 -37.54
CA ASP J 18 18.09 18.53 -38.57
C ASP J 18 19.31 19.37 -38.13
N SER J 26 10.28 -0.18 -21.40
CA SER J 26 9.77 1.09 -21.93
C SER J 26 10.41 2.30 -21.25
N SER J 27 10.98 2.11 -20.06
CA SER J 27 11.64 3.14 -19.27
C SER J 27 13.14 2.88 -19.11
N ALA J 28 13.92 3.96 -19.00
CA ALA J 28 15.36 3.91 -18.83
C ALA J 28 15.78 5.08 -17.96
N PHE J 29 16.88 4.92 -17.20
CA PHE J 29 17.43 6.00 -16.36
C PHE J 29 17.79 7.16 -17.28
N SER J 30 17.33 8.38 -16.94
CA SER J 30 17.57 9.59 -17.73
C SER J 30 18.99 10.19 -17.54
N GLY J 31 19.68 9.72 -16.50
CA GLY J 31 20.98 10.26 -16.17
C GLY J 31 20.82 11.42 -15.19
N PHE J 32 19.59 11.86 -15.03
CA PHE J 32 19.25 12.95 -14.12
C PHE J 32 18.56 12.41 -12.88
N SER J 33 18.82 13.05 -11.75
CA SER J 33 18.17 12.69 -10.51
C SER J 33 17.77 13.99 -9.80
N THR J 34 16.83 13.92 -8.88
CA THR J 34 16.43 15.13 -8.19
C THR J 34 17.50 15.55 -7.18
N ALA J 35 17.41 16.78 -6.69
CA ALA J 35 18.37 17.26 -5.71
C ALA J 35 18.30 16.43 -4.42
N SER J 36 17.11 16.02 -4.02
CA SER J 36 16.95 15.15 -2.87
C SER J 36 17.50 13.73 -3.15
N GLY J 37 18.01 13.47 -4.36
CA GLY J 37 18.61 12.18 -4.66
C GLY J 37 17.82 11.09 -5.39
N LYS J 38 16.56 11.34 -5.69
CA LYS J 38 15.74 10.36 -6.39
C LYS J 38 16.15 10.30 -7.86
N LYS K 1 16.11 10.68 -0.38
CA LYS K 1 16.32 10.83 1.06
C LYS K 1 15.00 10.87 1.81
N LEU K 2 14.95 10.23 2.97
CA LEU K 2 13.73 10.16 3.75
C LEU K 2 13.83 10.98 5.01
N ASN K 3 12.72 11.62 5.36
CA ASN K 3 12.65 12.44 6.57
C ASN K 3 11.82 11.72 7.60
N VAL K 4 12.06 12.02 8.87
CA VAL K 4 11.32 11.40 9.96
C VAL K 4 10.85 12.49 10.93
N SER K 5 9.58 12.44 11.31
CA SER K 5 9.01 13.43 12.20
C SER K 5 9.51 13.33 13.64
N THR K 6 9.50 14.45 14.33
CA THR K 6 9.94 14.53 15.73
C THR K 6 9.07 13.70 16.66
N GLU K 7 7.76 13.71 16.43
CA GLU K 7 6.84 12.94 17.27
C GLU K 7 7.25 11.49 17.36
N ALA K 28 12.70 16.36 9.31
CA ALA K 28 14.16 16.29 9.38
C ALA K 28 14.70 14.93 8.89
N PHE K 29 15.91 14.91 8.29
CA PHE K 29 16.56 13.71 7.76
C PHE K 29 16.68 12.58 8.80
N SER K 30 16.42 11.33 8.34
CA SER K 30 16.44 10.12 9.17
C SER K 30 17.71 9.31 8.99
N GLY K 31 18.62 9.77 8.14
CA GLY K 31 19.84 9.04 7.81
C GLY K 31 19.60 7.97 6.75
N PHE K 32 18.33 7.73 6.47
CA PHE K 32 17.90 6.75 5.49
C PHE K 32 17.40 7.35 4.18
N SER K 33 17.57 6.55 3.14
CA SER K 33 17.10 6.88 1.81
C SER K 33 16.47 5.61 1.23
N THR K 34 15.68 5.75 0.18
CA THR K 34 15.08 4.57 -0.44
C THR K 34 16.10 3.96 -1.39
N ALA K 35 15.81 2.77 -1.90
CA ALA K 35 16.71 2.11 -2.85
C ALA K 35 16.91 2.94 -4.14
N SER K 36 15.85 3.62 -4.58
CA SER K 36 15.86 4.50 -5.74
C SER K 36 16.62 5.80 -5.46
N GLY K 37 17.14 5.92 -4.24
CA GLY K 37 17.94 7.06 -3.82
C GLY K 37 17.35 8.32 -3.19
N LYS K 38 16.04 8.41 -3.07
CA LYS K 38 15.46 9.60 -2.46
C LYS K 38 15.65 9.57 -0.95
N LYS L 1 -16.01 -28.88 -27.54
CA LYS L 1 -14.58 -29.14 -27.32
C LYS L 1 -13.78 -28.56 -28.48
N LEU L 2 -12.66 -27.91 -28.16
CA LEU L 2 -11.83 -27.31 -29.19
C LEU L 2 -10.51 -28.04 -29.40
N ASN L 3 -10.20 -28.27 -30.67
CA ASN L 3 -8.99 -28.96 -31.07
C ASN L 3 -7.91 -28.01 -31.50
N VAL L 4 -6.69 -28.52 -31.56
CA VAL L 4 -5.54 -27.74 -31.99
C VAL L 4 -4.57 -28.70 -32.66
N SER L 5 -4.03 -28.31 -33.81
CA SER L 5 -3.10 -29.14 -34.54
C SER L 5 -1.80 -29.32 -33.77
N THR L 6 -1.20 -30.51 -33.92
CA THR L 6 0.05 -30.82 -33.24
C THR L 6 1.20 -29.90 -33.69
N GLU L 7 1.20 -29.56 -34.98
CA GLU L 7 2.23 -28.68 -35.52
C GLU L 7 2.19 -27.32 -34.85
N ALA L 8 0.99 -26.80 -34.61
CA ALA L 8 0.82 -25.52 -33.94
C ALA L 8 1.37 -25.60 -32.51
N LEU L 9 1.12 -26.73 -31.85
CA LEU L 9 1.60 -26.97 -30.50
C LEU L 9 3.11 -27.03 -30.47
N GLN L 10 3.68 -27.73 -31.45
CA GLN L 10 5.13 -27.88 -31.58
C GLN L 10 5.78 -26.51 -31.72
N LYS L 11 5.12 -25.60 -32.42
CA LYS L 11 5.64 -24.26 -32.61
C LYS L 11 5.53 -23.49 -31.30
N ALA L 12 4.43 -23.72 -30.59
CA ALA L 12 4.20 -23.06 -29.32
C ALA L 12 5.27 -23.42 -28.29
N VAL L 13 5.63 -24.70 -28.22
CA VAL L 13 6.68 -25.12 -27.28
C VAL L 13 8.02 -24.48 -27.65
N LYS L 14 8.29 -24.41 -28.95
CA LYS L 14 9.51 -23.79 -29.48
C LYS L 14 9.53 -22.31 -29.14
N LEU L 15 8.37 -21.68 -29.23
CA LEU L 15 8.20 -20.27 -28.92
C LEU L 15 8.53 -19.99 -27.46
N PHE L 16 8.11 -20.90 -26.58
CA PHE L 16 8.34 -20.78 -25.15
C PHE L 16 9.58 -21.51 -24.64
N SER L 17 10.37 -22.10 -25.54
CA SER L 17 11.54 -22.85 -25.13
C SER L 17 12.60 -22.05 -24.36
N ASP L 18 12.85 -20.81 -24.76
CA ASP L 18 13.84 -20.00 -24.07
C ASP L 18 13.30 -19.46 -22.76
N SER L 26 -3.98 -35.60 -36.45
CA SER L 26 -3.15 -34.41 -36.56
C SER L 26 -3.61 -33.33 -35.60
N SER L 27 -4.79 -33.52 -35.03
CA SER L 27 -5.37 -32.59 -34.07
C SER L 27 -5.57 -33.23 -32.70
N ALA L 28 -5.26 -32.47 -31.66
CA ALA L 28 -5.39 -32.94 -30.28
C ALA L 28 -6.34 -32.02 -29.51
N PHE L 29 -7.04 -32.54 -28.47
CA PHE L 29 -7.94 -31.72 -27.65
C PHE L 29 -7.10 -30.68 -26.92
N SER L 30 -7.50 -29.41 -27.04
CA SER L 30 -6.75 -28.28 -26.49
C SER L 30 -6.82 -28.09 -24.98
N GLY L 31 -7.81 -28.68 -24.34
CA GLY L 31 -8.03 -28.48 -22.92
C GLY L 31 -9.16 -27.46 -22.82
N PHE L 32 -9.14 -26.49 -23.74
CA PHE L 32 -10.15 -25.44 -23.85
C PHE L 32 -11.43 -25.92 -24.53
N SER L 33 -12.53 -25.28 -24.18
CA SER L 33 -13.84 -25.58 -24.76
C SER L 33 -14.63 -24.29 -24.92
N THR L 34 -15.59 -24.26 -25.84
CA THR L 34 -16.41 -23.07 -26.01
C THR L 34 -17.32 -22.89 -24.81
N ALA L 35 -17.65 -21.64 -24.50
CA ALA L 35 -18.52 -21.33 -23.37
C ALA L 35 -19.84 -22.09 -23.42
N SER L 36 -20.17 -22.61 -24.60
CA SER L 36 -21.41 -23.37 -24.81
C SER L 36 -21.19 -24.89 -24.74
N GLY L 37 -19.96 -25.31 -24.45
CA GLY L 37 -19.67 -26.72 -24.30
C GLY L 37 -18.92 -27.46 -25.38
N LYS L 38 -18.74 -26.86 -26.56
CA LYS L 38 -18.04 -27.54 -27.63
C LYS L 38 -16.55 -27.68 -27.34
N LYS M 1 -16.84 49.41 14.29
CA LYS M 1 -15.40 49.69 14.34
C LYS M 1 -14.83 49.11 15.62
N LEU M 2 -13.66 48.44 15.54
CA LEU M 2 -13.01 47.83 16.69
C LEU M 2 -11.78 48.61 17.11
N ASN M 3 -11.60 48.78 18.43
CA ASN M 3 -10.48 49.53 18.98
C ASN M 3 -9.52 48.62 19.71
N VAL M 4 -8.25 49.06 19.79
CA VAL M 4 -7.19 48.38 20.48
C VAL M 4 -6.42 49.39 21.34
N SER M 5 -6.08 49.00 22.56
CA SER M 5 -5.41 49.90 23.49
C SER M 5 -3.94 50.16 23.20
N THR M 6 -3.43 51.24 23.80
CA THR M 6 -2.05 51.64 23.65
C THR M 6 -1.13 50.59 24.24
N GLU M 7 -1.53 50.03 25.37
CA GLU M 7 -0.75 49.00 26.05
C GLU M 7 -0.60 47.78 25.17
N ALA M 8 -1.69 47.41 24.49
CA ALA M 8 -1.69 46.26 23.58
C ALA M 8 -0.76 46.45 22.39
N LEU M 9 -0.76 47.65 21.81
CA LEU M 9 0.07 47.94 20.65
C LEU M 9 1.55 47.79 20.96
N GLN M 10 1.94 48.27 22.14
CA GLN M 10 3.33 48.20 22.55
C GLN M 10 3.79 46.74 22.68
N LYS M 11 2.92 45.88 23.16
CA LYS M 11 3.27 44.49 23.31
C LYS M 11 3.49 43.82 21.95
N ALA M 12 2.71 44.20 20.95
CA ALA M 12 2.85 43.62 19.61
C ALA M 12 4.19 43.94 18.95
N VAL M 13 4.64 45.19 19.06
CA VAL M 13 5.92 45.59 18.47
C VAL M 13 7.11 44.87 19.10
N LYS M 14 7.01 44.65 20.41
CA LYS M 14 8.03 43.95 21.18
C LYS M 14 8.19 42.52 20.67
N LEU M 15 7.07 41.89 20.35
CA LEU M 15 7.06 40.51 19.87
C LEU M 15 7.72 40.38 18.50
N PHE M 16 7.53 41.38 17.65
CA PHE M 16 8.10 41.38 16.31
C PHE M 16 9.44 42.11 16.20
N SER M 17 10.01 42.48 17.33
CA SER M 17 11.26 43.22 17.35
C SER M 17 12.40 42.46 16.67
N ASP M 18 12.48 41.16 16.87
CA ASP M 18 13.51 40.35 16.25
C ASP M 18 13.16 40.02 14.81
N SER M 27 -7.62 53.99 23.95
CA SER M 27 -7.60 53.00 22.87
C SER M 27 -7.96 53.63 21.53
N ALA M 28 -7.06 53.49 20.55
CA ALA M 28 -7.22 54.00 19.19
C ALA M 28 -7.79 52.93 18.25
N PHE M 29 -8.17 53.32 17.02
CA PHE M 29 -8.71 52.43 15.99
C PHE M 29 -7.68 51.35 15.61
N SER M 30 -8.14 50.11 15.49
CA SER M 30 -7.29 48.97 15.16
C SER M 30 -7.16 48.71 13.65
N GLY M 31 -8.02 49.35 12.86
CA GLY M 31 -8.07 49.17 11.41
C GLY M 31 -9.13 48.14 11.03
N PHE M 32 -9.41 47.23 11.96
CA PHE M 32 -10.39 46.14 11.86
C PHE M 32 -11.76 46.61 12.38
N SER M 33 -12.79 46.00 11.85
CA SER M 33 -14.16 46.27 12.25
C SER M 33 -14.90 44.95 12.19
N THR M 34 -15.94 44.77 13.02
CA THR M 34 -16.72 43.53 13.07
C THR M 34 -17.42 43.31 11.73
N ALA M 35 -17.86 42.07 11.45
CA ALA M 35 -18.56 41.74 10.20
C ALA M 35 -19.96 42.40 10.16
N SER M 36 -20.48 42.80 11.33
CA SER M 36 -21.75 43.52 11.44
C SER M 36 -21.55 45.00 11.00
N GLY M 37 -20.33 45.52 11.17
CA GLY M 37 -19.95 46.88 10.78
C GLY M 37 -19.42 47.77 11.89
N LYS M 38 -19.34 47.25 13.13
CA LYS M 38 -18.85 48.01 14.29
C LYS M 38 -17.33 48.16 14.27
N LYS N 1 -13.46 2.31 39.26
CA LYS N 1 -13.64 2.79 37.90
C LYS N 1 -12.38 2.58 37.07
N LEU N 2 -12.46 1.68 36.11
CA LEU N 2 -11.35 1.37 35.23
C LEU N 2 -11.11 2.52 34.29
N ASN N 3 -9.86 2.66 33.85
CA ASN N 3 -9.51 3.73 32.93
C ASN N 3 -8.77 3.22 31.71
N VAL N 4 -8.61 4.10 30.73
CA VAL N 4 -7.92 3.74 29.51
C VAL N 4 -7.24 4.93 28.87
N GLY N 31 -16.50 4.68 32.01
CA GLY N 31 -17.33 3.84 31.14
C GLY N 31 -17.32 2.39 31.58
N PHE N 32 -16.15 1.90 31.96
CA PHE N 32 -15.99 0.53 32.41
C PHE N 32 -15.56 0.54 33.86
N SER N 33 -16.20 -0.29 34.68
CA SER N 33 -15.88 -0.37 36.08
C SER N 33 -15.71 -1.80 36.53
N THR N 34 -14.95 -1.98 37.61
CA THR N 34 -14.70 -3.29 38.19
C THR N 34 -15.96 -3.81 38.85
N ALA N 35 -16.11 -5.13 38.89
CA ALA N 35 -17.27 -5.77 39.51
C ALA N 35 -17.42 -5.38 40.98
N SER N 36 -16.39 -4.76 41.51
CA SER N 36 -16.31 -4.26 42.88
C SER N 36 -16.61 -2.74 42.95
N GLY N 37 -16.78 -2.12 41.80
CA GLY N 37 -17.07 -0.69 41.78
C GLY N 37 -15.94 0.25 41.43
N LYS N 38 -14.70 -0.25 41.35
CA LYS N 38 -13.59 0.63 41.00
C LYS N 38 -13.77 1.06 39.56
N LYS O 1 -24.82 -31.71 -1.86
CA LYS O 1 -23.47 -31.14 -1.99
C LYS O 1 -22.65 -31.14 -0.69
N LEU O 2 -21.59 -31.95 -0.68
CA LEU O 2 -20.73 -32.05 0.50
C LEU O 2 -19.75 -30.90 0.65
N ASN O 3 -19.43 -30.57 1.90
CA ASN O 3 -18.50 -29.50 2.22
C ASN O 3 -17.42 -30.02 3.16
N VAL O 4 -16.21 -29.50 3.02
CA VAL O 4 -15.10 -29.92 3.87
C VAL O 4 -14.28 -28.70 4.28
N SER O 5 -13.47 -28.88 5.33
CA SER O 5 -12.62 -27.81 5.83
C SER O 5 -11.25 -28.33 6.23
N PHE O 29 -17.09 -26.26 -0.57
CA PHE O 29 -17.43 -27.33 -1.50
C PHE O 29 -16.18 -28.14 -1.81
N SER O 30 -16.25 -29.45 -1.59
CA SER O 30 -15.09 -30.26 -1.84
C SER O 30 -15.06 -30.76 -3.27
N GLY O 31 -16.15 -30.53 -4.01
CA GLY O 31 -16.25 -31.01 -5.37
C GLY O 31 -17.02 -32.30 -5.34
N PHE O 32 -17.34 -32.81 -4.15
CA PHE O 32 -18.04 -34.05 -3.98
C PHE O 32 -19.43 -33.79 -3.48
N SER O 33 -20.35 -34.60 -3.98
CA SER O 33 -21.75 -34.56 -3.60
C SER O 33 -22.16 -35.99 -3.34
N THR O 34 -23.21 -36.21 -2.53
CA THR O 34 -23.72 -37.55 -2.30
C THR O 34 -24.41 -38.05 -3.59
N ALA O 35 -24.55 -39.38 -3.72
CA ALA O 35 -25.21 -39.99 -4.87
C ALA O 35 -26.72 -39.62 -4.92
N SER O 36 -27.25 -39.08 -3.80
CA SER O 36 -28.62 -38.60 -3.64
C SER O 36 -28.75 -37.09 -3.97
N GLY O 37 -27.64 -36.47 -4.40
CA GLY O 37 -27.57 -35.07 -4.84
C GLY O 37 -27.25 -34.00 -3.82
N LYS O 38 -26.84 -34.38 -2.60
CA LYS O 38 -26.51 -33.39 -1.58
C LYS O 38 -25.06 -33.00 -1.67
PB ADP P . 24.63 -10.41 -20.45
O1B ADP P . 25.74 -9.44 -20.54
O2B ADP P . 24.66 -11.52 -21.43
O3B ADP P . 23.33 -9.73 -20.29
PA ADP P . 25.68 -10.69 -17.79
O1A ADP P . 27.10 -11.01 -18.04
O2A ADP P . 25.37 -9.28 -17.47
O3A ADP P . 24.87 -11.21 -19.06
O5' ADP P . 25.11 -11.61 -16.62
C5' ADP P . 25.32 -13.01 -16.63
C4' ADP P . 24.91 -13.66 -15.31
O4' ADP P . 25.92 -13.44 -14.32
C3' ADP P . 23.60 -13.19 -14.70
O3' ADP P . 22.75 -14.33 -14.61
C2' ADP P . 23.97 -12.69 -13.31
O2' ADP P . 23.02 -13.07 -12.31
C1' ADP P . 25.30 -13.37 -13.05
N9 ADP P . 26.14 -12.63 -12.08
C8 ADP P . 26.26 -11.30 -11.95
N7 ADP P . 27.11 -10.99 -10.96
C5 ADP P . 27.54 -12.14 -10.43
C6 ADP P . 28.46 -12.55 -9.35
N6 ADP P . 29.10 -11.62 -8.60
N1 ADP P . 28.63 -13.87 -9.12
C2 ADP P . 28.00 -14.79 -9.85
N3 ADP P . 27.16 -14.50 -10.84
C4 ADP P . 26.90 -13.22 -11.17
MG MG Q . 25.67 -7.23 -20.73
PB ADP R . 32.40 31.13 -9.90
O1B ADP R . 32.22 32.28 -10.83
O2B ADP R . 31.46 29.98 -10.12
O3B ADP R . 33.83 30.70 -9.73
PA ADP R . 31.01 30.96 -7.46
O1A ADP R . 29.62 30.93 -8.03
O2A ADP R . 31.65 29.72 -6.93
O3A ADP R . 31.99 31.71 -8.48
O5' ADP R . 31.03 32.07 -6.31
C5' ADP R . 31.88 31.87 -5.20
C4' ADP R . 31.86 33.12 -4.35
O4' ADP R . 30.65 33.16 -3.59
C3' ADP R . 33.01 33.09 -3.37
O3' ADP R . 33.57 34.40 -3.31
C2' ADP R . 32.37 32.71 -2.05
O2' ADP R . 33.03 33.35 -0.95
C1' ADP R . 30.93 33.17 -2.20
N9 ADP R . 30.01 32.25 -1.50
C8 ADP R . 29.90 30.94 -1.71
N7 ADP R . 28.96 30.39 -0.90
C5 ADP R . 28.46 31.38 -0.15
C6 ADP R . 27.45 31.51 0.91
N6 ADP R . 26.76 30.42 1.34
N1 ADP R . 27.24 32.73 1.44
C2 ADP R . 27.91 33.80 1.02
N3 ADP R . 28.85 33.77 0.06
C4 ADP R . 29.16 32.61 -0.55
MG MG S . 31.75 27.81 -10.60
PB ADP T . 28.73 -12.95 2.31
O1B ADP T . 30.15 -12.54 2.21
O2B ADP T . 27.77 -11.85 2.55
O3B ADP T . 28.47 -14.14 3.14
PA ADP T . 27.56 -12.62 -0.26
O1A ADP T . 28.34 -11.39 -0.59
O2A ADP T . 26.13 -12.45 0.10
O3A ADP T . 28.33 -13.48 0.85
O5' ADP T . 27.64 -13.66 -1.44
C5' ADP T . 28.66 -13.62 -2.41
C4' ADP T . 28.40 -14.76 -3.37
O4' ADP T . 27.20 -14.51 -4.08
C3' ADP T . 29.52 -14.89 -4.38
O3' ADP T . 29.94 -16.24 -4.39
C2' ADP T . 28.89 -14.50 -5.70
O2' ADP T . 29.37 -15.30 -6.77
C1' ADP T . 27.39 -14.68 -5.47
N9 ADP T . 26.66 -13.66 -6.24
C8 ADP T . 26.77 -12.34 -6.09
N7 ADP T . 25.98 -11.69 -6.96
C5 ADP T . 25.36 -12.60 -7.69
C6 ADP T . 24.38 -12.60 -8.80
N6 ADP T . 23.92 -11.43 -9.28
N1 ADP T . 23.97 -13.78 -9.29
C2 ADP T . 24.43 -14.94 -8.80
N3 ADP T . 25.32 -15.02 -7.80
C4 ADP T . 25.81 -13.91 -7.23
MG MG U . 28.40 -9.75 2.84
PB ADP V . -14.45 -9.55 -7.81
O1B ADP V . -13.58 -8.35 -7.66
O2B ADP V . -14.11 -10.44 -8.96
O3B ADP V . -14.66 -10.34 -6.55
PA ADP V . -16.98 -9.56 -9.15
O1A ADP V . -16.53 -9.36 -10.56
O2A ADP V . -17.33 -10.93 -8.68
O3A ADP V . -15.88 -8.90 -8.18
O5' ADP V . -18.18 -8.56 -8.89
C5' ADP V . -19.22 -8.90 -8.00
C4' ADP V . -20.14 -7.70 -7.82
O4' ADP V . -20.95 -7.54 -8.99
C3' ADP V . -21.07 -7.87 -6.63
O3' ADP V . -21.00 -6.71 -5.81
C2' ADP V . -22.45 -8.06 -7.23
O2' ADP V . -23.46 -7.39 -6.47
C1' ADP V . -22.33 -7.52 -8.65
N9 ADP V . -23.10 -8.35 -9.61
C8 ADP V . -22.96 -9.67 -9.80
N7 ADP V . -23.81 -10.10 -10.74
C5 ADP V . -24.51 -9.04 -11.18
C6 ADP V . -25.58 -8.80 -12.17
N6 ADP V . -26.09 -9.81 -12.91
N1 ADP V . -26.04 -7.55 -12.31
C2 ADP V . -25.55 -6.52 -11.58
N3 ADP V . -24.58 -6.68 -10.66
C4 ADP V . -24.04 -7.89 -10.42
MG MG W . -13.71 -12.61 -9.08
PB ADP X . -11.70 30.31 -4.41
O1B ADP X . -11.37 31.15 -5.61
O2B ADP X . -11.04 28.98 -4.36
O3B ADP X . -11.64 31.05 -3.13
PA ADP X . -14.40 30.36 -3.52
O1A ADP X . -14.84 31.77 -3.79
O2A ADP X . -13.85 30.00 -2.17
O3A ADP X . -13.27 30.01 -4.61
O5' ADP X . -15.59 29.37 -3.86
C5' ADP X . -16.17 29.38 -5.16
C4' ADP X . -17.11 28.20 -5.36
O4' ADP X . -18.03 28.13 -4.28
C3' ADP X . -17.92 28.34 -6.63
O3' ADP X . -17.78 27.14 -7.41
C2' ADP X . -19.36 28.56 -6.20
O2' ADP X . -20.29 27.80 -6.96
C1' ADP X . -19.38 28.15 -4.74
N9 ADP X . -20.15 29.10 -3.91
C8 ADP X . -19.90 30.41 -3.74
N7 ADP X . -20.82 30.96 -2.90
C5 ADP X . -21.66 29.99 -2.52
C6 ADP X . -22.85 29.89 -1.65
N6 ADP X . -23.33 30.96 -0.99
N1 ADP X . -23.43 28.68 -1.52
C2 ADP X . -22.97 27.60 -2.17
N3 ADP X . -21.90 27.62 -2.97
C4 ADP X . -21.22 28.76 -3.18
MG MG Y . -11.27 33.02 -3.33
PB ADP Z . -30.76 -16.93 30.70
O1B ADP Z . -29.76 -15.80 30.78
O2B ADP Z . -32.18 -16.46 30.87
O3B ADP Z . -30.55 -17.90 29.58
PA ADP Z . -29.78 -17.51 33.32
O1A ADP Z . -28.30 -17.48 33.10
O2A ADP Z . -30.46 -16.31 33.90
O3A ADP Z . -30.49 -17.91 31.93
O5' ADP Z . -30.18 -18.83 34.13
C5' ADP Z . -31.25 -18.85 35.06
C4' ADP Z . -31.24 -20.22 35.73
O4' ADP Z . -30.12 -20.30 36.61
C3' ADP Z . -32.50 -20.47 36.56
O3' ADP Z . -33.09 -21.69 36.10
C2' ADP Z . -32.02 -20.60 37.99
O2' ADP Z . -32.63 -21.69 38.69
C1' ADP Z . -30.51 -20.80 37.88
N9 ADP Z . -29.81 -20.05 38.95
C8 ADP Z . -29.89 -18.73 39.18
N7 ADP Z . -29.13 -18.37 40.24
C5 ADP Z . -28.54 -19.48 40.71
C6 ADP Z . -27.61 -19.81 41.80
N6 ADP Z . -27.15 -18.84 42.63
N1 ADP Z . -27.23 -21.10 41.95
C2 ADP Z . -27.69 -22.07 41.13
N3 ADP Z . -28.53 -21.84 40.11
C4 ADP Z . -28.98 -20.59 39.86
MG MG AA . -29.82 -13.64 30.79
PB ADP BA . -16.85 -51.88 -18.34
O1B ADP BA . -16.93 -51.20 -19.67
O2B ADP BA . -16.88 -50.89 -17.21
O3B ADP BA . -15.81 -52.95 -18.20
PA ADP BA . -19.46 -52.14 -17.29
O1A ADP BA . -19.98 -50.81 -17.76
O2A ADP BA . -18.92 -52.28 -15.90
O3A ADP BA . -18.27 -52.64 -18.25
O5' ADP BA . -20.61 -53.21 -17.54
C5' ADP BA . -20.99 -53.56 -18.86
C4' ADP BA . -22.00 -54.70 -18.83
O4' ADP BA . -22.83 -54.63 -17.68
C3' ADP BA . -22.92 -54.66 -20.05
O3' ADP BA . -22.72 -55.85 -20.83
C2' ADP BA . -24.33 -54.61 -19.47
O2' ADP BA . -25.24 -55.49 -20.14
C1' ADP BA . -24.14 -55.05 -18.03
N9 ADP BA . -25.16 -54.44 -17.15
C8 ADP BA . -25.18 -53.19 -16.67
N7 ADP BA . -26.27 -52.98 -15.90
C5 ADP BA . -26.98 -54.12 -15.88
C6 ADP BA . -28.24 -54.59 -15.27
N6 ADP BA . -28.98 -53.79 -14.49
N1 ADP BA . -28.63 -55.86 -15.51
C2 ADP BA . -27.90 -56.68 -16.29
N3 ADP BA . -26.74 -56.33 -16.87
C4 ADP BA . -26.25 -55.08 -16.72
MG MG CA . -17.18 -49.05 -17.59
PB ADP DA . -25.59 28.12 37.81
O1B ADP DA . -25.01 29.32 37.11
O2B ADP DA . -24.77 26.88 37.83
O3B ADP DA . -26.98 27.74 37.42
PA ADP DA . -26.55 27.66 40.40
O1A ADP DA . -28.00 27.96 40.16
O2A ADP DA . -26.12 26.22 40.35
O3A ADP DA . -25.74 28.57 39.34
O5' ADP DA . -26.09 28.31 41.81
C5' ADP DA . -26.66 29.54 42.23
C4' ADP DA . -26.26 29.97 43.65
O4' ADP DA . -27.29 29.62 44.57
C3' ADP DA . -24.96 29.37 44.16
O3' ADP DA . -23.98 30.41 44.23
C2' ADP DA . -25.28 28.82 45.54
O2' ADP DA . -24.42 29.32 46.59
C1' ADP DA . -26.72 29.21 45.83
N9 ADP DA . -27.48 28.08 46.38
C8 ADP DA . -27.31 26.78 46.07
N7 ADP DA . -28.16 26.00 46.77
C5 ADP DA . -28.90 26.80 47.57
C6 ADP DA . -29.98 26.63 48.56
N6 ADP DA . -30.47 25.41 48.86
N1 ADP DA . -30.46 27.74 49.15
C2 ADP DA . -29.99 28.97 48.87
N3 ADP DA . -29.01 29.20 47.97
C4 ADP DA . -28.44 28.18 47.31
MG MG EA . -25.55 24.85 37.40
#